data_1WGY
#
_entry.id   1WGY
#
_entity_poly.entity_id   1
_entity_poly.type   'polypeptide(L)'
_entity_poly.pdbx_seq_one_letter_code
;GSSGSSGEEIFCHVYITEHSYVSVKAKVSSIAQEILKVVAEKIQYAEEDLALVAITFSGEKHELQPNDLVISKSLEASGR
IYVYRKDLADTLNPFAENSGPSSG
;
_entity_poly.pdbx_strand_id   A
#
# COMPACT_ATOMS: atom_id res chain seq x y z
N GLY A 1 -16.04 -1.14 16.65
CA GLY A 1 -16.78 -0.61 15.51
C GLY A 1 -16.75 0.92 15.51
N SER A 2 -16.63 1.47 14.32
CA SER A 2 -16.59 2.92 14.17
C SER A 2 -15.29 3.48 14.78
N SER A 3 -14.88 4.63 14.27
CA SER A 3 -13.67 5.26 14.76
C SER A 3 -13.62 6.71 14.25
N GLY A 4 -13.95 7.63 15.14
CA GLY A 4 -13.93 9.04 14.80
C GLY A 4 -12.50 9.54 14.57
N SER A 5 -12.36 10.37 13.55
CA SER A 5 -11.06 10.92 13.20
C SER A 5 -10.78 12.16 14.05
N SER A 6 -9.67 12.10 14.77
CA SER A 6 -9.26 13.21 15.62
C SER A 6 -7.79 13.05 16.02
N GLY A 7 -7.01 14.07 15.69
CA GLY A 7 -5.59 14.06 16.00
C GLY A 7 -4.86 12.98 15.21
N GLU A 8 -3.56 12.90 15.44
CA GLU A 8 -2.74 11.91 14.76
C GLU A 8 -3.24 11.68 13.34
N GLU A 9 -3.61 12.79 12.70
CA GLU A 9 -4.11 12.74 11.33
C GLU A 9 -2.96 12.63 10.34
N ILE A 10 -2.96 11.54 9.58
CA ILE A 10 -1.91 11.31 8.59
C ILE A 10 -2.51 10.55 7.41
N PHE A 11 -1.65 10.32 6.42
CA PHE A 11 -2.08 9.60 5.23
C PHE A 11 -1.04 8.54 4.83
N CYS A 12 -1.53 7.48 4.20
CA CYS A 12 -0.66 6.40 3.77
C CYS A 12 -0.61 6.41 2.24
N HIS A 13 0.60 6.49 1.71
CA HIS A 13 0.80 6.51 0.28
C HIS A 13 0.92 5.08 -0.24
N VAL A 14 0.01 4.73 -1.14
CA VAL A 14 0.00 3.40 -1.71
C VAL A 14 0.11 3.51 -3.24
N TYR A 15 1.29 3.16 -3.73
CA TYR A 15 1.56 3.22 -5.16
C TYR A 15 1.00 1.98 -5.87
N ILE A 16 0.13 2.22 -6.83
CA ILE A 16 -0.47 1.13 -7.58
C ILE A 16 0.49 0.69 -8.69
N THR A 17 0.85 1.65 -9.54
CA THR A 17 1.75 1.38 -10.64
C THR A 17 3.07 2.13 -10.44
N GLU A 18 3.58 2.68 -11.53
CA GLU A 18 4.84 3.41 -11.49
C GLU A 18 4.57 4.89 -11.19
N HIS A 19 3.46 5.37 -11.73
CA HIS A 19 3.09 6.77 -11.54
C HIS A 19 1.62 6.84 -11.09
N SER A 20 1.24 5.88 -10.27
CA SER A 20 -0.12 5.83 -9.76
C SER A 20 -0.12 5.43 -8.28
N TYR A 21 -1.06 6.00 -7.55
CA TYR A 21 -1.17 5.72 -6.13
C TYR A 21 -2.58 6.06 -5.62
N VAL A 22 -2.76 5.86 -4.31
CA VAL A 22 -4.04 6.14 -3.69
C VAL A 22 -3.81 6.71 -2.29
N SER A 23 -4.35 7.89 -2.07
CA SER A 23 -4.21 8.55 -0.78
C SER A 23 -5.18 7.94 0.23
N VAL A 24 -4.60 7.39 1.29
CA VAL A 24 -5.39 6.77 2.34
C VAL A 24 -5.16 7.50 3.66
N LYS A 25 -6.25 7.86 4.31
CA LYS A 25 -6.18 8.56 5.57
C LYS A 25 -6.33 7.56 6.72
N ALA A 26 -5.20 7.19 7.30
CA ALA A 26 -5.20 6.24 8.39
C ALA A 26 -4.49 6.88 9.60
N LYS A 27 -4.44 6.12 10.68
CA LYS A 27 -3.81 6.59 11.90
C LYS A 27 -2.29 6.59 11.71
N VAL A 28 -1.60 7.09 12.73
CA VAL A 28 -0.15 7.14 12.69
C VAL A 28 0.43 5.78 13.05
N SER A 29 -0.45 4.91 13.54
CA SER A 29 -0.04 3.57 13.93
C SER A 29 -1.04 2.54 13.40
N SER A 30 -1.61 2.86 12.24
CA SER A 30 -2.58 1.98 11.62
C SER A 30 -1.86 0.89 10.83
N ILE A 31 -2.39 -0.33 10.93
CA ILE A 31 -1.81 -1.46 10.23
C ILE A 31 -2.00 -1.28 8.72
N ALA A 32 -1.25 -2.06 7.96
CA ALA A 32 -1.32 -2.00 6.52
C ALA A 32 -2.75 -2.36 6.07
N GLN A 33 -3.29 -3.40 6.69
CA GLN A 33 -4.63 -3.85 6.37
C GLN A 33 -5.60 -2.67 6.35
N GLU A 34 -5.43 -1.80 7.34
CA GLU A 34 -6.29 -0.63 7.46
C GLU A 34 -6.20 0.21 6.18
N ILE A 35 -5.12 0.00 5.44
CA ILE A 35 -4.91 0.73 4.20
C ILE A 35 -5.38 -0.13 3.02
N LEU A 36 -4.96 -1.39 3.05
CA LEU A 36 -5.33 -2.32 1.99
C LEU A 36 -6.85 -2.36 1.86
N LYS A 37 -7.51 -2.39 3.01
CA LYS A 37 -8.96 -2.44 3.05
C LYS A 37 -9.52 -1.18 2.37
N VAL A 38 -8.75 -0.11 2.47
CA VAL A 38 -9.15 1.16 1.88
C VAL A 38 -8.79 1.17 0.39
N VAL A 39 -7.50 0.95 0.13
CA VAL A 39 -7.01 0.94 -1.24
C VAL A 39 -7.85 -0.04 -2.06
N ALA A 40 -7.95 -1.26 -1.55
CA ALA A 40 -8.72 -2.30 -2.23
C ALA A 40 -9.97 -1.67 -2.85
N GLU A 41 -10.65 -0.87 -2.05
CA GLU A 41 -11.86 -0.20 -2.51
C GLU A 41 -11.51 0.92 -3.49
N LYS A 42 -10.48 1.68 -3.14
CA LYS A 42 -10.03 2.78 -3.98
C LYS A 42 -9.62 2.23 -5.35
N ILE A 43 -9.40 0.93 -5.39
CA ILE A 43 -9.01 0.27 -6.63
C ILE A 43 -10.14 -0.64 -7.10
N GLN A 44 -11.06 -0.91 -6.18
CA GLN A 44 -12.19 -1.77 -6.49
C GLN A 44 -11.74 -3.22 -6.58
N TYR A 45 -11.20 -3.72 -5.47
CA TYR A 45 -10.73 -5.09 -5.41
C TYR A 45 -11.00 -5.70 -4.04
N ALA A 46 -10.30 -6.78 -3.76
CA ALA A 46 -10.45 -7.48 -2.49
C ALA A 46 -9.13 -7.40 -1.71
N GLU A 47 -9.15 -6.59 -0.66
CA GLU A 47 -7.96 -6.43 0.17
C GLU A 47 -7.35 -7.79 0.49
N GLU A 48 -8.22 -8.74 0.79
CA GLU A 48 -7.78 -10.09 1.12
C GLU A 48 -7.01 -10.70 -0.06
N ASP A 49 -7.38 -10.25 -1.25
CA ASP A 49 -6.74 -10.75 -2.47
C ASP A 49 -5.57 -9.84 -2.82
N LEU A 50 -5.43 -8.77 -2.04
CA LEU A 50 -4.35 -7.83 -2.27
C LEU A 50 -3.31 -7.97 -1.16
N ALA A 51 -2.25 -7.20 -1.29
CA ALA A 51 -1.18 -7.22 -0.29
C ALA A 51 -0.31 -5.97 -0.46
N LEU A 52 0.23 -5.51 0.66
CA LEU A 52 1.07 -4.33 0.68
C LEU A 52 2.51 -4.74 0.30
N VAL A 53 2.95 -4.22 -0.83
CA VAL A 53 4.30 -4.52 -1.29
C VAL A 53 5.21 -3.33 -0.99
N ALA A 54 6.15 -3.56 -0.07
CA ALA A 54 7.09 -2.52 0.31
C ALA A 54 8.36 -2.66 -0.53
N ILE A 55 8.64 -1.59 -1.27
CA ILE A 55 9.82 -1.57 -2.13
C ILE A 55 10.79 -0.49 -1.63
N THR A 56 12.06 -0.68 -1.95
CA THR A 56 13.08 0.26 -1.54
C THR A 56 13.58 1.06 -2.74
N PHE A 57 14.48 1.99 -2.47
CA PHE A 57 15.04 2.82 -3.51
C PHE A 57 15.74 1.97 -4.58
N SER A 58 16.69 1.18 -4.13
CA SER A 58 17.44 0.32 -5.03
C SER A 58 16.49 -0.33 -6.05
N GLY A 59 15.36 -0.80 -5.53
CA GLY A 59 14.36 -1.44 -6.38
C GLY A 59 14.25 -2.93 -6.06
N GLU A 60 13.55 -3.21 -4.96
CA GLU A 60 13.36 -4.58 -4.53
C GLU A 60 11.96 -4.76 -3.94
N LYS A 61 11.21 -5.69 -4.52
CA LYS A 61 9.86 -5.97 -4.05
C LYS A 61 9.93 -6.68 -2.70
N HIS A 62 8.98 -6.34 -1.85
CA HIS A 62 8.92 -6.94 -0.53
C HIS A 62 7.47 -6.96 -0.04
N GLU A 63 7.12 -8.05 0.64
CA GLU A 63 5.77 -8.22 1.15
C GLU A 63 5.81 -8.34 2.68
N LEU A 64 4.74 -7.84 3.30
CA LEU A 64 4.64 -7.88 4.75
C LEU A 64 3.30 -8.51 5.13
N GLN A 65 2.87 -8.21 6.35
CA GLN A 65 1.61 -8.74 6.85
C GLN A 65 0.54 -7.64 6.87
N PRO A 66 -0.74 -8.09 6.98
CA PRO A 66 -1.85 -7.16 7.00
C PRO A 66 -1.96 -6.47 8.36
N ASN A 67 -1.09 -6.89 9.27
CA ASN A 67 -1.08 -6.33 10.61
C ASN A 67 0.18 -5.46 10.77
N ASP A 68 1.01 -5.48 9.75
CA ASP A 68 2.24 -4.72 9.76
C ASP A 68 1.92 -3.24 9.57
N LEU A 69 2.60 -2.41 10.33
CA LEU A 69 2.40 -0.97 10.25
C LEU A 69 2.69 -0.49 8.83
N VAL A 70 2.09 0.64 8.49
CA VAL A 70 2.28 1.21 7.16
C VAL A 70 3.10 2.50 7.28
N ILE A 71 2.78 3.27 8.30
CA ILE A 71 3.48 4.53 8.53
C ILE A 71 4.27 4.44 9.83
N SER A 72 5.33 3.64 9.78
CA SER A 72 6.18 3.45 10.95
C SER A 72 7.53 4.15 10.73
N LYS A 73 8.18 3.77 9.64
CA LYS A 73 9.48 4.34 9.31
C LYS A 73 10.42 4.19 10.51
N SER A 74 11.00 3.00 10.60
CA SER A 74 11.94 2.71 11.69
C SER A 74 13.32 3.25 11.35
N LEU A 75 13.82 2.81 10.20
CA LEU A 75 15.14 3.24 9.75
C LEU A 75 15.28 2.96 8.26
N GLU A 76 14.75 3.89 7.47
CA GLU A 76 14.80 3.75 6.02
C GLU A 76 14.53 5.10 5.35
N ALA A 77 15.59 5.66 4.79
CA ALA A 77 15.49 6.94 4.12
C ALA A 77 14.58 6.81 2.90
N SER A 78 13.39 7.39 3.02
CA SER A 78 12.42 7.34 1.94
C SER A 78 11.87 5.93 1.80
N GLY A 79 10.69 5.84 1.20
CA GLY A 79 10.06 4.55 1.00
C GLY A 79 8.68 4.71 0.36
N ARG A 80 8.29 3.70 -0.41
CA ARG A 80 7.00 3.73 -1.08
C ARG A 80 6.39 2.32 -1.13
N ILE A 81 5.22 2.20 -0.53
CA ILE A 81 4.54 0.92 -0.49
C ILE A 81 3.69 0.77 -1.76
N TYR A 82 3.37 -0.48 -2.06
CA TYR A 82 2.57 -0.78 -3.24
C TYR A 82 1.53 -1.86 -2.93
N VAL A 83 0.73 -2.16 -3.94
CA VAL A 83 -0.31 -3.16 -3.79
C VAL A 83 -0.34 -4.05 -5.05
N TYR A 84 -0.27 -5.35 -4.81
CA TYR A 84 -0.28 -6.31 -5.90
C TYR A 84 -1.50 -7.24 -5.80
N ARG A 85 -1.82 -7.85 -6.92
CA ARG A 85 -2.95 -8.76 -6.98
C ARG A 85 -2.50 -10.20 -6.73
N LYS A 86 -3.11 -10.83 -5.73
CA LYS A 86 -2.77 -12.19 -5.38
C LYS A 86 -3.14 -13.12 -6.55
N ASP A 87 -2.10 -13.68 -7.15
CA ASP A 87 -2.29 -14.57 -8.28
C ASP A 87 -2.23 -16.03 -7.78
N LEU A 88 -2.10 -16.95 -8.73
CA LEU A 88 -2.04 -18.35 -8.41
C LEU A 88 -0.58 -18.79 -8.31
N ALA A 89 0.30 -17.79 -8.34
CA ALA A 89 1.73 -18.05 -8.26
C ALA A 89 2.32 -17.27 -7.08
N ASP A 90 3.28 -17.90 -6.42
CA ASP A 90 3.92 -17.27 -5.27
C ASP A 90 4.15 -15.78 -5.57
N THR A 91 4.56 -15.52 -6.80
CA THR A 91 4.81 -14.15 -7.23
C THR A 91 3.55 -13.29 -7.06
N LEU A 92 3.74 -11.99 -7.19
CA LEU A 92 2.63 -11.06 -7.06
C LEU A 92 2.45 -10.30 -8.37
N ASN A 93 3.55 -9.73 -8.84
CA ASN A 93 3.51 -8.97 -10.08
C ASN A 93 2.56 -7.78 -9.93
N PRO A 94 2.97 -6.63 -10.53
CA PRO A 94 2.17 -5.42 -10.46
C PRO A 94 0.97 -5.51 -11.41
N PHE A 95 0.35 -4.37 -11.63
CA PHE A 95 -0.81 -4.30 -12.51
C PHE A 95 -0.45 -3.65 -13.85
N ALA A 96 -1.47 -3.46 -14.67
CA ALA A 96 -1.27 -2.86 -15.98
C ALA A 96 -1.99 -1.51 -16.02
N GLU A 97 -3.28 -1.55 -15.72
CA GLU A 97 -4.09 -0.34 -15.72
C GLU A 97 -5.50 -0.65 -15.22
N ASN A 98 -6.17 -1.55 -15.93
CA ASN A 98 -7.52 -1.95 -15.57
C ASN A 98 -8.31 -0.70 -15.15
N SER A 99 -8.89 -0.05 -16.14
CA SER A 99 -9.67 1.15 -15.90
C SER A 99 -10.24 1.68 -17.22
N GLY A 100 -11.18 2.61 -17.10
CA GLY A 100 -11.80 3.21 -18.26
C GLY A 100 -11.55 4.71 -18.31
N PRO A 101 -12.16 5.37 -19.34
CA PRO A 101 -12.02 6.80 -19.50
C PRO A 101 -12.85 7.56 -18.48
N SER A 102 -12.44 8.80 -18.23
CA SER A 102 -13.14 9.64 -17.27
C SER A 102 -13.03 11.11 -17.69
N SER A 103 -14.08 11.85 -17.40
CA SER A 103 -14.11 13.27 -17.75
C SER A 103 -13.47 13.50 -19.11
N GLY A 104 -14.30 13.43 -20.14
CA GLY A 104 -13.82 13.63 -21.50
C GLY A 104 -13.00 12.42 -21.97
N GLY A 1 2.97 -0.10 24.79
CA GLY A 1 2.01 0.93 24.42
C GLY A 1 1.31 1.50 25.65
N SER A 2 1.51 2.80 25.86
CA SER A 2 0.91 3.47 27.00
C SER A 2 0.44 4.87 26.59
N SER A 3 1.39 5.66 26.11
CA SER A 3 1.09 7.02 25.68
C SER A 3 0.33 6.99 24.35
N GLY A 4 -0.64 7.88 24.24
CA GLY A 4 -1.45 7.97 23.04
C GLY A 4 -2.77 8.70 23.31
N SER A 5 -3.78 8.34 22.53
CA SER A 5 -5.08 8.96 22.67
C SER A 5 -5.00 10.45 22.36
N SER A 6 -4.84 10.74 21.07
CA SER A 6 -4.74 12.12 20.63
C SER A 6 -4.80 12.18 19.09
N GLY A 7 -4.66 13.39 18.58
CA GLY A 7 -4.69 13.59 17.14
C GLY A 7 -3.80 12.57 16.42
N GLU A 8 -4.29 12.11 15.28
CA GLU A 8 -3.55 11.14 14.49
C GLU A 8 -3.65 11.48 13.00
N GLU A 9 -3.14 12.65 12.66
CA GLU A 9 -3.17 13.11 11.28
C GLU A 9 -1.98 12.53 10.51
N ILE A 10 -2.30 11.67 9.55
CA ILE A 10 -1.27 11.04 8.74
C ILE A 10 -1.92 10.38 7.52
N PHE A 11 -1.10 10.15 6.51
CA PHE A 11 -1.58 9.53 5.28
C PHE A 11 -0.68 8.37 4.86
N CYS A 12 -1.31 7.33 4.33
CA CYS A 12 -0.58 6.16 3.89
C CYS A 12 -0.57 6.14 2.35
N HIS A 13 0.56 6.53 1.80
CA HIS A 13 0.71 6.57 0.35
C HIS A 13 0.84 5.14 -0.19
N VAL A 14 -0.12 4.78 -1.03
CA VAL A 14 -0.14 3.46 -1.63
C VAL A 14 -0.04 3.58 -3.14
N TYR A 15 1.16 3.31 -3.65
CA TYR A 15 1.40 3.39 -5.08
C TYR A 15 0.84 2.16 -5.80
N ILE A 16 0.05 2.42 -6.82
CA ILE A 16 -0.56 1.35 -7.60
C ILE A 16 0.40 0.95 -8.72
N THR A 17 0.79 1.94 -9.51
CA THR A 17 1.69 1.70 -10.63
C THR A 17 3.00 2.46 -10.42
N GLU A 18 3.49 3.02 -11.52
CA GLU A 18 4.74 3.78 -11.47
C GLU A 18 4.45 5.24 -11.06
N HIS A 19 3.40 5.78 -11.63
CA HIS A 19 3.01 7.15 -11.34
C HIS A 19 1.55 7.20 -10.89
N SER A 20 1.16 6.15 -10.18
CA SER A 20 -0.20 6.05 -9.69
C SER A 20 -0.20 5.62 -8.22
N TYR A 21 -1.15 6.18 -7.47
CA TYR A 21 -1.27 5.86 -6.06
C TYR A 21 -2.66 6.19 -5.54
N VAL A 22 -2.85 5.97 -4.25
CA VAL A 22 -4.14 6.23 -3.62
C VAL A 22 -3.89 6.76 -2.19
N SER A 23 -4.42 7.94 -1.94
CA SER A 23 -4.28 8.57 -0.64
C SER A 23 -5.20 7.88 0.36
N VAL A 24 -4.62 7.48 1.49
CA VAL A 24 -5.39 6.81 2.53
C VAL A 24 -5.09 7.49 3.88
N LYS A 25 -6.15 7.95 4.51
CA LYS A 25 -6.01 8.62 5.79
C LYS A 25 -6.18 7.59 6.92
N ALA A 26 -5.05 7.13 7.44
CA ALA A 26 -5.07 6.15 8.51
C ALA A 26 -4.54 6.80 9.80
N LYS A 27 -4.50 6.00 10.84
CA LYS A 27 -4.02 6.47 12.13
C LYS A 27 -2.49 6.43 12.16
N VAL A 28 -1.93 6.91 13.26
CA VAL A 28 -0.49 6.93 13.41
C VAL A 28 0.01 5.51 13.69
N SER A 29 -0.92 4.66 14.12
CA SER A 29 -0.59 3.29 14.42
C SER A 29 -1.44 2.34 13.56
N SER A 30 -2.02 2.92 12.52
CA SER A 30 -2.86 2.15 11.61
C SER A 30 -2.03 1.05 10.94
N ILE A 31 -2.66 -0.09 10.73
CA ILE A 31 -2.00 -1.22 10.10
C ILE A 31 -2.16 -1.12 8.58
N ALA A 32 -1.35 -1.88 7.88
CA ALA A 32 -1.39 -1.89 6.42
C ALA A 32 -2.79 -2.27 5.96
N GLN A 33 -3.36 -3.24 6.65
CA GLN A 33 -4.71 -3.70 6.33
C GLN A 33 -5.68 -2.53 6.29
N GLU A 34 -5.52 -1.64 7.25
CA GLU A 34 -6.38 -0.47 7.34
C GLU A 34 -6.28 0.37 6.06
N ILE A 35 -5.25 0.08 5.29
CA ILE A 35 -5.03 0.79 4.03
C ILE A 35 -5.45 -0.10 2.86
N LEU A 36 -4.99 -1.35 2.90
CA LEU A 36 -5.32 -2.30 1.86
C LEU A 36 -6.84 -2.44 1.76
N LYS A 37 -7.48 -2.43 2.92
CA LYS A 37 -8.93 -2.56 2.97
C LYS A 37 -9.57 -1.33 2.30
N VAL A 38 -8.86 -0.22 2.39
CA VAL A 38 -9.34 1.03 1.78
C VAL A 38 -8.94 1.06 0.31
N VAL A 39 -7.66 0.85 0.07
CA VAL A 39 -7.14 0.85 -1.29
C VAL A 39 -7.93 -0.15 -2.13
N ALA A 40 -8.00 -1.37 -1.64
CA ALA A 40 -8.72 -2.43 -2.33
C ALA A 40 -9.98 -1.85 -2.96
N GLU A 41 -10.69 -1.06 -2.17
CA GLU A 41 -11.92 -0.44 -2.65
C GLU A 41 -11.60 0.68 -3.64
N LYS A 42 -10.58 1.46 -3.30
CA LYS A 42 -10.16 2.56 -4.14
C LYS A 42 -9.73 2.02 -5.51
N ILE A 43 -9.45 0.73 -5.53
CA ILE A 43 -9.03 0.07 -6.76
C ILE A 43 -10.13 -0.89 -7.22
N GLN A 44 -11.07 -1.15 -6.33
CA GLN A 44 -12.17 -2.04 -6.63
C GLN A 44 -11.68 -3.49 -6.70
N TYR A 45 -11.14 -3.95 -5.58
CA TYR A 45 -10.63 -5.31 -5.50
C TYR A 45 -10.89 -5.90 -4.12
N ALA A 46 -10.18 -6.99 -3.84
CA ALA A 46 -10.31 -7.67 -2.56
C ALA A 46 -9.00 -7.55 -1.77
N GLU A 47 -9.03 -6.71 -0.76
CA GLU A 47 -7.85 -6.49 0.07
C GLU A 47 -7.20 -7.85 0.42
N GLU A 48 -8.06 -8.81 0.72
CA GLU A 48 -7.58 -10.14 1.08
C GLU A 48 -6.79 -10.75 -0.09
N ASP A 49 -7.22 -10.40 -1.29
CA ASP A 49 -6.56 -10.90 -2.49
C ASP A 49 -5.40 -9.97 -2.86
N LEU A 50 -5.29 -8.89 -2.11
CA LEU A 50 -4.24 -7.92 -2.35
C LEU A 50 -3.19 -8.02 -1.22
N ALA A 51 -2.18 -7.18 -1.32
CA ALA A 51 -1.12 -7.17 -0.33
C ALA A 51 -0.29 -5.90 -0.50
N LEU A 52 0.24 -5.42 0.62
CA LEU A 52 1.06 -4.22 0.61
C LEU A 52 2.49 -4.58 0.25
N VAL A 53 2.92 -4.09 -0.91
CA VAL A 53 4.26 -4.36 -1.39
C VAL A 53 5.15 -3.14 -1.10
N ALA A 54 6.15 -3.37 -0.26
CA ALA A 54 7.06 -2.31 0.12
C ALA A 54 8.39 -2.50 -0.63
N ILE A 55 8.61 -1.64 -1.62
CA ILE A 55 9.82 -1.71 -2.41
C ILE A 55 10.93 -0.92 -1.72
N THR A 56 12.16 -1.25 -2.06
CA THR A 56 13.31 -0.59 -1.48
C THR A 56 13.97 0.35 -2.50
N PHE A 57 14.85 1.19 -2.00
CA PHE A 57 15.55 2.14 -2.85
C PHE A 57 16.12 1.45 -4.09
N SER A 58 17.00 0.49 -3.84
CA SER A 58 17.62 -0.25 -4.93
C SER A 58 16.60 -0.54 -6.02
N GLY A 59 15.63 -1.38 -5.67
CA GLY A 59 14.58 -1.75 -6.61
C GLY A 59 14.18 -3.21 -6.44
N GLU A 60 13.49 -3.49 -5.34
CA GLU A 60 13.05 -4.84 -5.06
C GLU A 60 11.76 -4.82 -4.23
N LYS A 61 10.78 -5.57 -4.70
CA LYS A 61 9.50 -5.64 -4.02
C LYS A 61 9.65 -6.44 -2.73
N HIS A 62 8.82 -6.10 -1.76
CA HIS A 62 8.85 -6.77 -0.47
C HIS A 62 7.45 -6.76 0.15
N GLU A 63 6.93 -7.95 0.37
CA GLU A 63 5.61 -8.09 0.96
C GLU A 63 5.72 -8.21 2.48
N LEU A 64 4.68 -7.72 3.16
CA LEU A 64 4.65 -7.77 4.62
C LEU A 64 3.32 -8.36 5.07
N GLN A 65 2.98 -8.08 6.32
CA GLN A 65 1.73 -8.57 6.89
C GLN A 65 0.69 -7.45 6.92
N PRO A 66 -0.60 -7.87 7.11
CA PRO A 66 -1.70 -6.92 7.16
C PRO A 66 -1.70 -6.17 8.49
N ASN A 67 -0.77 -6.54 9.36
CA ASN A 67 -0.66 -5.90 10.65
C ASN A 67 0.82 -5.64 10.97
N ASP A 68 1.51 -5.12 9.97
CA ASP A 68 2.93 -4.82 10.12
C ASP A 68 3.10 -3.35 10.49
N LEU A 69 2.01 -2.61 10.32
CA LEU A 69 2.03 -1.19 10.63
C LEU A 69 2.55 -0.41 9.42
N VAL A 70 1.79 0.60 9.02
CA VAL A 70 2.17 1.42 7.88
C VAL A 70 2.65 2.79 8.39
N ILE A 71 3.47 2.75 9.42
CA ILE A 71 4.00 3.97 10.00
C ILE A 71 4.88 3.62 11.20
N SER A 72 5.80 2.70 10.96
CA SER A 72 6.71 2.26 12.01
C SER A 72 7.66 1.20 11.46
N LYS A 73 8.87 1.64 11.14
CA LYS A 73 9.88 0.75 10.61
C LYS A 73 11.27 1.25 11.00
N SER A 74 11.40 1.58 12.28
CA SER A 74 12.66 2.07 12.79
C SER A 74 13.30 3.03 11.78
N LEU A 75 12.46 3.85 11.17
CA LEU A 75 12.93 4.81 10.19
C LEU A 75 11.86 5.88 9.98
N GLU A 76 10.65 5.41 9.72
CA GLU A 76 9.53 6.31 9.49
C GLU A 76 9.76 7.15 8.24
N ALA A 77 8.66 7.61 7.65
CA ALA A 77 8.74 8.41 6.44
C ALA A 77 9.59 7.68 5.40
N SER A 78 9.70 8.31 4.24
CA SER A 78 10.49 7.74 3.16
C SER A 78 9.88 6.41 2.72
N GLY A 79 10.32 5.95 1.57
CA GLY A 79 9.83 4.69 1.02
C GLY A 79 8.50 4.89 0.30
N ARG A 80 8.11 3.87 -0.44
CA ARG A 80 6.85 3.92 -1.19
C ARG A 80 6.19 2.53 -1.20
N ILE A 81 5.08 2.44 -0.50
CA ILE A 81 4.34 1.19 -0.42
C ILE A 81 3.54 0.99 -1.71
N TYR A 82 3.24 -0.27 -2.00
CA TYR A 82 2.49 -0.59 -3.19
C TYR A 82 1.46 -1.69 -2.89
N VAL A 83 0.67 -2.02 -3.92
CA VAL A 83 -0.35 -3.04 -3.79
C VAL A 83 -0.30 -3.95 -5.01
N TYR A 84 -0.36 -5.25 -4.74
CA TYR A 84 -0.34 -6.24 -5.82
C TYR A 84 -1.49 -7.21 -5.69
N ARG A 85 -1.67 -8.01 -6.73
CA ARG A 85 -2.74 -9.00 -6.74
C ARG A 85 -2.21 -10.37 -6.32
N LYS A 86 -2.99 -11.04 -5.49
CA LYS A 86 -2.62 -12.35 -5.00
C LYS A 86 -3.49 -13.42 -5.67
N ASP A 87 -2.85 -14.43 -6.20
CA ASP A 87 -3.55 -15.51 -6.87
C ASP A 87 -2.55 -16.61 -7.25
N LEU A 88 -3.09 -17.68 -7.81
CA LEU A 88 -2.26 -18.80 -8.23
C LEU A 88 -0.98 -18.27 -8.89
N ALA A 89 0.08 -18.26 -8.10
CA ALA A 89 1.36 -17.78 -8.59
C ALA A 89 2.26 -17.44 -7.39
N ASP A 90 1.62 -17.09 -6.29
CA ASP A 90 2.35 -16.74 -5.08
C ASP A 90 3.01 -15.38 -5.26
N THR A 91 3.87 -15.30 -6.27
CA THR A 91 4.57 -14.06 -6.56
C THR A 91 3.58 -12.90 -6.70
N LEU A 92 4.14 -11.72 -6.90
CA LEU A 92 3.31 -10.53 -7.04
C LEU A 92 3.82 -9.71 -8.23
N ASN A 93 2.90 -9.43 -9.15
CA ASN A 93 3.23 -8.66 -10.33
C ASN A 93 2.63 -7.26 -10.22
N PRO A 94 3.30 -6.28 -10.87
CA PRO A 94 2.85 -4.90 -10.84
C PRO A 94 1.62 -4.71 -11.75
N PHE A 95 0.83 -3.71 -11.40
CA PHE A 95 -0.37 -3.41 -12.17
C PHE A 95 -0.03 -2.65 -13.45
N ALA A 96 -1.07 -2.30 -14.19
CA ALA A 96 -0.89 -1.57 -15.43
C ALA A 96 0.26 -2.18 -16.22
N GLU A 97 -0.03 -3.32 -16.84
CA GLU A 97 0.96 -4.02 -17.63
C GLU A 97 0.79 -3.70 -19.11
N ASN A 98 1.09 -2.46 -19.47
CA ASN A 98 0.98 -2.01 -20.84
C ASN A 98 2.20 -1.18 -21.21
N SER A 99 2.44 -0.15 -20.41
CA SER A 99 3.58 0.73 -20.65
C SER A 99 4.72 0.38 -19.68
N GLY A 100 5.92 0.80 -20.07
CA GLY A 100 7.09 0.53 -19.26
C GLY A 100 8.12 -0.29 -20.03
N PRO A 101 9.37 -0.29 -19.51
CA PRO A 101 10.46 -1.04 -20.13
C PRO A 101 10.32 -2.54 -19.88
N SER A 102 11.26 -3.28 -20.41
CA SER A 102 11.26 -4.73 -20.25
C SER A 102 12.29 -5.14 -19.19
N SER A 103 11.90 -6.09 -18.37
CA SER A 103 12.78 -6.60 -17.32
C SER A 103 14.08 -7.13 -17.93
N GLY A 104 15.18 -6.77 -17.29
CA GLY A 104 16.49 -7.20 -17.77
C GLY A 104 17.52 -7.17 -16.64
N GLY A 1 -2.94 -0.17 16.82
CA GLY A 1 -3.13 0.12 18.23
C GLY A 1 -3.41 1.61 18.45
N SER A 2 -4.67 1.97 18.28
CA SER A 2 -5.10 3.35 18.45
C SER A 2 -5.33 3.64 19.94
N SER A 3 -4.87 4.81 20.36
CA SER A 3 -5.03 5.22 21.75
C SER A 3 -6.17 6.23 21.86
N GLY A 4 -6.03 7.33 21.13
CA GLY A 4 -7.03 8.38 21.14
C GLY A 4 -7.09 9.08 19.79
N SER A 5 -8.09 8.70 19.01
CA SER A 5 -8.27 9.29 17.70
C SER A 5 -8.56 10.79 17.82
N SER A 6 -7.51 11.58 17.64
CA SER A 6 -7.63 13.03 17.73
C SER A 6 -6.37 13.69 17.19
N GLY A 7 -5.24 13.36 17.80
CA GLY A 7 -3.97 13.92 17.38
C GLY A 7 -3.06 12.83 16.80
N GLU A 8 -3.32 12.51 15.54
CA GLU A 8 -2.53 11.50 14.85
C GLU A 8 -2.85 11.51 13.36
N GLU A 9 -2.79 12.70 12.77
CA GLU A 9 -3.07 12.86 11.36
C GLU A 9 -1.90 12.32 10.52
N ILE A 10 -2.23 11.42 9.61
CA ILE A 10 -1.22 10.83 8.76
C ILE A 10 -1.91 10.15 7.57
N PHE A 11 -1.17 10.07 6.46
CA PHE A 11 -1.69 9.45 5.26
C PHE A 11 -0.79 8.30 4.79
N CYS A 12 -1.39 7.39 4.05
CA CYS A 12 -0.65 6.24 3.54
C CYS A 12 -0.78 6.23 2.01
N HIS A 13 0.33 6.46 1.35
CA HIS A 13 0.36 6.48 -0.10
C HIS A 13 0.56 5.06 -0.63
N VAL A 14 -0.40 4.61 -1.42
CA VAL A 14 -0.34 3.28 -1.99
C VAL A 14 -0.20 3.38 -3.51
N TYR A 15 1.03 3.25 -3.97
CA TYR A 15 1.31 3.32 -5.40
C TYR A 15 0.83 2.07 -6.12
N ILE A 16 -0.28 2.22 -6.83
CA ILE A 16 -0.86 1.11 -7.57
C ILE A 16 0.14 0.65 -8.65
N THR A 17 0.47 1.59 -9.53
CA THR A 17 1.40 1.31 -10.61
C THR A 17 2.68 2.14 -10.45
N GLU A 18 3.15 2.63 -11.58
CA GLU A 18 4.36 3.45 -11.58
C GLU A 18 3.99 4.93 -11.51
N HIS A 19 2.88 5.26 -12.15
CA HIS A 19 2.41 6.64 -12.16
C HIS A 19 0.99 6.71 -11.59
N SER A 20 0.73 5.81 -10.65
CA SER A 20 -0.57 5.77 -10.02
C SER A 20 -0.42 5.50 -8.52
N TYR A 21 -1.30 6.10 -7.74
CA TYR A 21 -1.28 5.94 -6.30
C TYR A 21 -2.62 6.29 -5.68
N VAL A 22 -2.70 6.13 -4.37
CA VAL A 22 -3.93 6.43 -3.65
C VAL A 22 -3.58 7.10 -2.31
N SER A 23 -4.37 8.10 -1.96
CA SER A 23 -4.16 8.81 -0.71
C SER A 23 -5.06 8.25 0.38
N VAL A 24 -4.48 7.34 1.16
CA VAL A 24 -5.22 6.72 2.25
C VAL A 24 -4.90 7.44 3.55
N LYS A 25 -5.89 7.47 4.44
CA LYS A 25 -5.74 8.11 5.72
C LYS A 25 -5.42 7.06 6.80
N ALA A 26 -4.13 6.94 7.10
CA ALA A 26 -3.69 5.98 8.10
C ALA A 26 -3.45 6.71 9.42
N LYS A 27 -3.04 5.94 10.41
CA LYS A 27 -2.77 6.48 11.73
C LYS A 27 -1.30 6.30 12.06
N VAL A 28 -0.92 6.82 13.22
CA VAL A 28 0.47 6.72 13.67
C VAL A 28 0.76 5.27 14.10
N SER A 29 -0.31 4.50 14.22
CA SER A 29 -0.18 3.11 14.61
C SER A 29 -1.26 2.27 13.93
N SER A 30 -1.39 2.48 12.63
CA SER A 30 -2.38 1.75 11.85
C SER A 30 -1.70 0.64 11.04
N ILE A 31 -2.35 -0.50 11.01
CA ILE A 31 -1.82 -1.65 10.27
C ILE A 31 -2.01 -1.42 8.77
N ALA A 32 -1.27 -2.19 8.00
CA ALA A 32 -1.35 -2.09 6.55
C ALA A 32 -2.77 -2.40 6.10
N GLN A 33 -3.34 -3.42 6.71
CA GLN A 33 -4.70 -3.84 6.38
C GLN A 33 -5.63 -2.63 6.37
N GLU A 34 -5.48 -1.79 7.38
CA GLU A 34 -6.30 -0.60 7.50
C GLU A 34 -6.19 0.26 6.22
N ILE A 35 -5.12 0.00 5.48
CA ILE A 35 -4.89 0.74 4.24
C ILE A 35 -5.31 -0.13 3.06
N LEU A 36 -4.86 -1.38 3.08
CA LEU A 36 -5.19 -2.31 2.02
C LEU A 36 -6.71 -2.40 1.88
N LYS A 37 -7.38 -2.40 3.03
CA LYS A 37 -8.83 -2.48 3.04
C LYS A 37 -9.42 -1.24 2.36
N VAL A 38 -8.69 -0.14 2.49
CA VAL A 38 -9.13 1.11 1.89
C VAL A 38 -8.72 1.14 0.42
N VAL A 39 -7.45 0.90 0.18
CA VAL A 39 -6.92 0.89 -1.16
C VAL A 39 -7.73 -0.09 -2.02
N ALA A 40 -7.84 -1.31 -1.52
CA ALA A 40 -8.58 -2.35 -2.22
C ALA A 40 -9.82 -1.72 -2.86
N GLU A 41 -10.52 -0.91 -2.07
CA GLU A 41 -11.72 -0.26 -2.56
C GLU A 41 -11.36 0.85 -3.55
N LYS A 42 -10.33 1.60 -3.20
CA LYS A 42 -9.88 2.70 -4.04
C LYS A 42 -9.48 2.15 -5.41
N ILE A 43 -9.25 0.84 -5.44
CA ILE A 43 -8.85 0.18 -6.66
C ILE A 43 -9.98 -0.75 -7.13
N GLN A 44 -10.88 -1.03 -6.20
CA GLN A 44 -12.01 -1.89 -6.50
C GLN A 44 -11.55 -3.35 -6.60
N TYR A 45 -11.01 -3.84 -5.50
CA TYR A 45 -10.52 -5.21 -5.44
C TYR A 45 -10.81 -5.84 -4.08
N ALA A 46 -10.10 -6.93 -3.80
CA ALA A 46 -10.28 -7.63 -2.54
C ALA A 46 -8.98 -7.53 -1.73
N GLU A 47 -9.01 -6.68 -0.72
CA GLU A 47 -7.87 -6.47 0.14
C GLU A 47 -7.23 -7.82 0.51
N GLU A 48 -8.10 -8.79 0.77
CA GLU A 48 -7.64 -10.11 1.14
C GLU A 48 -6.81 -10.72 0.00
N ASP A 49 -7.22 -10.41 -1.21
CA ASP A 49 -6.52 -10.91 -2.38
C ASP A 49 -5.38 -9.96 -2.75
N LEU A 50 -5.32 -8.86 -2.01
CA LEU A 50 -4.28 -7.86 -2.24
C LEU A 50 -3.27 -7.90 -1.09
N ALA A 51 -2.28 -7.03 -1.18
CA ALA A 51 -1.25 -6.97 -0.17
C ALA A 51 -0.42 -5.70 -0.37
N LEU A 52 0.04 -5.13 0.74
CA LEU A 52 0.84 -3.93 0.69
C LEU A 52 2.30 -4.31 0.43
N VAL A 53 2.78 -3.93 -0.74
CA VAL A 53 4.15 -4.22 -1.13
C VAL A 53 5.00 -2.97 -0.96
N ALA A 54 6.10 -3.13 -0.24
CA ALA A 54 7.00 -2.02 0.01
C ALA A 54 8.27 -2.20 -0.83
N ILE A 55 8.84 -1.06 -1.25
CA ILE A 55 10.05 -1.09 -2.05
C ILE A 55 11.21 -0.52 -1.24
N THR A 56 12.40 -1.01 -1.55
CA THR A 56 13.59 -0.57 -0.85
C THR A 56 14.59 0.02 -1.85
N PHE A 57 15.74 0.43 -1.32
CA PHE A 57 16.77 1.01 -2.15
C PHE A 57 17.09 0.12 -3.35
N SER A 58 17.74 0.71 -4.34
CA SER A 58 18.10 -0.02 -5.54
C SER A 58 16.84 -0.31 -6.37
N GLY A 59 15.97 -1.12 -5.80
CA GLY A 59 14.74 -1.49 -6.46
C GLY A 59 14.34 -2.93 -6.14
N GLU A 60 13.88 -3.13 -4.91
CA GLU A 60 13.47 -4.44 -4.46
C GLU A 60 12.17 -4.34 -3.66
N LYS A 61 11.11 -4.89 -4.25
CA LYS A 61 9.80 -4.87 -3.61
C LYS A 61 9.75 -5.99 -2.56
N HIS A 62 8.91 -5.76 -1.56
CA HIS A 62 8.74 -6.73 -0.49
C HIS A 62 7.26 -6.86 -0.13
N GLU A 63 6.92 -8.00 0.44
CA GLU A 63 5.54 -8.26 0.83
C GLU A 63 5.45 -8.46 2.35
N LEU A 64 4.75 -7.54 2.99
CA LEU A 64 4.58 -7.61 4.44
C LEU A 64 3.26 -8.29 4.76
N GLN A 65 2.77 -8.05 5.97
CA GLN A 65 1.53 -8.64 6.41
C GLN A 65 0.46 -7.56 6.55
N PRO A 66 -0.83 -8.03 6.62
CA PRO A 66 -1.95 -7.12 6.74
C PRO A 66 -2.04 -6.55 8.16
N ASN A 67 -1.13 -7.00 9.01
CA ASN A 67 -1.09 -6.56 10.39
C ASN A 67 0.16 -5.70 10.61
N ASP A 68 1.02 -5.70 9.61
CA ASP A 68 2.25 -4.92 9.67
C ASP A 68 1.92 -3.43 9.62
N LEU A 69 2.46 -2.69 10.59
CA LEU A 69 2.23 -1.27 10.67
C LEU A 69 2.67 -0.62 9.35
N VAL A 70 1.95 0.43 8.97
CA VAL A 70 2.26 1.14 7.75
C VAL A 70 2.87 2.50 8.10
N ILE A 71 3.64 2.51 9.18
CA ILE A 71 4.29 3.73 9.63
C ILE A 71 5.52 3.37 10.46
N SER A 72 6.34 2.50 9.89
CA SER A 72 7.56 2.07 10.57
C SER A 72 8.49 1.37 9.58
N LYS A 73 9.76 1.68 9.69
CA LYS A 73 10.77 1.10 8.81
C LYS A 73 12.09 0.96 9.58
N SER A 74 12.95 0.09 9.04
CA SER A 74 14.24 -0.14 9.66
C SER A 74 14.96 1.19 9.89
N LEU A 75 15.20 1.89 8.80
CA LEU A 75 15.87 3.18 8.86
C LEU A 75 15.85 3.84 7.48
N GLU A 76 14.66 3.85 6.89
CA GLU A 76 14.49 4.45 5.57
C GLU A 76 13.89 5.85 5.69
N ALA A 77 14.10 6.63 4.65
CA ALA A 77 13.59 7.99 4.63
C ALA A 77 12.50 8.10 3.55
N SER A 78 12.95 8.01 2.31
CA SER A 78 12.02 8.11 1.19
C SER A 78 11.49 6.72 0.84
N GLY A 79 10.36 6.71 0.13
CA GLY A 79 9.74 5.47 -0.27
C GLY A 79 8.24 5.47 0.04
N ARG A 80 7.52 4.61 -0.66
CA ARG A 80 6.08 4.51 -0.47
C ARG A 80 5.66 3.04 -0.35
N ILE A 81 4.37 2.81 -0.51
CA ILE A 81 3.83 1.47 -0.43
C ILE A 81 3.05 1.16 -1.72
N TYR A 82 3.03 -0.12 -2.06
CA TYR A 82 2.34 -0.56 -3.25
C TYR A 82 1.28 -1.62 -2.93
N VAL A 83 0.56 -2.03 -3.96
CA VAL A 83 -0.47 -3.04 -3.79
C VAL A 83 -0.44 -4.00 -4.97
N TYR A 84 -0.46 -5.29 -4.66
CA TYR A 84 -0.43 -6.32 -5.69
C TYR A 84 -1.60 -7.29 -5.52
N ARG A 85 -2.03 -7.85 -6.63
CA ARG A 85 -3.13 -8.80 -6.62
C ARG A 85 -2.60 -10.23 -6.50
N LYS A 86 -3.24 -10.99 -5.62
CA LYS A 86 -2.84 -12.37 -5.40
C LYS A 86 -3.54 -13.27 -6.42
N ASP A 87 -2.80 -14.27 -6.89
CA ASP A 87 -3.33 -15.19 -7.86
C ASP A 87 -2.34 -16.35 -8.06
N LEU A 88 -1.28 -16.05 -8.79
CA LEU A 88 -0.25 -17.04 -9.05
C LEU A 88 0.53 -17.32 -7.77
N ALA A 89 0.10 -18.37 -7.08
CA ALA A 89 0.74 -18.76 -5.83
C ALA A 89 0.83 -17.56 -4.91
N ASP A 90 1.94 -17.48 -4.18
CA ASP A 90 2.15 -16.39 -3.25
C ASP A 90 3.01 -15.32 -3.93
N THR A 91 2.85 -15.21 -5.24
CA THR A 91 3.60 -14.25 -6.01
C THR A 91 2.82 -12.93 -6.13
N LEU A 92 3.49 -11.92 -6.65
CA LEU A 92 2.86 -10.62 -6.83
C LEU A 92 3.52 -9.90 -8.01
N ASN A 93 2.68 -9.48 -8.94
CA ASN A 93 3.17 -8.78 -10.12
C ASN A 93 2.54 -7.38 -10.18
N PRO A 94 3.28 -6.44 -10.82
CA PRO A 94 2.81 -5.07 -10.94
C PRO A 94 1.72 -4.97 -12.01
N PHE A 95 0.55 -4.52 -11.55
CA PHE A 95 -0.57 -4.37 -12.45
C PHE A 95 -0.15 -3.79 -13.80
N ALA A 96 0.36 -2.56 -13.75
CA ALA A 96 0.82 -1.90 -14.95
C ALA A 96 2.15 -1.20 -14.66
N GLU A 97 3.22 -1.98 -14.71
CA GLU A 97 4.54 -1.45 -14.46
C GLU A 97 4.88 -0.36 -15.47
N ASN A 98 4.93 -0.75 -16.72
CA ASN A 98 5.25 0.18 -17.79
C ASN A 98 3.94 0.67 -18.44
N SER A 99 3.58 1.90 -18.10
CA SER A 99 2.36 2.48 -18.64
C SER A 99 2.14 3.87 -18.03
N GLY A 100 2.50 4.87 -18.82
CA GLY A 100 2.35 6.26 -18.38
C GLY A 100 2.67 7.24 -19.51
N PRO A 101 2.55 8.55 -19.18
CA PRO A 101 2.83 9.58 -20.16
C PRO A 101 4.33 9.74 -20.40
N SER A 102 5.08 9.68 -19.30
CA SER A 102 6.52 9.81 -19.38
C SER A 102 7.17 8.43 -19.38
N SER A 103 8.43 8.39 -19.81
CA SER A 103 9.17 7.15 -19.86
C SER A 103 8.28 6.04 -20.42
N GLY A 104 8.18 6.00 -21.74
CA GLY A 104 7.36 4.99 -22.41
C GLY A 104 6.64 5.58 -23.61
N GLY A 1 -15.89 3.07 18.01
CA GLY A 1 -15.06 3.10 19.19
C GLY A 1 -15.67 3.97 20.28
N SER A 2 -14.88 4.92 20.76
CA SER A 2 -15.33 5.83 21.79
C SER A 2 -15.62 7.21 21.19
N SER A 3 -16.22 8.07 22.00
CA SER A 3 -16.54 9.41 21.57
C SER A 3 -15.74 10.43 22.38
N GLY A 4 -14.58 10.78 21.87
CA GLY A 4 -13.72 11.73 22.53
C GLY A 4 -13.07 12.69 21.53
N SER A 5 -11.86 13.11 21.84
CA SER A 5 -11.13 14.02 20.97
C SER A 5 -9.65 13.64 20.93
N SER A 6 -9.31 12.82 19.94
CA SER A 6 -7.94 12.37 19.77
C SER A 6 -7.34 12.98 18.51
N GLY A 7 -6.04 13.23 18.57
CA GLY A 7 -5.33 13.82 17.44
C GLY A 7 -4.28 12.85 16.90
N GLU A 8 -4.42 12.53 15.62
CA GLU A 8 -3.50 11.63 14.97
C GLU A 8 -3.90 11.41 13.50
N GLU A 9 -3.92 12.50 12.76
CA GLU A 9 -4.29 12.45 11.35
C GLU A 9 -3.04 12.24 10.49
N ILE A 10 -3.13 11.26 9.60
CA ILE A 10 -2.02 10.95 8.72
C ILE A 10 -2.57 10.28 7.45
N PHE A 11 -1.70 10.15 6.47
CA PHE A 11 -2.06 9.53 5.21
C PHE A 11 -1.01 8.52 4.75
N CYS A 12 -1.48 7.39 4.25
CA CYS A 12 -0.60 6.35 3.78
C CYS A 12 -0.58 6.38 2.26
N HIS A 13 0.62 6.43 1.70
CA HIS A 13 0.79 6.46 0.27
C HIS A 13 0.92 5.04 -0.28
N VAL A 14 -0.12 4.61 -0.97
CA VAL A 14 -0.14 3.27 -1.54
C VAL A 14 -0.08 3.38 -3.06
N TYR A 15 1.10 3.09 -3.61
CA TYR A 15 1.31 3.15 -5.04
C TYR A 15 0.73 1.90 -5.73
N ILE A 16 0.20 2.12 -6.92
CA ILE A 16 -0.39 1.03 -7.68
C ILE A 16 0.54 0.68 -8.85
N THR A 17 0.81 1.69 -9.67
CA THR A 17 1.68 1.50 -10.81
C THR A 17 3.00 2.25 -10.62
N GLU A 18 3.45 2.89 -11.69
CA GLU A 18 4.69 3.65 -11.65
C GLU A 18 4.41 5.10 -11.27
N HIS A 19 3.23 5.57 -11.66
CA HIS A 19 2.84 6.94 -11.38
C HIS A 19 1.38 6.96 -10.90
N SER A 20 1.04 5.98 -10.07
CA SER A 20 -0.31 5.88 -9.54
C SER A 20 -0.26 5.49 -8.06
N TYR A 21 -1.17 6.08 -7.30
CA TYR A 21 -1.24 5.81 -5.88
C TYR A 21 -2.62 6.17 -5.32
N VAL A 22 -2.76 5.98 -4.01
CA VAL A 22 -4.01 6.29 -3.35
C VAL A 22 -3.71 6.88 -1.96
N SER A 23 -4.41 7.98 -1.66
CA SER A 23 -4.23 8.65 -0.38
C SER A 23 -5.20 8.08 0.64
N VAL A 24 -4.67 7.21 1.50
CA VAL A 24 -5.48 6.58 2.53
C VAL A 24 -5.26 7.32 3.85
N LYS A 25 -6.35 7.80 4.42
CA LYS A 25 -6.30 8.52 5.68
C LYS A 25 -6.51 7.54 6.83
N ALA A 26 -5.40 7.12 7.43
CA ALA A 26 -5.46 6.19 8.54
C ALA A 26 -4.88 6.86 9.79
N LYS A 27 -4.87 6.10 10.88
CA LYS A 27 -4.35 6.60 12.14
C LYS A 27 -2.83 6.64 12.08
N VAL A 28 -2.24 7.15 13.15
CA VAL A 28 -0.79 7.24 13.23
C VAL A 28 -0.22 5.89 13.64
N SER A 29 -1.13 4.95 13.90
CA SER A 29 -0.72 3.61 14.30
C SER A 29 -1.60 2.57 13.59
N SER A 30 -2.09 2.96 12.43
CA SER A 30 -2.93 2.07 11.64
C SER A 30 -2.08 1.01 10.96
N ILE A 31 -2.68 -0.17 10.80
CA ILE A 31 -1.98 -1.28 10.17
C ILE A 31 -2.17 -1.20 8.66
N ALA A 32 -1.34 -1.95 7.95
CA ALA A 32 -1.40 -1.97 6.49
C ALA A 32 -2.81 -2.36 6.06
N GLN A 33 -3.37 -3.34 6.76
CA GLN A 33 -4.71 -3.81 6.45
C GLN A 33 -5.70 -2.64 6.45
N GLU A 34 -5.49 -1.74 7.40
CA GLU A 34 -6.36 -0.57 7.52
C GLU A 34 -6.25 0.30 6.28
N ILE A 35 -5.24 0.00 5.46
CA ILE A 35 -5.02 0.75 4.25
C ILE A 35 -5.41 -0.11 3.04
N LEU A 36 -5.00 -1.37 3.10
CA LEU A 36 -5.30 -2.30 2.02
C LEU A 36 -6.81 -2.41 1.85
N LYS A 37 -7.50 -2.42 2.99
CA LYS A 37 -8.95 -2.51 2.99
C LYS A 37 -9.54 -1.30 2.25
N VAL A 38 -8.82 -0.19 2.35
CA VAL A 38 -9.25 1.05 1.71
C VAL A 38 -8.85 1.01 0.24
N VAL A 39 -7.55 0.87 0.02
CA VAL A 39 -7.01 0.82 -1.32
C VAL A 39 -7.85 -0.14 -2.18
N ALA A 40 -7.97 -1.36 -1.68
CA ALA A 40 -8.73 -2.39 -2.38
C ALA A 40 -9.99 -1.76 -2.97
N GLU A 41 -10.62 -0.91 -2.16
CA GLU A 41 -11.84 -0.24 -2.58
C GLU A 41 -11.52 0.85 -3.62
N LYS A 42 -10.45 1.59 -3.33
CA LYS A 42 -10.02 2.66 -4.21
C LYS A 42 -9.77 2.09 -5.61
N ILE A 43 -9.47 0.80 -5.64
CA ILE A 43 -9.20 0.12 -6.90
C ILE A 43 -10.38 -0.79 -7.24
N GLN A 44 -11.17 -1.08 -6.22
CA GLN A 44 -12.34 -1.93 -6.40
C GLN A 44 -11.90 -3.39 -6.54
N TYR A 45 -11.22 -3.87 -5.50
CA TYR A 45 -10.75 -5.24 -5.48
C TYR A 45 -10.98 -5.89 -4.11
N ALA A 46 -10.26 -6.98 -3.88
CA ALA A 46 -10.38 -7.70 -2.63
C ALA A 46 -9.09 -7.55 -1.84
N GLU A 47 -9.13 -6.69 -0.83
CA GLU A 47 -7.97 -6.45 0.00
C GLU A 47 -7.28 -7.77 0.35
N GLU A 48 -8.10 -8.78 0.64
CA GLU A 48 -7.59 -10.09 0.99
C GLU A 48 -6.75 -10.66 -0.16
N ASP A 49 -7.22 -10.39 -1.37
CA ASP A 49 -6.53 -10.85 -2.56
C ASP A 49 -5.35 -9.94 -2.86
N LEU A 50 -5.29 -8.84 -2.12
CA LEU A 50 -4.22 -7.87 -2.30
C LEU A 50 -3.26 -7.96 -1.11
N ALA A 51 -2.19 -7.18 -1.20
CA ALA A 51 -1.19 -7.15 -0.15
C ALA A 51 -0.33 -5.90 -0.30
N LEU A 52 0.02 -5.31 0.83
CA LEU A 52 0.85 -4.12 0.84
C LEU A 52 2.32 -4.52 0.75
N VAL A 53 2.94 -4.16 -0.37
CA VAL A 53 4.34 -4.49 -0.59
C VAL A 53 5.14 -3.18 -0.69
N ALA A 54 6.25 -3.16 0.04
CA ALA A 54 7.12 -2.00 0.04
C ALA A 54 8.40 -2.31 -0.72
N ILE A 55 8.85 -1.33 -1.50
CA ILE A 55 10.06 -1.49 -2.29
C ILE A 55 11.19 -0.70 -1.63
N THR A 56 12.41 -1.16 -1.89
CA THR A 56 13.58 -0.50 -1.34
C THR A 56 14.44 0.07 -2.46
N PHE A 57 15.59 0.61 -2.06
CA PHE A 57 16.52 1.19 -3.02
C PHE A 57 16.82 0.21 -4.15
N SER A 58 17.39 0.75 -5.23
CA SER A 58 17.73 -0.06 -6.38
C SER A 58 16.45 -0.52 -7.09
N GLY A 59 15.69 -1.36 -6.39
CA GLY A 59 14.45 -1.88 -6.93
C GLY A 59 14.22 -3.32 -6.46
N GLU A 60 13.59 -3.44 -5.30
CA GLU A 60 13.30 -4.74 -4.73
C GLU A 60 11.98 -4.69 -3.96
N LYS A 61 11.04 -5.50 -4.42
CA LYS A 61 9.73 -5.57 -3.78
C LYS A 61 9.87 -6.26 -2.42
N HIS A 62 8.96 -5.89 -1.52
CA HIS A 62 8.96 -6.47 -0.19
C HIS A 62 7.54 -6.51 0.36
N GLU A 63 7.01 -7.73 0.46
CA GLU A 63 5.66 -7.92 0.98
C GLU A 63 5.67 -8.02 2.50
N LEU A 64 4.79 -7.26 3.12
CA LEU A 64 4.69 -7.25 4.56
C LEU A 64 3.40 -7.98 4.99
N GLN A 65 2.96 -7.67 6.20
CA GLN A 65 1.76 -8.29 6.73
C GLN A 65 0.62 -7.27 6.79
N PRO A 66 -0.62 -7.79 6.93
CA PRO A 66 -1.80 -6.94 6.99
C PRO A 66 -1.89 -6.25 8.35
N ASN A 67 -0.97 -6.61 9.24
CA ASN A 67 -0.94 -6.04 10.57
C ASN A 67 0.31 -5.16 10.72
N ASP A 68 1.09 -5.11 9.65
CA ASP A 68 2.31 -4.33 9.65
C ASP A 68 1.95 -2.84 9.66
N LEU A 69 2.75 -2.08 10.42
CA LEU A 69 2.52 -0.65 10.52
C LEU A 69 2.88 0.02 9.20
N VAL A 70 2.00 0.91 8.76
CA VAL A 70 2.22 1.63 7.52
C VAL A 70 2.61 3.08 7.83
N ILE A 71 3.29 3.25 8.96
CA ILE A 71 3.72 4.57 9.37
C ILE A 71 4.71 4.43 10.53
N SER A 72 5.85 3.83 10.22
CA SER A 72 6.88 3.63 11.22
C SER A 72 8.26 3.92 10.63
N LYS A 73 8.51 3.32 9.47
CA LYS A 73 9.78 3.51 8.79
C LYS A 73 10.08 5.01 8.68
N SER A 74 11.15 5.42 9.35
CA SER A 74 11.54 6.82 9.33
C SER A 74 13.07 6.92 9.36
N LEU A 75 13.69 6.33 8.34
CA LEU A 75 15.13 6.35 8.23
C LEU A 75 15.54 6.03 6.79
N GLU A 76 15.20 6.94 5.89
CA GLU A 76 15.51 6.76 4.49
C GLU A 76 14.97 7.93 3.66
N ALA A 77 13.68 8.19 3.86
CA ALA A 77 13.03 9.28 3.14
C ALA A 77 13.11 9.02 1.64
N SER A 78 12.64 7.85 1.25
CA SER A 78 12.66 7.46 -0.15
C SER A 78 12.04 6.07 -0.31
N GLY A 79 10.75 5.98 0.00
CA GLY A 79 10.03 4.72 -0.11
C GLY A 79 8.55 4.96 -0.33
N ARG A 80 7.83 3.87 -0.53
CA ARG A 80 6.39 3.93 -0.76
C ARG A 80 5.78 2.54 -0.77
N ILE A 81 4.64 2.41 -0.11
CA ILE A 81 3.95 1.13 -0.04
C ILE A 81 3.18 0.90 -1.34
N TYR A 82 3.19 -0.35 -1.78
CA TYR A 82 2.51 -0.72 -3.01
C TYR A 82 1.47 -1.82 -2.75
N VAL A 83 0.76 -2.17 -3.81
CA VAL A 83 -0.25 -3.21 -3.71
C VAL A 83 -0.25 -4.04 -4.99
N TYR A 84 -0.14 -5.35 -4.80
CA TYR A 84 -0.12 -6.27 -5.93
C TYR A 84 -1.29 -7.24 -5.87
N ARG A 85 -1.66 -7.76 -7.03
CA ARG A 85 -2.77 -8.71 -7.12
C ARG A 85 -2.26 -10.13 -6.92
N LYS A 86 -2.96 -10.86 -6.05
CA LYS A 86 -2.60 -12.23 -5.77
C LYS A 86 -3.08 -13.13 -6.90
N ASP A 87 -2.25 -14.12 -7.23
CA ASP A 87 -2.58 -15.05 -8.29
C ASP A 87 -3.10 -16.35 -7.68
N LEU A 88 -2.26 -16.97 -6.87
CA LEU A 88 -2.61 -18.21 -6.21
C LEU A 88 -1.47 -18.65 -5.29
N ALA A 89 -0.26 -18.43 -5.77
CA ALA A 89 0.92 -18.80 -5.00
C ALA A 89 1.41 -17.57 -4.21
N ASP A 90 2.72 -17.53 -4.00
CA ASP A 90 3.33 -16.43 -3.27
C ASP A 90 3.98 -15.46 -4.27
N THR A 91 3.24 -15.16 -5.32
CA THR A 91 3.73 -14.25 -6.34
C THR A 91 2.85 -13.00 -6.42
N LEU A 92 3.47 -11.91 -6.81
CA LEU A 92 2.77 -10.64 -6.91
C LEU A 92 3.08 -10.00 -8.27
N ASN A 93 2.04 -9.54 -8.93
CA ASN A 93 2.19 -8.91 -10.24
C ASN A 93 1.87 -7.43 -10.11
N PRO A 94 2.77 -6.59 -10.69
CA PRO A 94 2.60 -5.15 -10.65
C PRO A 94 1.50 -4.70 -11.63
N PHE A 95 0.59 -3.88 -11.11
CA PHE A 95 -0.50 -3.37 -11.92
C PHE A 95 0.02 -2.78 -13.23
N ALA A 96 -0.83 -2.87 -14.26
CA ALA A 96 -0.47 -2.35 -15.57
C ALA A 96 -1.24 -1.06 -15.82
N GLU A 97 -0.49 -0.01 -16.16
CA GLU A 97 -1.10 1.28 -16.42
C GLU A 97 -2.25 1.13 -17.41
N ASN A 98 -3.30 1.89 -17.17
CA ASN A 98 -4.48 1.86 -18.03
C ASN A 98 -5.24 3.18 -17.90
N SER A 99 -5.47 3.80 -19.05
CA SER A 99 -6.18 5.07 -19.09
C SER A 99 -5.37 6.15 -18.37
N GLY A 100 -5.01 7.16 -19.14
CA GLY A 100 -4.22 8.27 -18.60
C GLY A 100 -4.97 9.59 -18.74
N PRO A 101 -4.20 10.71 -18.57
CA PRO A 101 -4.79 12.03 -18.68
C PRO A 101 -5.07 12.39 -20.14
N SER A 102 -5.97 13.35 -20.31
CA SER A 102 -6.35 13.79 -21.65
C SER A 102 -6.96 12.63 -22.43
N SER A 103 -8.28 12.69 -22.58
CA SER A 103 -8.99 11.66 -23.31
C SER A 103 -8.51 11.60 -24.76
N GLY A 104 -8.64 12.73 -25.43
CA GLY A 104 -8.23 12.82 -26.82
C GLY A 104 -7.44 14.10 -27.07
N GLY A 1 -15.61 2.41 9.37
CA GLY A 1 -15.99 3.45 8.43
C GLY A 1 -15.05 4.65 8.53
N SER A 2 -15.31 5.64 7.69
CA SER A 2 -14.49 6.84 7.66
C SER A 2 -15.40 8.08 7.60
N SER A 3 -15.62 8.68 8.75
CA SER A 3 -16.45 9.86 8.84
C SER A 3 -15.98 10.75 10.00
N GLY A 4 -15.56 11.95 9.65
CA GLY A 4 -15.09 12.89 10.65
C GLY A 4 -13.73 12.46 11.22
N SER A 5 -13.63 12.51 12.54
CA SER A 5 -12.39 12.13 13.21
C SER A 5 -11.29 13.15 12.89
N SER A 6 -10.31 13.20 13.77
CA SER A 6 -9.20 14.12 13.60
C SER A 6 -8.04 13.73 14.53
N GLY A 7 -6.92 14.38 14.33
CA GLY A 7 -5.74 14.12 15.14
C GLY A 7 -4.70 13.31 14.33
N GLU A 8 -3.50 13.24 14.89
CA GLU A 8 -2.42 12.52 14.25
C GLU A 8 -2.01 13.21 12.94
N GLU A 9 -2.93 13.19 11.99
CA GLU A 9 -2.69 13.82 10.70
C GLU A 9 -1.58 13.07 9.95
N ILE A 10 -2.01 12.14 9.11
CA ILE A 10 -1.06 11.35 8.33
C ILE A 10 -1.82 10.60 7.23
N PHE A 11 -1.10 10.28 6.17
CA PHE A 11 -1.68 9.57 5.04
C PHE A 11 -0.80 8.39 4.62
N CYS A 12 -1.45 7.36 4.11
CA CYS A 12 -0.75 6.17 3.67
C CYS A 12 -0.80 6.12 2.14
N HIS A 13 0.30 6.54 1.52
CA HIS A 13 0.40 6.56 0.08
C HIS A 13 0.66 5.14 -0.43
N VAL A 14 -0.33 4.60 -1.12
CA VAL A 14 -0.22 3.26 -1.67
C VAL A 14 -0.10 3.34 -3.20
N TYR A 15 1.13 3.25 -3.67
CA TYR A 15 1.39 3.32 -5.10
C TYR A 15 0.93 2.04 -5.80
N ILE A 16 -0.18 2.15 -6.50
CA ILE A 16 -0.74 1.02 -7.21
C ILE A 16 0.24 0.57 -8.29
N THR A 17 0.55 1.51 -9.18
CA THR A 17 1.47 1.23 -10.28
C THR A 17 2.74 2.07 -10.13
N GLU A 18 3.20 2.59 -11.26
CA GLU A 18 4.40 3.40 -11.27
C GLU A 18 4.03 4.89 -11.17
N HIS A 19 2.90 5.23 -11.76
CA HIS A 19 2.42 6.60 -11.74
C HIS A 19 1.00 6.64 -11.17
N SER A 20 0.74 5.72 -10.24
CA SER A 20 -0.57 5.65 -9.61
C SER A 20 -0.40 5.37 -8.11
N TYR A 21 -1.28 5.97 -7.34
CA TYR A 21 -1.26 5.80 -5.90
C TYR A 21 -2.60 6.15 -5.27
N VAL A 22 -2.67 6.00 -3.95
CA VAL A 22 -3.89 6.30 -3.22
C VAL A 22 -3.53 6.86 -1.84
N SER A 23 -4.10 8.02 -1.55
CA SER A 23 -3.85 8.67 -0.27
C SER A 23 -4.89 8.22 0.75
N VAL A 24 -4.49 7.25 1.56
CA VAL A 24 -5.38 6.73 2.59
C VAL A 24 -5.06 7.40 3.92
N LYS A 25 -6.08 8.03 4.48
CA LYS A 25 -5.91 8.72 5.76
C LYS A 25 -6.13 7.72 6.90
N ALA A 26 -5.01 7.24 7.43
CA ALA A 26 -5.06 6.29 8.53
C ALA A 26 -4.43 6.91 9.77
N LYS A 27 -4.41 6.13 10.85
CA LYS A 27 -3.84 6.60 12.10
C LYS A 27 -2.31 6.57 12.00
N VAL A 28 -1.68 7.03 13.06
CA VAL A 28 -0.23 7.06 13.13
C VAL A 28 0.29 5.66 13.49
N SER A 29 -0.64 4.81 13.91
CA SER A 29 -0.29 3.45 14.30
C SER A 29 -1.25 2.46 13.65
N SER A 30 -1.74 2.84 12.47
CA SER A 30 -2.68 2.00 11.74
C SER A 30 -1.91 0.91 10.98
N ILE A 31 -2.55 -0.25 10.86
CA ILE A 31 -1.94 -1.37 10.16
C ILE A 31 -2.14 -1.20 8.67
N ALA A 32 -1.38 -1.97 7.90
CA ALA A 32 -1.47 -1.92 6.45
C ALA A 32 -2.88 -2.33 6.01
N GLN A 33 -3.38 -3.36 6.66
CA GLN A 33 -4.70 -3.87 6.35
C GLN A 33 -5.71 -2.72 6.31
N GLU A 34 -5.59 -1.83 7.30
CA GLU A 34 -6.48 -0.69 7.39
C GLU A 34 -6.41 0.14 6.11
N ILE A 35 -5.29 0.01 5.42
CA ILE A 35 -5.09 0.74 4.18
C ILE A 35 -5.50 -0.13 3.00
N LEU A 36 -4.99 -1.36 2.99
CA LEU A 36 -5.30 -2.29 1.93
C LEU A 36 -6.82 -2.38 1.76
N LYS A 37 -7.50 -2.45 2.89
CA LYS A 37 -8.96 -2.53 2.88
C LYS A 37 -9.53 -1.30 2.18
N VAL A 38 -8.81 -0.19 2.31
CA VAL A 38 -9.23 1.05 1.70
C VAL A 38 -8.86 1.04 0.22
N VAL A 39 -7.57 0.98 -0.05
CA VAL A 39 -7.08 0.96 -1.41
C VAL A 39 -7.91 -0.03 -2.23
N ALA A 40 -8.00 -1.25 -1.73
CA ALA A 40 -8.75 -2.29 -2.39
C ALA A 40 -10.04 -1.69 -2.95
N GLU A 41 -10.68 -0.87 -2.14
CA GLU A 41 -11.92 -0.22 -2.53
C GLU A 41 -11.65 0.86 -3.58
N LYS A 42 -10.61 1.65 -3.31
CA LYS A 42 -10.24 2.72 -4.22
C LYS A 42 -10.03 2.15 -5.62
N ILE A 43 -9.70 0.87 -5.66
CA ILE A 43 -9.48 0.20 -6.93
C ILE A 43 -10.65 -0.75 -7.21
N GLN A 44 -11.39 -1.06 -6.16
CA GLN A 44 -12.54 -1.95 -6.28
C GLN A 44 -12.07 -3.40 -6.44
N TYR A 45 -11.30 -3.85 -5.46
CA TYR A 45 -10.78 -5.21 -5.48
C TYR A 45 -10.97 -5.89 -4.12
N ALA A 46 -10.21 -6.95 -3.91
CA ALA A 46 -10.28 -7.70 -2.66
C ALA A 46 -8.96 -7.53 -1.90
N GLU A 47 -9.01 -6.68 -0.90
CA GLU A 47 -7.83 -6.42 -0.08
C GLU A 47 -7.09 -7.72 0.20
N GLU A 48 -7.87 -8.75 0.52
CA GLU A 48 -7.30 -10.05 0.82
C GLU A 48 -6.48 -10.56 -0.37
N ASP A 49 -7.02 -10.34 -1.56
CA ASP A 49 -6.34 -10.77 -2.78
C ASP A 49 -5.20 -9.81 -3.07
N LEU A 50 -5.14 -8.73 -2.30
CA LEU A 50 -4.10 -7.73 -2.48
C LEU A 50 -3.09 -7.84 -1.33
N ALA A 51 -2.05 -7.02 -1.41
CA ALA A 51 -1.01 -7.02 -0.40
C ALA A 51 -0.18 -5.74 -0.54
N LEU A 52 0.30 -5.26 0.60
CA LEU A 52 1.11 -4.06 0.62
C LEU A 52 2.56 -4.42 0.30
N VAL A 53 3.02 -3.92 -0.85
CA VAL A 53 4.38 -4.17 -1.28
C VAL A 53 5.25 -2.95 -0.98
N ALA A 54 6.26 -3.18 -0.15
CA ALA A 54 7.16 -2.11 0.22
C ALA A 54 8.51 -2.32 -0.48
N ILE A 55 8.77 -1.45 -1.45
CA ILE A 55 10.01 -1.53 -2.21
C ILE A 55 11.07 -0.66 -1.54
N THR A 56 12.31 -0.97 -1.83
CA THR A 56 13.43 -0.23 -1.26
C THR A 56 14.26 0.43 -2.37
N PHE A 57 15.23 1.23 -1.95
CA PHE A 57 16.09 1.91 -2.89
C PHE A 57 17.00 0.92 -3.64
N SER A 58 16.35 -0.01 -4.33
CA SER A 58 17.08 -1.01 -5.08
C SER A 58 16.11 -1.88 -5.87
N GLY A 59 15.04 -1.25 -6.32
CA GLY A 59 14.02 -1.94 -7.11
C GLY A 59 13.80 -3.36 -6.57
N GLU A 60 13.57 -3.44 -5.27
CA GLU A 60 13.35 -4.72 -4.63
C GLU A 60 12.01 -4.70 -3.87
N LYS A 61 11.08 -5.50 -4.39
CA LYS A 61 9.76 -5.59 -3.78
C LYS A 61 9.87 -6.32 -2.44
N HIS A 62 9.13 -5.82 -1.46
CA HIS A 62 9.13 -6.40 -0.13
C HIS A 62 7.71 -6.45 0.41
N GLU A 63 7.22 -7.66 0.64
CA GLU A 63 5.89 -7.86 1.15
C GLU A 63 5.91 -7.94 2.68
N LEU A 64 4.79 -7.56 3.28
CA LEU A 64 4.68 -7.59 4.73
C LEU A 64 3.36 -8.27 5.12
N GLN A 65 2.92 -7.98 6.35
CA GLN A 65 1.69 -8.56 6.84
C GLN A 65 0.58 -7.49 6.88
N PRO A 66 -0.68 -7.98 6.99
CA PRO A 66 -1.82 -7.08 7.04
C PRO A 66 -1.93 -6.40 8.41
N ASN A 67 -1.03 -6.80 9.30
CA ASN A 67 -1.01 -6.25 10.64
C ASN A 67 0.24 -5.40 10.83
N ASP A 68 1.03 -5.33 9.76
CA ASP A 68 2.27 -4.56 9.79
C ASP A 68 1.95 -3.08 9.61
N LEU A 69 2.47 -2.27 10.53
CA LEU A 69 2.24 -0.84 10.49
C LEU A 69 2.61 -0.31 9.11
N VAL A 70 1.93 0.74 8.71
CA VAL A 70 2.18 1.36 7.42
C VAL A 70 2.81 2.74 7.62
N ILE A 71 3.06 3.06 8.88
CA ILE A 71 3.66 4.34 9.22
C ILE A 71 5.08 4.10 9.77
N SER A 72 5.13 3.38 10.87
CA SER A 72 6.41 3.08 11.50
C SER A 72 7.21 4.37 11.70
N LYS A 73 8.49 4.20 11.99
CA LYS A 73 9.37 5.33 12.20
C LYS A 73 9.84 5.87 10.84
N SER A 74 10.77 6.81 10.92
CA SER A 74 11.30 7.42 9.70
C SER A 74 12.83 7.27 9.68
N LEU A 75 13.27 6.03 9.57
CA LEU A 75 14.69 5.74 9.54
C LEU A 75 15.04 5.03 8.23
N GLU A 76 14.29 5.38 7.19
CA GLU A 76 14.50 4.78 5.88
C GLU A 76 14.35 5.85 4.79
N ALA A 77 14.91 5.53 3.63
CA ALA A 77 14.85 6.45 2.50
C ALA A 77 13.38 6.75 2.18
N SER A 78 13.19 7.60 1.18
CA SER A 78 11.86 7.99 0.77
C SER A 78 10.92 6.79 0.83
N GLY A 79 11.34 5.72 0.16
CA GLY A 79 10.55 4.49 0.13
C GLY A 79 9.16 4.76 -0.43
N ARG A 80 8.39 3.69 -0.57
CA ARG A 80 7.04 3.79 -1.09
C ARG A 80 6.34 2.44 -1.03
N ILE A 81 5.09 2.46 -0.60
CA ILE A 81 4.31 1.24 -0.49
C ILE A 81 3.48 1.06 -1.76
N TYR A 82 3.26 -0.20 -2.12
CA TYR A 82 2.49 -0.52 -3.31
C TYR A 82 1.48 -1.64 -3.02
N VAL A 83 0.69 -1.95 -4.03
CA VAL A 83 -0.31 -3.00 -3.90
C VAL A 83 -0.30 -3.86 -5.16
N TYR A 84 -0.18 -5.16 -4.95
CA TYR A 84 -0.16 -6.11 -6.05
C TYR A 84 -1.28 -7.13 -5.92
N ARG A 85 -1.66 -7.71 -7.05
CA ARG A 85 -2.72 -8.70 -7.08
C ARG A 85 -2.14 -10.08 -6.78
N LYS A 86 -2.58 -10.65 -5.66
CA LYS A 86 -2.13 -11.96 -5.25
C LYS A 86 -2.60 -13.00 -6.26
N ASP A 87 -1.66 -13.85 -6.67
CA ASP A 87 -1.97 -14.90 -7.63
C ASP A 87 -1.23 -16.18 -7.24
N LEU A 88 -1.25 -17.13 -8.15
CA LEU A 88 -0.60 -18.40 -7.91
C LEU A 88 0.73 -18.45 -8.67
N ALA A 89 1.81 -18.38 -7.90
CA ALA A 89 3.14 -18.40 -8.49
C ALA A 89 4.19 -18.26 -7.38
N ASP A 90 4.35 -17.03 -6.92
CA ASP A 90 5.30 -16.74 -5.87
C ASP A 90 5.55 -15.23 -5.81
N THR A 91 5.71 -14.63 -6.98
CA THR A 91 5.95 -13.21 -7.06
C THR A 91 4.64 -12.46 -7.27
N LEU A 92 4.67 -11.17 -6.97
CA LEU A 92 3.50 -10.33 -7.11
C LEU A 92 3.54 -9.63 -8.46
N ASN A 93 2.35 -9.32 -8.98
CA ASN A 93 2.24 -8.65 -10.26
C ASN A 93 1.36 -7.41 -10.10
N PRO A 94 1.85 -6.28 -10.69
CA PRO A 94 1.11 -5.03 -10.62
C PRO A 94 -0.09 -5.05 -11.57
N PHE A 95 -0.62 -3.85 -11.82
CA PHE A 95 -1.76 -3.72 -12.71
C PHE A 95 -1.39 -2.92 -13.96
N ALA A 96 -2.41 -2.60 -14.74
CA ALA A 96 -2.22 -1.84 -15.97
C ALA A 96 -2.49 -0.36 -15.69
N GLU A 97 -1.61 0.48 -16.23
CA GLU A 97 -1.75 1.91 -16.05
C GLU A 97 -0.50 2.63 -16.57
N ASN A 98 -0.59 3.95 -16.59
CA ASN A 98 0.52 4.77 -17.06
C ASN A 98 0.12 6.24 -17.01
N SER A 99 1.12 7.10 -17.19
CA SER A 99 0.89 8.53 -17.17
C SER A 99 0.41 8.97 -15.78
N GLY A 100 0.72 10.21 -15.44
CA GLY A 100 0.33 10.75 -14.15
C GLY A 100 1.42 11.67 -13.59
N PRO A 101 1.00 12.53 -12.62
CA PRO A 101 1.92 13.46 -12.00
C PRO A 101 2.86 12.74 -11.01
N SER A 102 3.51 13.52 -10.18
CA SER A 102 4.42 12.98 -9.19
C SER A 102 4.70 14.02 -8.11
N SER A 103 5.28 13.55 -7.01
CA SER A 103 5.62 14.42 -5.90
C SER A 103 6.53 13.69 -4.92
N GLY A 104 7.43 14.46 -4.33
CA GLY A 104 8.37 13.90 -3.37
C GLY A 104 9.75 13.70 -4.00
N GLY A 1 -23.10 -2.08 16.81
CA GLY A 1 -21.84 -1.55 17.30
C GLY A 1 -21.22 -0.59 16.29
N SER A 2 -20.96 0.63 16.76
CA SER A 2 -20.38 1.64 15.91
C SER A 2 -19.01 2.05 16.45
N SER A 3 -18.15 2.50 15.55
CA SER A 3 -16.81 2.92 15.92
C SER A 3 -16.44 4.20 15.18
N GLY A 4 -15.57 4.99 15.80
CA GLY A 4 -15.12 6.23 15.21
C GLY A 4 -14.49 7.14 16.27
N SER A 5 -13.28 7.59 15.97
CA SER A 5 -12.56 8.46 16.88
C SER A 5 -11.60 9.36 16.10
N SER A 6 -11.31 10.52 16.67
CA SER A 6 -10.42 11.48 16.03
C SER A 6 -9.09 11.51 16.79
N GLY A 7 -8.17 12.31 16.25
CA GLY A 7 -6.85 12.44 16.85
C GLY A 7 -5.85 11.47 16.23
N GLU A 8 -4.65 11.96 16.00
CA GLU A 8 -3.60 11.15 15.42
C GLU A 8 -4.03 10.66 14.03
N GLU A 9 -3.96 11.57 13.07
CA GLU A 9 -4.34 11.25 11.71
C GLU A 9 -3.16 11.48 10.76
N ILE A 10 -3.07 10.63 9.74
CA ILE A 10 -2.01 10.73 8.77
C ILE A 10 -2.49 10.19 7.42
N PHE A 11 -1.60 10.25 6.44
CA PHE A 11 -1.93 9.77 5.12
C PHE A 11 -0.96 8.66 4.68
N CYS A 12 -1.52 7.63 4.07
CA CYS A 12 -0.73 6.51 3.60
C CYS A 12 -0.73 6.51 2.07
N HIS A 13 0.47 6.59 1.51
CA HIS A 13 0.62 6.61 0.06
C HIS A 13 0.77 5.18 -0.46
N VAL A 14 -0.23 4.75 -1.22
CA VAL A 14 -0.22 3.42 -1.77
C VAL A 14 -0.19 3.51 -3.31
N TYR A 15 1.00 3.35 -3.86
CA TYR A 15 1.17 3.41 -5.30
C TYR A 15 0.64 2.14 -5.97
N ILE A 16 -0.24 2.35 -6.93
CA ILE A 16 -0.84 1.23 -7.66
C ILE A 16 0.07 0.86 -8.83
N THR A 17 0.34 1.85 -9.67
CA THR A 17 1.19 1.63 -10.83
C THR A 17 2.45 2.49 -10.73
N GLU A 18 2.81 3.09 -11.86
CA GLU A 18 4.00 3.93 -11.91
C GLU A 18 3.66 5.36 -11.46
N HIS A 19 2.52 5.84 -11.95
CA HIS A 19 2.07 7.18 -11.62
C HIS A 19 0.64 7.12 -11.09
N SER A 20 0.39 6.14 -10.25
CA SER A 20 -0.93 5.96 -9.67
C SER A 20 -0.81 5.56 -8.20
N TYR A 21 -1.69 6.14 -7.39
CA TYR A 21 -1.69 5.87 -5.96
C TYR A 21 -3.04 6.20 -5.34
N VAL A 22 -3.13 6.01 -4.03
CA VAL A 22 -4.35 6.29 -3.31
C VAL A 22 -4.01 6.88 -1.94
N SER A 23 -4.65 8.00 -1.64
CA SER A 23 -4.42 8.68 -0.37
C SER A 23 -5.35 8.11 0.70
N VAL A 24 -4.79 7.29 1.56
CA VAL A 24 -5.57 6.67 2.63
C VAL A 24 -5.21 7.35 3.96
N LYS A 25 -6.24 7.86 4.62
CA LYS A 25 -6.06 8.53 5.89
C LYS A 25 -5.94 7.48 7.01
N ALA A 26 -4.69 7.20 7.38
CA ALA A 26 -4.43 6.23 8.43
C ALA A 26 -3.99 6.96 9.70
N LYS A 27 -3.88 6.19 10.77
CA LYS A 27 -3.47 6.74 12.05
C LYS A 27 -1.94 6.72 12.15
N VAL A 28 -1.44 7.29 13.24
CA VAL A 28 -0.01 7.34 13.47
C VAL A 28 0.50 5.94 13.83
N SER A 29 -0.44 5.06 14.10
CA SER A 29 -0.11 3.69 14.47
C SER A 29 -1.11 2.72 13.84
N SER A 30 -1.45 2.99 12.60
CA SER A 30 -2.41 2.16 11.88
C SER A 30 -1.66 1.04 11.13
N ILE A 31 -2.38 -0.04 10.90
CA ILE A 31 -1.81 -1.18 10.19
C ILE A 31 -2.02 -1.00 8.69
N ALA A 32 -1.28 -1.80 7.93
CA ALA A 32 -1.37 -1.74 6.48
C ALA A 32 -2.78 -2.13 6.05
N GLN A 33 -3.30 -3.16 6.69
CA GLN A 33 -4.64 -3.64 6.38
C GLN A 33 -5.63 -2.47 6.34
N GLU A 34 -5.48 -1.57 7.30
CA GLU A 34 -6.35 -0.42 7.39
C GLU A 34 -6.27 0.40 6.09
N ILE A 35 -5.24 0.12 5.32
CA ILE A 35 -5.04 0.81 4.06
C ILE A 35 -5.46 -0.10 2.91
N LEU A 36 -4.94 -1.32 2.94
CA LEU A 36 -5.26 -2.30 1.91
C LEU A 36 -6.77 -2.46 1.82
N LYS A 37 -7.41 -2.45 2.98
CA LYS A 37 -8.86 -2.60 3.04
C LYS A 37 -9.52 -1.42 2.33
N VAL A 38 -8.85 -0.28 2.40
CA VAL A 38 -9.36 0.93 1.77
C VAL A 38 -8.96 0.94 0.30
N VAL A 39 -7.67 0.77 0.06
CA VAL A 39 -7.15 0.75 -1.30
C VAL A 39 -7.97 -0.22 -2.14
N ALA A 40 -8.04 -1.46 -1.66
CA ALA A 40 -8.78 -2.49 -2.35
C ALA A 40 -10.08 -1.89 -2.91
N GLU A 41 -10.78 -1.17 -2.05
CA GLU A 41 -12.03 -0.54 -2.44
C GLU A 41 -11.77 0.60 -3.43
N LYS A 42 -10.75 1.39 -3.10
CA LYS A 42 -10.39 2.52 -3.94
C LYS A 42 -10.17 2.03 -5.37
N ILE A 43 -9.86 0.74 -5.49
CA ILE A 43 -9.62 0.15 -6.78
C ILE A 43 -10.77 -0.81 -7.11
N GLN A 44 -11.50 -1.20 -6.08
CA GLN A 44 -12.61 -2.10 -6.25
C GLN A 44 -12.12 -3.54 -6.39
N TYR A 45 -11.34 -3.97 -5.40
CA TYR A 45 -10.81 -5.31 -5.40
C TYR A 45 -10.98 -5.98 -4.04
N ALA A 46 -10.20 -7.03 -3.82
CA ALA A 46 -10.27 -7.76 -2.57
C ALA A 46 -8.95 -7.59 -1.81
N GLU A 47 -9.01 -6.74 -0.79
CA GLU A 47 -7.82 -6.48 0.01
C GLU A 47 -7.12 -7.78 0.37
N GLU A 48 -7.92 -8.80 0.65
CA GLU A 48 -7.39 -10.10 1.01
C GLU A 48 -6.57 -10.68 -0.15
N ASP A 49 -7.02 -10.36 -1.36
CA ASP A 49 -6.34 -10.84 -2.55
C ASP A 49 -5.19 -9.89 -2.89
N LEU A 50 -5.10 -8.82 -2.12
CA LEU A 50 -4.06 -7.82 -2.33
C LEU A 50 -3.04 -7.91 -1.19
N ALA A 51 -2.04 -7.05 -1.27
CA ALA A 51 -0.99 -7.04 -0.26
C ALA A 51 -0.13 -5.78 -0.45
N LEU A 52 0.40 -5.30 0.66
CA LEU A 52 1.24 -4.11 0.63
C LEU A 52 2.67 -4.51 0.27
N VAL A 53 3.12 -4.00 -0.87
CA VAL A 53 4.46 -4.28 -1.34
C VAL A 53 5.36 -3.06 -1.14
N ALA A 54 6.47 -3.27 -0.47
CA ALA A 54 7.42 -2.20 -0.19
C ALA A 54 8.65 -2.39 -1.08
N ILE A 55 9.14 -1.26 -1.59
CA ILE A 55 10.31 -1.28 -2.44
C ILE A 55 11.49 -0.62 -1.71
N THR A 56 12.58 -1.36 -1.63
CA THR A 56 13.78 -0.87 -0.96
C THR A 56 14.66 -0.11 -1.95
N PHE A 57 15.76 0.41 -1.43
CA PHE A 57 16.71 1.15 -2.25
C PHE A 57 17.29 0.27 -3.36
N SER A 58 17.57 -0.97 -3.00
CA SER A 58 18.13 -1.93 -3.95
C SER A 58 17.20 -2.05 -5.16
N GLY A 59 15.94 -1.69 -4.94
CA GLY A 59 14.95 -1.77 -6.00
C GLY A 59 14.01 -2.96 -5.78
N GLU A 60 14.50 -3.93 -5.03
CA GLU A 60 13.73 -5.12 -4.74
C GLU A 60 12.45 -4.75 -3.97
N LYS A 61 11.44 -5.60 -4.13
CA LYS A 61 10.16 -5.37 -3.46
C LYS A 61 10.00 -6.40 -2.34
N HIS A 62 9.11 -6.08 -1.41
CA HIS A 62 8.85 -6.95 -0.29
C HIS A 62 7.37 -6.90 0.07
N GLU A 63 6.82 -8.06 0.41
CA GLU A 63 5.42 -8.15 0.77
C GLU A 63 5.28 -8.31 2.28
N LEU A 64 4.92 -7.20 2.93
CA LEU A 64 4.74 -7.20 4.37
C LEU A 64 3.43 -7.91 4.72
N GLN A 65 2.97 -7.67 5.94
CA GLN A 65 1.74 -8.27 6.41
C GLN A 65 0.64 -7.21 6.52
N PRO A 66 -0.63 -7.70 6.61
CA PRO A 66 -1.77 -6.81 6.74
C PRO A 66 -1.86 -6.23 8.14
N ASN A 67 -0.92 -6.63 8.99
CA ASN A 67 -0.89 -6.14 10.35
C ASN A 67 0.31 -5.21 10.53
N ASP A 68 1.13 -5.15 9.49
CA ASP A 68 2.31 -4.31 9.53
C ASP A 68 1.89 -2.84 9.53
N LEU A 69 2.57 -2.06 10.34
CA LEU A 69 2.28 -0.65 10.46
C LEU A 69 2.67 0.06 9.15
N VAL A 70 1.86 1.05 8.79
CA VAL A 70 2.10 1.80 7.58
C VAL A 70 2.54 3.22 7.94
N ILE A 71 3.32 3.31 9.01
CA ILE A 71 3.81 4.60 9.47
C ILE A 71 5.03 4.38 10.36
N SER A 72 6.02 3.71 9.78
CA SER A 72 7.26 3.43 10.50
C SER A 72 8.41 3.23 9.51
N LYS A 73 9.61 3.52 9.98
CA LYS A 73 10.80 3.38 9.16
C LYS A 73 11.74 2.37 9.80
N SER A 74 11.84 1.20 9.18
CA SER A 74 12.70 0.15 9.68
C SER A 74 14.17 0.59 9.61
N LEU A 75 14.64 0.73 8.39
CA LEU A 75 16.01 1.14 8.17
C LEU A 75 16.15 1.78 6.79
N GLU A 76 15.61 2.99 6.67
CA GLU A 76 15.65 3.71 5.41
C GLU A 76 15.23 5.16 5.63
N ALA A 77 15.52 5.98 4.63
CA ALA A 77 15.18 7.39 4.70
C ALA A 77 13.72 7.59 4.29
N SER A 78 13.43 7.19 3.06
CA SER A 78 12.08 7.30 2.53
C SER A 78 11.87 6.29 1.42
N GLY A 79 10.60 5.94 1.20
CA GLY A 79 10.24 4.99 0.17
C GLY A 79 8.78 5.16 -0.25
N ARG A 80 8.26 4.12 -0.89
CA ARG A 80 6.89 4.15 -1.36
C ARG A 80 6.31 2.73 -1.36
N ILE A 81 5.16 2.59 -0.71
CA ILE A 81 4.49 1.30 -0.64
C ILE A 81 3.62 1.10 -1.87
N TYR A 82 3.33 -0.15 -2.17
CA TYR A 82 2.52 -0.48 -3.32
C TYR A 82 1.55 -1.62 -2.99
N VAL A 83 0.72 -1.96 -3.97
CA VAL A 83 -0.25 -3.03 -3.81
C VAL A 83 -0.27 -3.89 -5.07
N TYR A 84 -0.15 -5.20 -4.84
CA TYR A 84 -0.15 -6.14 -5.95
C TYR A 84 -1.31 -7.12 -5.83
N ARG A 85 -1.65 -7.73 -6.95
CA ARG A 85 -2.74 -8.69 -7.00
C ARG A 85 -2.21 -10.10 -6.74
N LYS A 86 -3.06 -10.92 -6.13
CA LYS A 86 -2.69 -12.29 -5.83
C LYS A 86 -3.42 -13.24 -6.78
N ASP A 87 -2.65 -13.93 -7.60
CA ASP A 87 -3.20 -14.87 -8.56
C ASP A 87 -2.96 -16.29 -8.08
N LEU A 88 -1.70 -16.58 -7.77
CA LEU A 88 -1.33 -17.89 -7.30
C LEU A 88 0.12 -17.86 -6.80
N ALA A 89 0.45 -18.83 -5.96
CA ALA A 89 1.79 -18.92 -5.42
C ALA A 89 2.06 -17.69 -4.55
N ASP A 90 3.34 -17.45 -4.30
CA ASP A 90 3.75 -16.32 -3.48
C ASP A 90 4.35 -15.25 -4.40
N THR A 91 3.74 -15.09 -5.57
CA THR A 91 4.20 -14.11 -6.53
C THR A 91 3.24 -12.92 -6.58
N LEU A 92 3.78 -11.79 -7.01
CA LEU A 92 2.97 -10.57 -7.12
C LEU A 92 3.32 -9.85 -8.43
N ASN A 93 2.28 -9.34 -9.07
CA ASN A 93 2.45 -8.63 -10.32
C ASN A 93 2.36 -7.12 -10.06
N PRO A 94 3.34 -6.38 -10.66
CA PRO A 94 3.37 -4.94 -10.50
C PRO A 94 2.31 -4.27 -11.36
N PHE A 95 1.06 -4.70 -11.16
CA PHE A 95 -0.05 -4.15 -11.91
C PHE A 95 0.34 -3.92 -13.37
N ALA A 96 -0.46 -3.10 -14.04
CA ALA A 96 -0.22 -2.79 -15.44
C ALA A 96 0.09 -4.08 -16.20
N GLU A 97 -0.90 -4.96 -16.22
CA GLU A 97 -0.75 -6.24 -16.90
C GLU A 97 -2.06 -6.62 -17.61
N ASN A 98 -2.15 -6.24 -18.88
CA ASN A 98 -3.33 -6.53 -19.67
C ASN A 98 -4.53 -5.80 -19.07
N SER A 99 -4.96 -4.76 -19.76
CA SER A 99 -6.11 -3.98 -19.31
C SER A 99 -7.39 -4.78 -19.49
N GLY A 100 -7.73 -5.54 -18.46
CA GLY A 100 -8.94 -6.35 -18.49
C GLY A 100 -10.19 -5.48 -18.58
N PRO A 101 -11.29 -5.99 -17.98
CA PRO A 101 -12.55 -5.26 -17.98
C PRO A 101 -12.51 -4.08 -17.00
N SER A 102 -12.50 -2.89 -17.58
CA SER A 102 -12.47 -1.68 -16.77
C SER A 102 -11.18 -1.63 -15.95
N SER A 103 -10.18 -0.98 -16.52
CA SER A 103 -8.90 -0.85 -15.86
C SER A 103 -9.04 -0.01 -14.59
N GLY A 104 -9.40 -0.68 -13.51
CA GLY A 104 -9.57 0.00 -12.23
C GLY A 104 -9.39 -0.98 -11.07
N GLY A 1 0.58 20.31 12.96
CA GLY A 1 1.22 19.05 13.25
C GLY A 1 1.21 18.77 14.77
N SER A 2 1.59 17.55 15.12
CA SER A 2 1.64 17.16 16.50
C SER A 2 2.45 15.87 16.66
N SER A 3 2.78 15.55 17.91
CA SER A 3 3.55 14.36 18.19
C SER A 3 3.23 13.87 19.61
N GLY A 4 3.51 12.58 19.83
CA GLY A 4 3.25 11.98 21.13
C GLY A 4 1.77 11.61 21.28
N SER A 5 1.18 12.11 22.35
CA SER A 5 -0.22 11.84 22.63
C SER A 5 -1.09 12.92 22.00
N SER A 6 -1.72 12.57 20.89
CA SER A 6 -2.59 13.50 20.18
C SER A 6 -3.27 12.79 19.01
N GLY A 7 -4.15 13.52 18.35
CA GLY A 7 -4.88 12.99 17.21
C GLY A 7 -3.98 12.07 16.37
N GLU A 8 -2.82 12.61 16.03
CA GLU A 8 -1.86 11.87 15.22
C GLU A 8 -2.46 11.53 13.85
N GLU A 9 -2.75 12.57 13.11
CA GLU A 9 -3.33 12.41 11.78
C GLU A 9 -2.22 12.30 10.73
N ILE A 10 -2.49 11.46 9.73
CA ILE A 10 -1.53 11.25 8.66
C ILE A 10 -2.22 10.55 7.49
N PHE A 11 -1.44 10.31 6.44
CA PHE A 11 -1.97 9.65 5.25
C PHE A 11 -0.99 8.59 4.75
N CYS A 12 -1.56 7.54 4.18
CA CYS A 12 -0.76 6.44 3.65
C CYS A 12 -0.84 6.47 2.12
N HIS A 13 0.30 6.69 1.50
CA HIS A 13 0.37 6.75 0.05
C HIS A 13 0.82 5.39 -0.50
N VAL A 14 -0.10 4.74 -1.20
CA VAL A 14 0.18 3.44 -1.78
C VAL A 14 0.14 3.55 -3.30
N TYR A 15 1.31 3.40 -3.91
CA TYR A 15 1.42 3.46 -5.35
C TYR A 15 1.14 2.10 -6.00
N ILE A 16 0.31 2.12 -7.02
CA ILE A 16 -0.04 0.90 -7.73
C ILE A 16 0.89 0.72 -8.92
N THR A 17 1.11 1.82 -9.64
CA THR A 17 1.98 1.80 -10.81
C THR A 17 2.94 2.99 -10.77
N GLU A 18 3.14 3.58 -11.95
CA GLU A 18 4.03 4.72 -12.07
C GLU A 18 3.24 6.02 -11.87
N HIS A 19 1.98 5.98 -12.26
CA HIS A 19 1.12 7.14 -12.14
C HIS A 19 -0.18 6.74 -11.46
N SER A 20 -0.06 5.80 -10.53
CA SER A 20 -1.23 5.32 -9.79
C SER A 20 -0.88 5.20 -8.31
N TYR A 21 -1.79 5.72 -7.49
CA TYR A 21 -1.61 5.68 -6.05
C TYR A 21 -2.92 5.90 -5.31
N VAL A 22 -2.86 5.83 -4.00
CA VAL A 22 -4.04 6.02 -3.17
C VAL A 22 -3.63 6.70 -1.85
N SER A 23 -4.42 7.70 -1.49
CA SER A 23 -4.15 8.44 -0.26
C SER A 23 -5.13 8.00 0.83
N VAL A 24 -4.68 7.04 1.63
CA VAL A 24 -5.51 6.53 2.71
C VAL A 24 -5.15 7.26 4.01
N LYS A 25 -6.14 7.94 4.57
CA LYS A 25 -5.94 8.68 5.80
C LYS A 25 -6.10 7.72 6.99
N ALA A 26 -4.97 7.27 7.51
CA ALA A 26 -4.98 6.37 8.64
C ALA A 26 -4.22 7.00 9.80
N LYS A 27 -4.15 6.26 10.90
CA LYS A 27 -3.45 6.74 12.07
C LYS A 27 -1.95 6.59 11.88
N VAL A 28 -1.20 7.05 12.87
CA VAL A 28 0.25 6.98 12.81
C VAL A 28 0.71 5.60 13.28
N SER A 29 -0.25 4.84 13.78
CA SER A 29 0.04 3.50 14.27
C SER A 29 -0.99 2.51 13.70
N SER A 30 -1.48 2.82 12.51
CA SER A 30 -2.45 1.98 11.86
C SER A 30 -1.74 0.84 11.12
N ILE A 31 -2.50 -0.22 10.87
CA ILE A 31 -1.95 -1.38 10.19
C ILE A 31 -2.17 -1.22 8.68
N ALA A 32 -1.47 -2.05 7.92
CA ALA A 32 -1.58 -2.00 6.48
C ALA A 32 -3.02 -2.32 6.06
N GLN A 33 -3.58 -3.33 6.71
CA GLN A 33 -4.94 -3.74 6.42
C GLN A 33 -5.86 -2.52 6.39
N GLU A 34 -5.70 -1.67 7.38
CA GLU A 34 -6.50 -0.46 7.47
C GLU A 34 -6.38 0.37 6.19
N ILE A 35 -5.30 0.12 5.47
CA ILE A 35 -5.06 0.82 4.22
C ILE A 35 -5.47 -0.07 3.04
N LEU A 36 -4.99 -1.29 3.08
CA LEU A 36 -5.29 -2.25 2.03
C LEU A 36 -6.81 -2.37 1.89
N LYS A 37 -7.49 -2.39 3.03
CA LYS A 37 -8.93 -2.51 3.05
C LYS A 37 -9.55 -1.30 2.34
N VAL A 38 -8.85 -0.17 2.45
CA VAL A 38 -9.31 1.05 1.82
C VAL A 38 -8.90 1.04 0.34
N VAL A 39 -7.60 0.95 0.11
CA VAL A 39 -7.07 0.93 -1.24
C VAL A 39 -7.89 -0.05 -2.09
N ALA A 40 -7.96 -1.28 -1.60
CA ALA A 40 -8.71 -2.31 -2.30
C ALA A 40 -9.99 -1.71 -2.88
N GLU A 41 -10.67 -0.93 -2.05
CA GLU A 41 -11.90 -0.29 -2.47
C GLU A 41 -11.61 0.79 -3.52
N LYS A 42 -10.59 1.58 -3.24
CA LYS A 42 -10.21 2.65 -4.14
C LYS A 42 -10.01 2.07 -5.56
N ILE A 43 -9.62 0.82 -5.60
CA ILE A 43 -9.40 0.14 -6.86
C ILE A 43 -10.59 -0.79 -7.15
N GLN A 44 -11.33 -1.09 -6.10
CA GLN A 44 -12.48 -1.97 -6.24
C GLN A 44 -12.04 -3.42 -6.34
N TYR A 45 -11.27 -3.85 -5.35
CA TYR A 45 -10.77 -5.21 -5.32
C TYR A 45 -10.96 -5.84 -3.93
N ALA A 46 -10.26 -6.94 -3.72
CA ALA A 46 -10.34 -7.64 -2.45
C ALA A 46 -9.00 -7.51 -1.72
N GLU A 47 -8.99 -6.64 -0.72
CA GLU A 47 -7.78 -6.41 0.06
C GLU A 47 -7.06 -7.73 0.31
N GLU A 48 -7.85 -8.78 0.48
CA GLU A 48 -7.28 -10.11 0.72
C GLU A 48 -6.41 -10.54 -0.46
N ASP A 49 -6.96 -10.38 -1.65
CA ASP A 49 -6.24 -10.75 -2.86
C ASP A 49 -5.13 -9.73 -3.12
N LEU A 50 -5.12 -8.69 -2.29
CA LEU A 50 -4.11 -7.65 -2.42
C LEU A 50 -3.12 -7.76 -1.26
N ALA A 51 -2.10 -6.92 -1.33
CA ALA A 51 -1.07 -6.91 -0.30
C ALA A 51 -0.19 -5.67 -0.48
N LEU A 52 0.31 -5.19 0.65
CA LEU A 52 1.17 -4.01 0.64
C LEU A 52 2.61 -4.44 0.32
N VAL A 53 3.08 -3.97 -0.82
CA VAL A 53 4.42 -4.29 -1.26
C VAL A 53 5.33 -3.07 -1.04
N ALA A 54 6.23 -3.20 -0.09
CA ALA A 54 7.15 -2.13 0.24
C ALA A 54 8.51 -2.43 -0.40
N ILE A 55 8.87 -1.62 -1.38
CA ILE A 55 10.13 -1.79 -2.08
C ILE A 55 11.16 -0.83 -1.48
N THR A 56 12.42 -1.23 -1.58
CA THR A 56 13.51 -0.41 -1.06
C THR A 56 14.40 0.09 -2.20
N PHE A 57 15.41 0.86 -1.83
CA PHE A 57 16.33 1.41 -2.81
C PHE A 57 16.73 0.35 -3.84
N SER A 58 17.33 0.83 -4.93
CA SER A 58 17.76 -0.06 -5.99
C SER A 58 16.55 -0.69 -6.66
N GLY A 59 15.88 -1.58 -5.94
CA GLY A 59 14.72 -2.25 -6.46
C GLY A 59 14.58 -3.66 -5.86
N GLU A 60 13.93 -3.72 -4.71
CA GLU A 60 13.72 -4.99 -4.04
C GLU A 60 12.32 -5.03 -3.41
N LYS A 61 11.52 -5.97 -3.87
CA LYS A 61 10.17 -6.14 -3.37
C LYS A 61 10.23 -6.68 -1.93
N HIS A 62 9.25 -6.27 -1.15
CA HIS A 62 9.18 -6.71 0.24
C HIS A 62 7.72 -6.73 0.69
N GLU A 63 7.22 -7.93 0.90
CA GLU A 63 5.84 -8.11 1.33
C GLU A 63 5.78 -8.22 2.86
N LEU A 64 4.68 -7.72 3.41
CA LEU A 64 4.49 -7.77 4.85
C LEU A 64 3.11 -8.37 5.16
N GLN A 65 2.65 -8.11 6.38
CA GLN A 65 1.36 -8.62 6.80
C GLN A 65 0.31 -7.51 6.78
N PRO A 66 -0.98 -7.93 6.81
CA PRO A 66 -2.08 -6.99 6.80
C PRO A 66 -2.23 -6.31 8.16
N ASN A 67 -1.42 -6.75 9.11
CA ASN A 67 -1.46 -6.19 10.44
C ASN A 67 -0.16 -5.41 10.70
N ASP A 68 0.72 -5.46 9.72
CA ASP A 68 1.99 -4.76 9.82
C ASP A 68 1.77 -3.27 9.57
N LEU A 69 2.18 -2.47 10.55
CA LEU A 69 2.03 -1.04 10.45
C LEU A 69 2.37 -0.59 9.02
N VAL A 70 1.76 0.52 8.63
CA VAL A 70 1.98 1.06 7.29
C VAL A 70 2.98 2.22 7.38
N ILE A 71 2.44 3.40 7.67
CA ILE A 71 3.27 4.58 7.77
C ILE A 71 4.56 4.24 8.54
N SER A 72 4.39 3.99 9.83
CA SER A 72 5.52 3.65 10.68
C SER A 72 6.75 4.45 10.25
N LYS A 73 6.73 5.73 10.61
CA LYS A 73 7.84 6.61 10.27
C LYS A 73 8.74 6.78 11.50
N SER A 74 8.22 7.50 12.48
CA SER A 74 8.96 7.74 13.71
C SER A 74 10.16 8.64 13.42
N LEU A 75 11.12 8.09 12.70
CA LEU A 75 12.32 8.83 12.35
C LEU A 75 12.70 8.54 10.89
N GLU A 76 12.86 7.26 10.60
CA GLU A 76 13.20 6.84 9.25
C GLU A 76 12.38 7.62 8.22
N ALA A 77 12.87 7.64 6.99
CA ALA A 77 12.20 8.33 5.92
C ALA A 77 12.50 7.63 4.59
N SER A 78 11.93 8.18 3.53
CA SER A 78 12.13 7.62 2.20
C SER A 78 11.41 6.27 2.09
N GLY A 79 11.25 5.82 0.85
CA GLY A 79 10.59 4.55 0.60
C GLY A 79 9.20 4.77 -0.01
N ARG A 80 8.69 3.71 -0.62
CA ARG A 80 7.38 3.78 -1.24
C ARG A 80 6.72 2.39 -1.25
N ILE A 81 5.52 2.35 -0.71
CA ILE A 81 4.77 1.10 -0.64
C ILE A 81 3.91 0.96 -1.89
N TYR A 82 3.54 -0.28 -2.18
CA TYR A 82 2.71 -0.57 -3.35
C TYR A 82 1.71 -1.68 -3.05
N VAL A 83 0.89 -1.98 -4.04
CA VAL A 83 -0.12 -3.01 -3.90
C VAL A 83 -0.05 -3.96 -5.10
N TYR A 84 -0.10 -5.25 -4.81
CA TYR A 84 -0.04 -6.27 -5.85
C TYR A 84 -1.27 -7.19 -5.78
N ARG A 85 -1.61 -7.75 -6.93
CA ARG A 85 -2.74 -8.65 -7.02
C ARG A 85 -2.30 -10.09 -6.71
N LYS A 86 -3.22 -10.84 -6.13
CA LYS A 86 -2.95 -12.23 -5.79
C LYS A 86 -3.50 -13.14 -6.87
N ASP A 87 -2.70 -14.13 -7.24
CA ASP A 87 -3.10 -15.08 -8.27
C ASP A 87 -3.35 -16.45 -7.62
N LEU A 88 -3.51 -17.45 -8.48
CA LEU A 88 -3.75 -18.80 -8.01
C LEU A 88 -2.57 -19.26 -7.16
N ALA A 89 -1.46 -18.53 -7.30
CA ALA A 89 -0.26 -18.85 -6.54
C ALA A 89 0.07 -17.69 -5.61
N ASP A 90 1.08 -17.91 -4.78
CA ASP A 90 1.51 -16.89 -3.84
C ASP A 90 2.50 -15.95 -4.53
N THR A 91 2.10 -15.48 -5.70
CA THR A 91 2.94 -14.57 -6.47
C THR A 91 2.32 -13.17 -6.49
N LEU A 92 3.14 -12.20 -6.86
CA LEU A 92 2.71 -10.82 -6.92
C LEU A 92 3.34 -10.14 -8.14
N ASN A 93 2.49 -9.49 -8.91
CA ASN A 93 2.96 -8.78 -10.10
C ASN A 93 2.44 -7.35 -10.08
N PRO A 94 3.26 -6.43 -10.67
CA PRO A 94 2.89 -5.03 -10.72
C PRO A 94 1.80 -4.78 -11.77
N PHE A 95 0.78 -4.04 -11.36
CA PHE A 95 -0.33 -3.73 -12.24
C PHE A 95 0.14 -2.86 -13.42
N ALA A 96 -0.70 -2.80 -14.44
CA ALA A 96 -0.38 -2.02 -15.63
C ALA A 96 1.02 -2.37 -16.10
N GLU A 97 1.11 -3.49 -16.81
CA GLU A 97 2.40 -3.94 -17.33
C GLU A 97 3.16 -2.78 -17.96
N ASN A 98 4.43 -2.69 -17.63
CA ASN A 98 5.28 -1.64 -18.16
C ASN A 98 6.49 -2.26 -18.86
N SER A 99 6.99 -1.54 -19.86
CA SER A 99 8.13 -2.01 -20.61
C SER A 99 9.42 -1.40 -20.04
N GLY A 100 9.44 -0.08 -20.01
CA GLY A 100 10.61 0.64 -19.49
C GLY A 100 10.18 1.88 -18.71
N PRO A 101 11.06 2.30 -17.77
CA PRO A 101 10.79 3.48 -16.96
C PRO A 101 11.00 4.76 -17.77
N SER A 102 10.69 5.89 -17.13
CA SER A 102 10.84 7.17 -17.77
C SER A 102 11.22 8.24 -16.74
N SER A 103 12.45 8.13 -16.26
CA SER A 103 12.95 9.07 -15.26
C SER A 103 13.01 10.48 -15.86
N GLY A 104 12.89 11.46 -14.98
CA GLY A 104 12.93 12.85 -15.41
C GLY A 104 14.24 13.52 -14.99
N GLY A 1 -23.31 10.41 12.39
CA GLY A 1 -23.17 11.58 11.54
C GLY A 1 -22.04 11.38 10.53
N SER A 2 -20.88 11.94 10.86
CA SER A 2 -19.71 11.84 10.00
C SER A 2 -18.50 11.40 10.82
N SER A 3 -17.85 10.35 10.33
CA SER A 3 -16.67 9.82 10.99
C SER A 3 -15.41 10.47 10.43
N GLY A 4 -14.50 10.81 11.33
CA GLY A 4 -13.25 11.44 10.94
C GLY A 4 -12.86 12.55 11.90
N SER A 5 -11.79 12.31 12.65
CA SER A 5 -11.31 13.28 13.62
C SER A 5 -9.79 13.47 13.47
N SER A 6 -9.34 14.65 13.85
CA SER A 6 -7.92 14.96 13.76
C SER A 6 -7.19 14.40 14.97
N GLY A 7 -5.87 14.45 14.90
CA GLY A 7 -5.04 13.94 15.99
C GLY A 7 -3.74 13.34 15.46
N GLU A 8 -3.89 12.20 14.79
CA GLU A 8 -2.74 11.51 14.23
C GLU A 8 -2.64 11.79 12.73
N GLU A 9 -2.58 13.07 12.41
CA GLU A 9 -2.48 13.49 11.02
C GLU A 9 -1.39 12.69 10.30
N ILE A 10 -1.82 11.88 9.36
CA ILE A 10 -0.89 11.07 8.59
C ILE A 10 -1.65 10.34 7.49
N PHE A 11 -0.94 10.06 6.40
CA PHE A 11 -1.53 9.38 5.27
C PHE A 11 -0.64 8.22 4.80
N CYS A 12 -1.25 7.32 4.03
CA CYS A 12 -0.53 6.18 3.51
C CYS A 12 -0.66 6.17 1.98
N HIS A 13 0.42 6.58 1.33
CA HIS A 13 0.43 6.63 -0.13
C HIS A 13 0.91 5.29 -0.67
N VAL A 14 -0.03 4.55 -1.24
CA VAL A 14 0.29 3.24 -1.80
C VAL A 14 0.36 3.35 -3.33
N TYR A 15 1.49 2.91 -3.87
CA TYR A 15 1.69 2.95 -5.31
C TYR A 15 1.36 1.62 -5.96
N ILE A 16 0.37 1.64 -6.84
CA ILE A 16 -0.06 0.45 -7.54
C ILE A 16 1.01 0.04 -8.55
N THR A 17 1.25 0.93 -9.50
CA THR A 17 2.24 0.67 -10.53
C THR A 17 3.45 1.61 -10.35
N GLU A 18 3.91 2.14 -11.48
CA GLU A 18 5.05 3.05 -11.46
C GLU A 18 4.57 4.49 -11.31
N HIS A 19 3.44 4.78 -11.94
CA HIS A 19 2.86 6.12 -11.88
C HIS A 19 1.41 6.03 -11.41
N SER A 20 1.17 5.08 -10.52
CA SER A 20 -0.16 4.88 -9.98
C SER A 20 -0.09 4.60 -8.48
N TYR A 21 -0.93 5.29 -7.73
CA TYR A 21 -0.96 5.12 -6.29
C TYR A 21 -2.28 5.64 -5.70
N VAL A 22 -2.47 5.37 -4.42
CA VAL A 22 -3.68 5.81 -3.75
C VAL A 22 -3.36 6.07 -2.27
N SER A 23 -3.71 7.26 -1.83
CA SER A 23 -3.47 7.66 -0.45
C SER A 23 -4.61 7.15 0.44
N VAL A 24 -4.28 6.99 1.72
CA VAL A 24 -5.26 6.51 2.68
C VAL A 24 -4.97 7.14 4.05
N LYS A 25 -6.02 7.69 4.65
CA LYS A 25 -5.89 8.32 5.96
C LYS A 25 -5.61 7.24 7.02
N ALA A 26 -4.35 7.10 7.36
CA ALA A 26 -3.95 6.11 8.35
C ALA A 26 -3.71 6.82 9.68
N LYS A 27 -3.34 6.02 10.67
CA LYS A 27 -3.08 6.55 12.00
C LYS A 27 -1.59 6.43 12.32
N VAL A 28 -1.21 6.94 13.48
CA VAL A 28 0.18 6.90 13.90
C VAL A 28 0.52 5.49 14.38
N SER A 29 -0.51 4.66 14.44
CA SER A 29 -0.33 3.28 14.87
C SER A 29 -1.34 2.37 14.17
N SER A 30 -1.54 2.64 12.88
CA SER A 30 -2.47 1.86 12.09
C SER A 30 -1.72 0.77 11.32
N ILE A 31 -2.45 -0.30 11.01
CA ILE A 31 -1.86 -1.41 10.28
C ILE A 31 -2.06 -1.18 8.78
N ALA A 32 -1.34 -1.97 8.00
CA ALA A 32 -1.43 -1.87 6.55
C ALA A 32 -2.82 -2.30 6.10
N GLN A 33 -3.32 -3.35 6.73
CA GLN A 33 -4.65 -3.86 6.40
C GLN A 33 -5.67 -2.72 6.39
N GLU A 34 -5.53 -1.83 7.34
CA GLU A 34 -6.43 -0.70 7.45
C GLU A 34 -6.33 0.19 6.20
N ILE A 35 -5.29 -0.08 5.42
CA ILE A 35 -5.06 0.68 4.20
C ILE A 35 -5.52 -0.16 3.00
N LEU A 36 -5.09 -1.41 2.99
CA LEU A 36 -5.44 -2.31 1.91
C LEU A 36 -6.97 -2.40 1.79
N LYS A 37 -7.61 -2.49 2.94
CA LYS A 37 -9.06 -2.57 2.99
C LYS A 37 -9.66 -1.30 2.37
N VAL A 38 -8.92 -0.21 2.50
CA VAL A 38 -9.37 1.06 1.96
C VAL A 38 -9.00 1.14 0.47
N VAL A 39 -7.74 0.84 0.20
CA VAL A 39 -7.24 0.88 -1.17
C VAL A 39 -8.10 -0.05 -2.03
N ALA A 40 -8.23 -1.29 -1.57
CA ALA A 40 -9.01 -2.27 -2.30
C ALA A 40 -10.27 -1.61 -2.86
N GLU A 41 -10.87 -0.75 -2.04
CA GLU A 41 -12.07 -0.05 -2.45
C GLU A 41 -11.73 1.05 -3.44
N LYS A 42 -10.63 1.75 -3.16
CA LYS A 42 -10.19 2.83 -4.03
C LYS A 42 -9.92 2.27 -5.43
N ILE A 43 -9.50 1.02 -5.47
CA ILE A 43 -9.21 0.36 -6.73
C ILE A 43 -10.36 -0.57 -7.10
N GLN A 44 -11.24 -0.78 -6.13
CA GLN A 44 -12.38 -1.65 -6.33
C GLN A 44 -11.93 -3.09 -6.55
N TYR A 45 -11.30 -3.63 -5.52
CA TYR A 45 -10.82 -5.00 -5.57
C TYR A 45 -11.08 -5.73 -4.25
N ALA A 46 -10.33 -6.80 -4.06
CA ALA A 46 -10.46 -7.60 -2.84
C ALA A 46 -9.19 -7.48 -2.01
N GLU A 47 -9.27 -6.67 -0.97
CA GLU A 47 -8.14 -6.46 -0.09
C GLU A 47 -7.45 -7.79 0.23
N GLU A 48 -8.27 -8.79 0.49
CA GLU A 48 -7.76 -10.12 0.81
C GLU A 48 -6.94 -10.66 -0.37
N ASP A 49 -7.34 -10.26 -1.56
CA ASP A 49 -6.65 -10.70 -2.76
C ASP A 49 -5.48 -9.76 -3.04
N LEU A 50 -5.41 -8.70 -2.26
CA LEU A 50 -4.35 -7.71 -2.41
C LEU A 50 -3.35 -7.87 -1.26
N ALA A 51 -2.33 -7.01 -1.28
CA ALA A 51 -1.31 -7.04 -0.26
C ALA A 51 -0.47 -5.77 -0.34
N LEU A 52 -0.01 -5.31 0.82
CA LEU A 52 0.80 -4.11 0.88
C LEU A 52 2.26 -4.47 0.57
N VAL A 53 2.77 -3.87 -0.49
CA VAL A 53 4.15 -4.11 -0.90
C VAL A 53 5.01 -2.93 -0.47
N ALA A 54 6.29 -3.22 -0.29
CA ALA A 54 7.24 -2.19 0.13
C ALA A 54 8.46 -2.24 -0.79
N ILE A 55 8.76 -1.09 -1.39
CA ILE A 55 9.91 -0.99 -2.29
C ILE A 55 11.10 -0.43 -1.52
N THR A 56 12.26 -1.02 -1.79
CA THR A 56 13.49 -0.59 -1.14
C THR A 56 14.22 0.45 -2.00
N PHE A 57 15.19 1.11 -1.38
CA PHE A 57 15.97 2.12 -2.07
C PHE A 57 16.81 1.50 -3.19
N SER A 58 16.12 1.04 -4.23
CA SER A 58 16.78 0.43 -5.36
C SER A 58 15.75 0.06 -6.43
N GLY A 59 14.60 -0.39 -5.96
CA GLY A 59 13.52 -0.79 -6.87
C GLY A 59 12.85 -2.07 -6.39
N GLU A 60 13.66 -2.96 -5.84
CA GLU A 60 13.15 -4.23 -5.34
C GLU A 60 11.93 -3.99 -4.46
N LYS A 61 10.92 -4.85 -4.66
CA LYS A 61 9.69 -4.75 -3.89
C LYS A 61 9.63 -5.89 -2.88
N HIS A 62 8.86 -5.67 -1.82
CA HIS A 62 8.71 -6.66 -0.77
C HIS A 62 7.25 -6.69 -0.31
N GLU A 63 6.85 -7.85 0.20
CA GLU A 63 5.50 -8.02 0.69
C GLU A 63 5.49 -8.10 2.22
N LEU A 64 4.84 -7.11 2.83
CA LEU A 64 4.76 -7.07 4.28
C LEU A 64 3.51 -7.82 4.74
N GLN A 65 3.08 -7.52 5.95
CA GLN A 65 1.91 -8.17 6.51
C GLN A 65 0.75 -7.18 6.61
N PRO A 66 -0.47 -7.74 6.79
CA PRO A 66 -1.67 -6.92 6.90
C PRO A 66 -1.74 -6.25 8.27
N ASN A 67 -0.75 -6.55 9.10
CA ASN A 67 -0.69 -5.98 10.43
C ASN A 67 0.51 -5.04 10.54
N ASP A 68 1.29 -5.02 9.47
CA ASP A 68 2.47 -4.17 9.42
C ASP A 68 2.04 -2.70 9.54
N LEU A 69 2.61 -2.04 10.53
CA LEU A 69 2.29 -0.64 10.77
C LEU A 69 2.68 0.18 9.54
N VAL A 70 1.75 1.01 9.11
CA VAL A 70 1.98 1.86 7.95
C VAL A 70 2.24 3.29 8.41
N ILE A 71 3.42 3.49 8.96
CA ILE A 71 3.81 4.81 9.45
C ILE A 71 5.28 4.79 9.87
N SER A 72 5.65 3.71 10.53
CA SER A 72 7.03 3.55 10.99
C SER A 72 7.91 3.05 9.84
N LYS A 73 9.16 3.48 9.87
CA LYS A 73 10.12 3.09 8.84
C LYS A 73 11.22 2.25 9.48
N SER A 74 11.35 1.03 8.99
CA SER A 74 12.37 0.13 9.50
C SER A 74 13.72 0.85 9.57
N LEU A 75 14.25 1.16 8.39
CA LEU A 75 15.51 1.85 8.29
C LEU A 75 15.77 2.26 6.84
N GLU A 76 14.72 2.74 6.20
CA GLU A 76 14.81 3.18 4.81
C GLU A 76 14.48 4.66 4.70
N ALA A 77 15.49 5.42 4.30
CA ALA A 77 15.33 6.86 4.14
C ALA A 77 14.32 7.13 3.02
N SER A 78 13.08 7.35 3.44
CA SER A 78 12.01 7.62 2.49
C SER A 78 11.66 6.36 1.72
N GLY A 79 10.65 5.65 2.21
CA GLY A 79 10.20 4.43 1.59
C GLY A 79 8.96 4.67 0.73
N ARG A 80 8.19 3.61 0.55
CA ARG A 80 6.98 3.68 -0.24
C ARG A 80 6.21 2.36 -0.19
N ILE A 81 4.90 2.47 -0.01
CA ILE A 81 4.05 1.29 0.07
C ILE A 81 3.38 1.07 -1.29
N TYR A 82 3.11 -0.20 -1.56
CA TYR A 82 2.48 -0.56 -2.82
C TYR A 82 1.36 -1.58 -2.59
N VAL A 83 0.67 -1.90 -3.68
CA VAL A 83 -0.44 -2.85 -3.61
C VAL A 83 -0.41 -3.74 -4.85
N TYR A 84 -0.33 -5.04 -4.61
CA TYR A 84 -0.29 -6.01 -5.70
C TYR A 84 -1.51 -6.95 -5.64
N ARG A 85 -1.71 -7.66 -6.73
CA ARG A 85 -2.82 -8.60 -6.82
C ARG A 85 -2.35 -10.02 -6.51
N LYS A 86 -3.25 -10.80 -5.93
CA LYS A 86 -2.94 -12.18 -5.58
C LYS A 86 -3.61 -13.11 -6.58
N ASP A 87 -2.79 -13.86 -7.30
CA ASP A 87 -3.30 -14.80 -8.29
C ASP A 87 -3.06 -16.23 -7.79
N LEU A 88 -1.80 -16.52 -7.50
CA LEU A 88 -1.42 -17.83 -7.03
C LEU A 88 0.06 -17.84 -6.65
N ALA A 89 0.49 -18.96 -6.08
CA ALA A 89 1.88 -19.09 -5.67
C ALA A 89 2.30 -17.86 -4.87
N ASP A 90 3.58 -17.82 -4.53
CA ASP A 90 4.12 -16.71 -3.78
C ASP A 90 4.55 -15.60 -4.73
N THR A 91 3.63 -15.20 -5.59
CA THR A 91 3.90 -14.16 -6.57
C THR A 91 2.87 -13.04 -6.45
N LEU A 92 3.26 -11.87 -6.94
CA LEU A 92 2.38 -10.72 -6.91
C LEU A 92 2.31 -10.08 -8.29
N ASN A 93 3.48 -9.67 -8.78
CA ASN A 93 3.57 -9.04 -10.08
C ASN A 93 2.75 -7.75 -10.09
N PRO A 94 3.32 -6.72 -10.77
CA PRO A 94 2.65 -5.43 -10.86
C PRO A 94 1.48 -5.48 -11.84
N PHE A 95 0.44 -4.73 -11.50
CA PHE A 95 -0.75 -4.68 -12.33
C PHE A 95 -0.42 -4.17 -13.74
N ALA A 96 -1.40 -4.26 -14.62
CA ALA A 96 -1.22 -3.81 -15.98
C ALA A 96 -2.32 -2.80 -16.34
N GLU A 97 -2.24 -2.30 -17.56
CA GLU A 97 -3.22 -1.32 -18.03
C GLU A 97 -4.61 -1.96 -18.10
N ASN A 98 -5.42 -1.63 -17.09
CA ASN A 98 -6.77 -2.16 -17.03
C ASN A 98 -7.75 -1.01 -16.83
N SER A 99 -8.86 -1.08 -17.55
CA SER A 99 -9.88 -0.05 -17.46
C SER A 99 -10.92 -0.44 -16.40
N GLY A 100 -11.35 0.56 -15.65
CA GLY A 100 -12.34 0.33 -14.60
C GLY A 100 -13.17 1.59 -14.34
N PRO A 101 -14.40 1.37 -13.81
CA PRO A 101 -15.29 2.48 -13.51
C PRO A 101 -14.84 3.23 -12.25
N SER A 102 -13.65 3.81 -12.34
CA SER A 102 -13.10 4.56 -11.22
C SER A 102 -13.90 5.83 -10.99
N SER A 103 -14.61 5.85 -9.87
CA SER A 103 -15.42 7.01 -9.53
C SER A 103 -14.71 7.85 -8.47
N GLY A 104 -13.79 8.68 -8.95
CA GLY A 104 -13.03 9.54 -8.06
C GLY A 104 -11.56 9.11 -8.01
N GLY A 1 1.91 9.88 18.72
CA GLY A 1 0.64 9.67 19.38
C GLY A 1 0.77 8.64 20.51
N SER A 2 0.03 8.88 21.58
CA SER A 2 0.05 7.98 22.72
C SER A 2 -1.21 8.17 23.55
N SER A 3 -2.23 7.39 23.21
CA SER A 3 -3.50 7.46 23.91
C SER A 3 -4.28 8.71 23.48
N GLY A 4 -3.65 9.86 23.71
CA GLY A 4 -4.27 11.12 23.35
C GLY A 4 -3.26 12.26 23.42
N SER A 5 -2.33 12.25 22.47
CA SER A 5 -1.30 13.27 22.40
C SER A 5 -1.20 13.82 20.98
N SER A 6 -1.86 14.95 20.77
CA SER A 6 -1.85 15.58 19.47
C SER A 6 -2.47 14.66 18.42
N GLY A 7 -3.20 15.26 17.50
CA GLY A 7 -3.85 14.50 16.44
C GLY A 7 -2.83 13.67 15.66
N GLU A 8 -3.19 12.41 15.43
CA GLU A 8 -2.33 11.52 14.70
C GLU A 8 -2.49 11.73 13.18
N GLU A 9 -2.09 12.91 12.74
CA GLU A 9 -2.18 13.26 11.34
C GLU A 9 -1.10 12.53 10.54
N ILE A 10 -1.55 11.71 9.60
CA ILE A 10 -0.63 10.96 8.76
C ILE A 10 -1.41 10.29 7.63
N PHE A 11 -0.70 9.99 6.56
CA PHE A 11 -1.32 9.36 5.41
C PHE A 11 -0.52 8.12 4.97
N CYS A 12 -1.17 7.28 4.18
CA CYS A 12 -0.55 6.07 3.69
C CYS A 12 -0.65 6.05 2.17
N HIS A 13 0.49 6.30 1.53
CA HIS A 13 0.54 6.32 0.08
C HIS A 13 0.73 4.90 -0.45
N VAL A 14 -0.26 4.43 -1.20
CA VAL A 14 -0.22 3.10 -1.77
C VAL A 14 -0.19 3.19 -3.29
N TYR A 15 1.01 3.06 -3.84
CA TYR A 15 1.18 3.12 -5.28
C TYR A 15 0.73 1.83 -5.95
N ILE A 16 -0.05 1.99 -7.01
CA ILE A 16 -0.56 0.85 -7.75
C ILE A 16 0.39 0.52 -8.90
N THR A 17 0.52 1.48 -9.81
CA THR A 17 1.38 1.31 -10.97
C THR A 17 2.66 2.12 -10.79
N GLU A 18 3.03 2.82 -11.85
CA GLU A 18 4.24 3.64 -11.83
C GLU A 18 3.87 5.10 -11.57
N HIS A 19 2.63 5.45 -11.90
CA HIS A 19 2.15 6.80 -11.71
C HIS A 19 0.74 6.77 -11.12
N SER A 20 0.54 5.83 -10.22
CA SER A 20 -0.76 5.68 -9.57
C SER A 20 -0.58 5.37 -8.09
N TYR A 21 -1.39 6.03 -7.28
CA TYR A 21 -1.33 5.84 -5.84
C TYR A 21 -2.62 6.29 -5.16
N VAL A 22 -2.70 6.03 -3.87
CA VAL A 22 -3.88 6.42 -3.10
C VAL A 22 -3.43 7.08 -1.80
N SER A 23 -4.15 8.15 -1.44
CA SER A 23 -3.84 8.88 -0.23
C SER A 23 -4.81 8.48 0.89
N VAL A 24 -4.45 7.42 1.59
CA VAL A 24 -5.28 6.94 2.69
C VAL A 24 -4.82 7.57 4.00
N LYS A 25 -5.80 7.91 4.84
CA LYS A 25 -5.50 8.52 6.11
C LYS A 25 -5.46 7.44 7.19
N ALA A 26 -4.24 7.03 7.52
CA ALA A 26 -4.05 5.99 8.53
C ALA A 26 -3.59 6.65 9.84
N LYS A 27 -3.74 5.91 10.92
CA LYS A 27 -3.34 6.40 12.23
C LYS A 27 -1.82 6.32 12.36
N VAL A 28 -1.33 6.81 13.49
CA VAL A 28 0.11 6.81 13.75
C VAL A 28 0.56 5.37 14.01
N SER A 29 -0.42 4.49 14.16
CA SER A 29 -0.13 3.09 14.42
C SER A 29 -1.18 2.21 13.73
N SER A 30 -1.52 2.59 12.51
CA SER A 30 -2.49 1.84 11.74
C SER A 30 -1.80 0.73 10.95
N ILE A 31 -2.55 -0.34 10.74
CA ILE A 31 -2.03 -1.48 10.00
C ILE A 31 -2.29 -1.28 8.51
N ALA A 32 -1.58 -2.06 7.70
CA ALA A 32 -1.73 -1.99 6.26
C ALA A 32 -3.14 -2.42 5.87
N GLN A 33 -3.62 -3.45 6.55
CA GLN A 33 -4.95 -3.97 6.29
C GLN A 33 -5.96 -2.83 6.26
N GLU A 34 -5.83 -1.93 7.23
CA GLU A 34 -6.73 -0.79 7.32
C GLU A 34 -6.70 0.02 6.02
N ILE A 35 -5.52 0.07 5.42
CA ILE A 35 -5.35 0.80 4.18
C ILE A 35 -5.73 -0.10 3.00
N LEU A 36 -5.35 -1.37 3.13
CA LEU A 36 -5.64 -2.33 2.08
C LEU A 36 -7.15 -2.39 1.84
N LYS A 37 -7.89 -2.45 2.93
CA LYS A 37 -9.35 -2.50 2.85
C LYS A 37 -9.85 -1.26 2.10
N VAL A 38 -9.10 -0.17 2.26
CA VAL A 38 -9.47 1.08 1.61
C VAL A 38 -9.00 1.03 0.15
N VAL A 39 -7.70 0.99 -0.02
CA VAL A 39 -7.12 0.94 -1.36
C VAL A 39 -7.90 -0.05 -2.21
N ALA A 40 -8.04 -1.26 -1.69
CA ALA A 40 -8.77 -2.31 -2.40
C ALA A 40 -10.01 -1.70 -3.06
N GLU A 41 -10.70 -0.86 -2.30
CA GLU A 41 -11.90 -0.21 -2.80
C GLU A 41 -11.53 0.86 -3.83
N LYS A 42 -10.52 1.64 -3.48
CA LYS A 42 -10.07 2.71 -4.36
C LYS A 42 -9.77 2.12 -5.75
N ILE A 43 -9.40 0.85 -5.75
CA ILE A 43 -9.09 0.17 -6.99
C ILE A 43 -10.25 -0.77 -7.37
N GLN A 44 -11.06 -1.06 -6.37
CA GLN A 44 -12.21 -1.94 -6.58
C GLN A 44 -11.75 -3.40 -6.68
N TYR A 45 -11.10 -3.86 -5.63
CA TYR A 45 -10.61 -5.22 -5.59
C TYR A 45 -10.90 -5.87 -4.23
N ALA A 46 -10.16 -6.93 -3.95
CA ALA A 46 -10.32 -7.65 -2.70
C ALA A 46 -9.06 -7.50 -1.86
N GLU A 47 -9.15 -6.64 -0.85
CA GLU A 47 -8.02 -6.39 0.03
C GLU A 47 -7.36 -7.72 0.43
N GLU A 48 -8.21 -8.71 0.72
CA GLU A 48 -7.73 -10.02 1.11
C GLU A 48 -6.85 -10.61 0.00
N ASP A 49 -7.21 -10.29 -1.23
CA ASP A 49 -6.47 -10.79 -2.37
C ASP A 49 -5.33 -9.82 -2.69
N LEU A 50 -5.28 -8.74 -1.94
CA LEU A 50 -4.24 -7.73 -2.12
C LEU A 50 -3.25 -7.82 -0.96
N ALA A 51 -2.25 -6.94 -1.01
CA ALA A 51 -1.23 -6.91 0.02
C ALA A 51 -0.31 -5.72 -0.22
N LEU A 52 0.08 -5.08 0.87
CA LEU A 52 0.96 -3.92 0.80
C LEU A 52 2.40 -4.40 0.71
N VAL A 53 3.04 -4.08 -0.41
CA VAL A 53 4.42 -4.46 -0.62
C VAL A 53 5.30 -3.21 -0.69
N ALA A 54 6.35 -3.21 0.12
CA ALA A 54 7.26 -2.09 0.18
C ALA A 54 8.47 -2.38 -0.70
N ILE A 55 9.10 -1.31 -1.18
CA ILE A 55 10.27 -1.44 -2.03
C ILE A 55 11.37 -0.49 -1.53
N THR A 56 12.60 -0.86 -1.84
CA THR A 56 13.74 -0.05 -1.43
C THR A 56 14.24 0.79 -2.59
N PHE A 57 15.17 1.69 -2.28
CA PHE A 57 15.74 2.57 -3.30
C PHE A 57 16.28 1.76 -4.48
N SER A 58 17.24 0.90 -4.17
CA SER A 58 17.85 0.07 -5.20
C SER A 58 16.78 -0.41 -6.19
N GLY A 59 15.84 -1.17 -5.66
CA GLY A 59 14.77 -1.70 -6.48
C GLY A 59 14.49 -3.16 -6.14
N GLU A 60 13.89 -3.37 -4.98
CA GLU A 60 13.57 -4.72 -4.53
C GLU A 60 12.21 -4.74 -3.83
N LYS A 61 11.35 -5.61 -4.32
CA LYS A 61 10.02 -5.74 -3.75
C LYS A 61 10.11 -6.41 -2.38
N HIS A 62 9.19 -6.04 -1.51
CA HIS A 62 9.16 -6.60 -0.17
C HIS A 62 7.72 -6.60 0.35
N GLU A 63 7.21 -7.80 0.57
CA GLU A 63 5.85 -7.95 1.07
C GLU A 63 5.84 -8.01 2.60
N LEU A 64 4.72 -7.61 3.17
CA LEU A 64 4.57 -7.62 4.61
C LEU A 64 3.26 -8.32 4.99
N GLN A 65 2.77 -7.98 6.17
CA GLN A 65 1.53 -8.58 6.66
C GLN A 65 0.42 -7.52 6.71
N PRO A 66 -0.84 -8.02 6.80
CA PRO A 66 -1.99 -7.13 6.87
C PRO A 66 -2.11 -6.48 8.25
N ASN A 67 -1.21 -6.89 9.14
CA ASN A 67 -1.20 -6.35 10.49
C ASN A 67 0.02 -5.46 10.68
N ASP A 68 0.83 -5.39 9.63
CA ASP A 68 2.03 -4.57 9.66
C ASP A 68 1.65 -3.10 9.65
N LEU A 69 2.54 -2.28 10.19
CA LEU A 69 2.31 -0.85 10.26
C LEU A 69 2.60 -0.23 8.88
N VAL A 70 1.76 0.73 8.52
CA VAL A 70 1.91 1.41 7.24
C VAL A 70 2.40 2.84 7.49
N ILE A 71 3.26 2.98 8.49
CA ILE A 71 3.80 4.28 8.84
C ILE A 71 5.28 4.12 9.20
N SER A 72 5.55 3.15 10.05
CA SER A 72 6.92 2.88 10.48
C SER A 72 7.78 2.48 9.28
N LYS A 73 8.99 3.01 9.25
CA LYS A 73 9.91 2.72 8.18
C LYS A 73 11.34 2.67 8.73
N SER A 74 12.28 2.45 7.83
CA SER A 74 13.68 2.39 8.21
C SER A 74 14.14 3.72 8.78
N LEU A 75 14.67 4.56 7.91
CA LEU A 75 15.14 5.87 8.31
C LEU A 75 15.38 6.73 7.08
N GLU A 76 14.58 6.47 6.05
CA GLU A 76 14.69 7.21 4.80
C GLU A 76 13.33 7.81 4.42
N ALA A 77 12.58 8.15 5.45
CA ALA A 77 11.26 8.74 5.24
C ALA A 77 10.37 7.75 4.48
N SER A 78 9.12 8.13 4.31
CA SER A 78 8.17 7.29 3.61
C SER A 78 8.74 6.86 2.27
N GLY A 79 9.28 5.65 2.24
CA GLY A 79 9.86 5.11 1.02
C GLY A 79 8.82 5.04 -0.10
N ARG A 80 8.62 3.82 -0.58
CA ARG A 80 7.65 3.60 -1.65
C ARG A 80 6.95 2.25 -1.46
N ILE A 81 5.67 2.33 -1.13
CA ILE A 81 4.88 1.13 -0.91
C ILE A 81 3.91 0.95 -2.08
N TYR A 82 3.47 -0.29 -2.25
CA TYR A 82 2.54 -0.61 -3.32
C TYR A 82 1.60 -1.75 -2.91
N VAL A 83 0.68 -2.06 -3.80
CA VAL A 83 -0.29 -3.12 -3.55
C VAL A 83 -0.36 -4.04 -4.77
N TYR A 84 -0.25 -5.34 -4.51
CA TYR A 84 -0.30 -6.32 -5.57
C TYR A 84 -1.48 -7.27 -5.38
N ARG A 85 -1.94 -7.83 -6.49
CA ARG A 85 -3.06 -8.75 -6.46
C ARG A 85 -2.56 -10.19 -6.40
N LYS A 86 -3.17 -10.95 -5.50
CA LYS A 86 -2.80 -12.34 -5.32
C LYS A 86 -3.32 -13.16 -6.50
N ASP A 87 -2.69 -14.31 -6.71
CA ASP A 87 -3.08 -15.19 -7.80
C ASP A 87 -3.33 -16.59 -7.25
N LEU A 88 -3.51 -17.53 -8.17
CA LEU A 88 -3.75 -18.91 -7.79
C LEU A 88 -2.85 -19.29 -6.62
N ALA A 89 -1.68 -18.67 -6.61
CA ALA A 89 -0.70 -18.93 -5.55
C ALA A 89 -0.47 -17.65 -4.76
N ASP A 90 0.60 -17.66 -3.97
CA ASP A 90 0.96 -16.51 -3.17
C ASP A 90 1.92 -15.61 -3.95
N THR A 91 1.64 -15.49 -5.24
CA THR A 91 2.47 -14.67 -6.11
C THR A 91 1.86 -13.28 -6.26
N LEU A 92 2.73 -12.32 -6.55
CA LEU A 92 2.30 -10.95 -6.73
C LEU A 92 2.91 -10.39 -8.02
N ASN A 93 2.08 -9.65 -8.75
CA ASN A 93 2.51 -9.06 -10.00
C ASN A 93 2.20 -7.56 -9.99
N PRO A 94 3.05 -6.78 -10.73
CA PRO A 94 2.87 -5.35 -10.80
C PRO A 94 1.69 -4.99 -11.71
N PHE A 95 0.65 -4.46 -11.09
CA PHE A 95 -0.54 -4.07 -11.82
C PHE A 95 -0.17 -3.32 -13.11
N ALA A 96 -1.16 -3.17 -13.97
CA ALA A 96 -0.96 -2.47 -15.24
C ALA A 96 0.04 -3.27 -16.09
N GLU A 97 0.17 -2.84 -17.34
CA GLU A 97 1.08 -3.49 -18.26
C GLU A 97 0.51 -4.85 -18.68
N ASN A 98 -0.55 -4.80 -19.47
CA ASN A 98 -1.19 -6.02 -19.93
C ASN A 98 -2.29 -5.66 -20.93
N SER A 99 -2.53 -6.56 -21.87
CA SER A 99 -3.54 -6.34 -22.88
C SER A 99 -4.93 -6.33 -22.23
N GLY A 100 -5.82 -5.53 -22.80
CA GLY A 100 -7.17 -5.44 -22.28
C GLY A 100 -8.13 -4.90 -23.36
N PRO A 101 -9.44 -5.20 -23.16
CA PRO A 101 -10.46 -4.76 -24.10
C PRO A 101 -10.74 -3.27 -23.95
N SER A 102 -10.50 -2.54 -25.04
CA SER A 102 -10.72 -1.10 -25.04
C SER A 102 -9.83 -0.44 -23.99
N SER A 103 -9.77 0.88 -24.07
CA SER A 103 -8.96 1.65 -23.14
C SER A 103 -9.79 2.05 -21.93
N GLY A 104 -10.88 2.76 -22.21
CA GLY A 104 -11.77 3.22 -21.15
C GLY A 104 -12.54 2.05 -20.54
N GLY A 1 3.63 0.38 19.44
CA GLY A 1 4.74 0.91 20.21
C GLY A 1 4.49 2.36 20.61
N SER A 2 4.30 2.57 21.90
CA SER A 2 4.05 3.90 22.43
C SER A 2 2.74 4.45 21.85
N SER A 3 1.74 4.49 22.71
CA SER A 3 0.43 4.99 22.31
C SER A 3 -0.04 6.06 23.30
N GLY A 4 -0.96 6.89 22.82
CA GLY A 4 -1.51 7.96 23.63
C GLY A 4 -1.45 9.30 22.90
N SER A 5 -1.64 10.36 23.66
CA SER A 5 -1.62 11.70 23.10
C SER A 5 -2.79 11.88 22.14
N SER A 6 -3.15 13.14 21.92
CA SER A 6 -4.26 13.46 21.02
C SER A 6 -3.76 14.36 19.89
N GLY A 7 -3.93 13.88 18.67
CA GLY A 7 -3.52 14.62 17.50
C GLY A 7 -2.56 13.80 16.63
N GLU A 8 -3.11 12.77 16.02
CA GLU A 8 -2.32 11.90 15.16
C GLU A 8 -2.94 11.82 13.77
N GLU A 9 -2.23 12.39 12.81
CA GLU A 9 -2.70 12.39 11.43
C GLU A 9 -1.54 12.05 10.48
N ILE A 10 -1.85 11.22 9.50
CA ILE A 10 -0.86 10.81 8.52
C ILE A 10 -1.57 10.16 7.33
N PHE A 11 -0.79 9.96 6.27
CA PHE A 11 -1.32 9.34 5.07
C PHE A 11 -0.49 8.13 4.65
N CYS A 12 -1.18 7.11 4.16
CA CYS A 12 -0.51 5.89 3.71
C CYS A 12 -0.65 5.80 2.20
N HIS A 13 0.29 6.43 1.51
CA HIS A 13 0.28 6.42 0.05
C HIS A 13 0.69 5.03 -0.45
N VAL A 14 -0.18 4.45 -1.27
CA VAL A 14 0.07 3.14 -1.83
C VAL A 14 0.21 3.25 -3.35
N TYR A 15 1.43 3.01 -3.82
CA TYR A 15 1.70 3.08 -5.24
C TYR A 15 1.31 1.78 -5.95
N ILE A 16 0.29 1.88 -6.78
CA ILE A 16 -0.20 0.73 -7.52
C ILE A 16 0.83 0.35 -8.59
N THR A 17 1.04 1.29 -9.50
CA THR A 17 1.99 1.07 -10.58
C THR A 17 3.24 1.92 -10.38
N GLU A 18 3.70 2.52 -11.47
CA GLU A 18 4.88 3.36 -11.43
C GLU A 18 4.49 4.83 -11.21
N HIS A 19 3.38 5.20 -11.82
CA HIS A 19 2.88 6.57 -11.71
C HIS A 19 1.44 6.54 -11.19
N SER A 20 1.17 5.55 -10.36
CA SER A 20 -0.17 5.40 -9.78
C SER A 20 -0.06 5.01 -8.32
N TYR A 21 -0.91 5.62 -7.51
CA TYR A 21 -0.91 5.35 -6.08
C TYR A 21 -2.23 5.79 -5.44
N VAL A 22 -2.38 5.48 -4.16
CA VAL A 22 -3.58 5.84 -3.43
C VAL A 22 -3.18 6.36 -2.05
N SER A 23 -3.72 7.53 -1.72
CA SER A 23 -3.43 8.15 -0.43
C SER A 23 -4.50 7.74 0.59
N VAL A 24 -4.09 6.91 1.54
CA VAL A 24 -4.99 6.43 2.56
C VAL A 24 -4.65 7.13 3.88
N LYS A 25 -5.54 8.02 4.29
CA LYS A 25 -5.35 8.76 5.53
C LYS A 25 -5.70 7.86 6.71
N ALA A 26 -4.67 7.28 7.30
CA ALA A 26 -4.86 6.39 8.44
C ALA A 26 -4.21 7.01 9.67
N LYS A 27 -4.31 6.29 10.79
CA LYS A 27 -3.73 6.76 12.04
C LYS A 27 -2.22 6.56 12.00
N VAL A 28 -1.57 7.02 13.06
CA VAL A 28 -0.13 6.89 13.16
C VAL A 28 0.23 5.50 13.68
N SER A 29 -0.81 4.73 13.99
CA SER A 29 -0.63 3.39 14.50
C SER A 29 -1.55 2.42 13.76
N SER A 30 -1.92 2.81 12.55
CA SER A 30 -2.80 1.99 11.74
C SER A 30 -1.99 0.93 11.01
N ILE A 31 -2.57 -0.26 10.90
CA ILE A 31 -1.91 -1.36 10.23
C ILE A 31 -2.14 -1.23 8.72
N ALA A 32 -1.33 -1.98 7.98
CA ALA A 32 -1.42 -1.96 6.52
C ALA A 32 -2.83 -2.39 6.11
N GLN A 33 -3.33 -3.42 6.78
CA GLN A 33 -4.65 -3.94 6.49
C GLN A 33 -5.67 -2.80 6.46
N GLU A 34 -5.53 -1.90 7.44
CA GLU A 34 -6.42 -0.77 7.54
C GLU A 34 -6.31 0.13 6.30
N ILE A 35 -5.27 -0.14 5.52
CA ILE A 35 -5.04 0.62 4.31
C ILE A 35 -5.48 -0.21 3.09
N LEU A 36 -4.95 -1.42 3.03
CA LEU A 36 -5.29 -2.31 1.93
C LEU A 36 -6.80 -2.36 1.76
N LYS A 37 -7.49 -2.39 2.89
CA LYS A 37 -8.95 -2.45 2.89
C LYS A 37 -9.49 -1.20 2.18
N VAL A 38 -8.74 -0.11 2.30
CA VAL A 38 -9.14 1.14 1.69
C VAL A 38 -8.76 1.11 0.20
N VAL A 39 -7.47 0.99 -0.04
CA VAL A 39 -6.97 0.96 -1.41
C VAL A 39 -7.83 0.00 -2.24
N ALA A 40 -7.94 -1.22 -1.75
CA ALA A 40 -8.73 -2.23 -2.43
C ALA A 40 -10.00 -1.58 -3.01
N GLU A 41 -10.62 -0.73 -2.19
CA GLU A 41 -11.83 -0.04 -2.59
C GLU A 41 -11.50 1.04 -3.63
N LYS A 42 -10.45 1.79 -3.34
CA LYS A 42 -10.02 2.84 -4.24
C LYS A 42 -9.85 2.28 -5.65
N ILE A 43 -9.49 1.00 -5.70
CA ILE A 43 -9.29 0.33 -6.97
C ILE A 43 -10.49 -0.56 -7.27
N GLN A 44 -11.25 -0.86 -6.21
CA GLN A 44 -12.41 -1.70 -6.35
C GLN A 44 -12.01 -3.16 -6.52
N TYR A 45 -11.26 -3.65 -5.55
CA TYR A 45 -10.79 -5.03 -5.57
C TYR A 45 -11.05 -5.73 -4.24
N ALA A 46 -10.32 -6.81 -4.03
CA ALA A 46 -10.47 -7.58 -2.80
C ALA A 46 -9.18 -7.47 -1.97
N GLU A 47 -9.22 -6.58 -0.99
CA GLU A 47 -8.07 -6.36 -0.14
C GLU A 47 -7.42 -7.69 0.23
N GLU A 48 -8.26 -8.66 0.53
CA GLU A 48 -7.78 -9.99 0.90
C GLU A 48 -6.94 -10.57 -0.23
N ASP A 49 -7.39 -10.34 -1.45
CA ASP A 49 -6.69 -10.83 -2.63
C ASP A 49 -5.51 -9.92 -2.93
N LEU A 50 -5.42 -8.84 -2.16
CA LEU A 50 -4.35 -7.88 -2.35
C LEU A 50 -3.35 -8.01 -1.20
N ALA A 51 -2.33 -7.17 -1.23
CA ALA A 51 -1.31 -7.19 -0.20
C ALA A 51 -0.43 -5.94 -0.34
N LEU A 52 0.06 -5.48 0.80
CA LEU A 52 0.91 -4.29 0.82
C LEU A 52 2.34 -4.70 0.50
N VAL A 53 2.87 -4.11 -0.56
CA VAL A 53 4.23 -4.39 -0.98
C VAL A 53 5.12 -3.19 -0.67
N ALA A 54 6.37 -3.50 -0.34
CA ALA A 54 7.33 -2.46 -0.02
C ALA A 54 8.46 -2.48 -1.04
N ILE A 55 8.79 -1.29 -1.54
CA ILE A 55 9.85 -1.16 -2.53
C ILE A 55 10.94 -0.24 -1.97
N THR A 56 12.02 -0.85 -1.52
CA THR A 56 13.13 -0.10 -0.97
C THR A 56 13.74 0.80 -2.04
N PHE A 57 14.39 1.86 -1.57
CA PHE A 57 15.02 2.81 -2.48
C PHE A 57 16.04 2.11 -3.39
N SER A 58 15.59 1.81 -4.59
CA SER A 58 16.44 1.14 -5.57
C SER A 58 15.58 0.39 -6.58
N GLY A 59 14.94 -0.67 -6.10
CA GLY A 59 14.09 -1.49 -6.94
C GLY A 59 13.98 -2.91 -6.40
N GLU A 60 13.36 -3.02 -5.23
CA GLU A 60 13.20 -4.32 -4.60
C GLU A 60 11.85 -4.38 -3.85
N LYS A 61 10.91 -5.07 -4.47
CA LYS A 61 9.58 -5.20 -3.88
C LYS A 61 9.61 -6.31 -2.82
N HIS A 62 8.81 -6.11 -1.78
CA HIS A 62 8.74 -7.08 -0.71
C HIS A 62 7.30 -7.15 -0.18
N GLU A 63 7.00 -8.27 0.47
CA GLU A 63 5.67 -8.47 1.02
C GLU A 63 5.72 -8.46 2.55
N LEU A 64 4.83 -7.67 3.13
CA LEU A 64 4.76 -7.55 4.59
C LEU A 64 3.50 -8.25 5.09
N GLN A 65 3.07 -7.84 6.27
CA GLN A 65 1.88 -8.42 6.88
C GLN A 65 0.75 -7.39 6.91
N PRO A 66 -0.49 -7.90 7.10
CA PRO A 66 -1.66 -7.05 7.14
C PRO A 66 -1.73 -6.28 8.47
N ASN A 67 -0.79 -6.61 9.35
CA ASN A 67 -0.74 -5.96 10.66
C ASN A 67 0.54 -5.13 10.75
N ASP A 68 1.06 -4.78 9.59
CA ASP A 68 2.28 -3.98 9.52
C ASP A 68 1.91 -2.50 9.51
N LEU A 69 2.51 -1.77 10.44
CA LEU A 69 2.25 -0.33 10.53
C LEU A 69 2.74 0.36 9.27
N VAL A 70 1.84 0.48 8.31
CA VAL A 70 2.16 1.12 7.05
C VAL A 70 3.09 2.31 7.31
N ILE A 71 2.74 3.08 8.33
CA ILE A 71 3.52 4.25 8.69
C ILE A 71 4.94 3.80 9.08
N SER A 72 5.00 2.87 10.02
CA SER A 72 6.27 2.36 10.48
C SER A 72 7.17 2.03 9.29
N LYS A 73 8.47 2.11 9.53
CA LYS A 73 9.44 1.84 8.49
C LYS A 73 10.86 1.95 9.07
N SER A 74 11.57 0.83 9.04
CA SER A 74 12.93 0.80 9.56
C SER A 74 13.71 2.03 9.08
N LEU A 75 14.06 2.01 7.81
CA LEU A 75 14.80 3.11 7.22
C LEU A 75 14.94 2.88 5.71
N GLU A 76 14.70 3.93 4.96
CA GLU A 76 14.79 3.86 3.51
C GLU A 76 14.52 5.23 2.89
N ALA A 77 15.22 5.50 1.80
CA ALA A 77 15.06 6.77 1.10
C ALA A 77 13.67 6.82 0.45
N SER A 78 12.84 7.70 0.99
CA SER A 78 11.49 7.87 0.48
C SER A 78 10.80 6.49 0.40
N GLY A 79 10.02 6.21 1.44
CA GLY A 79 9.29 4.95 1.50
C GLY A 79 7.97 5.03 0.73
N ARG A 80 7.77 4.06 -0.14
CA ARG A 80 6.56 4.00 -0.94
C ARG A 80 5.94 2.61 -0.89
N ILE A 81 4.78 2.53 -0.27
CA ILE A 81 4.08 1.26 -0.15
C ILE A 81 3.33 0.97 -1.46
N TYR A 82 3.24 -0.31 -1.77
CA TYR A 82 2.57 -0.75 -2.99
C TYR A 82 1.45 -1.74 -2.67
N VAL A 83 0.71 -2.11 -3.70
CA VAL A 83 -0.38 -3.05 -3.55
C VAL A 83 -0.43 -3.98 -4.77
N TYR A 84 -0.30 -5.27 -4.48
CA TYR A 84 -0.32 -6.27 -5.54
C TYR A 84 -1.58 -7.13 -5.45
N ARG A 85 -1.87 -7.81 -6.54
CA ARG A 85 -3.04 -8.67 -6.61
C ARG A 85 -2.61 -10.14 -6.62
N LYS A 86 -3.14 -10.89 -5.66
CA LYS A 86 -2.83 -12.30 -5.56
C LYS A 86 -3.53 -13.07 -6.68
N ASP A 87 -2.73 -13.78 -7.45
CA ASP A 87 -3.24 -14.56 -8.56
C ASP A 87 -2.10 -15.31 -9.24
N LEU A 88 -2.40 -16.53 -9.66
CA LEU A 88 -1.41 -17.36 -10.32
C LEU A 88 -0.24 -17.61 -9.37
N ALA A 89 -0.01 -18.88 -9.09
CA ALA A 89 1.07 -19.26 -8.20
C ALA A 89 0.96 -18.48 -6.88
N ASP A 90 1.96 -18.65 -6.03
CA ASP A 90 1.97 -17.97 -4.75
C ASP A 90 2.84 -16.72 -4.85
N THR A 91 2.57 -15.95 -5.90
CA THR A 91 3.33 -14.72 -6.12
C THR A 91 2.41 -13.51 -6.00
N LEU A 92 2.86 -12.40 -6.57
CA LEU A 92 2.09 -11.16 -6.53
C LEU A 92 2.19 -10.47 -7.89
N ASN A 93 3.38 -9.99 -8.19
CA ASN A 93 3.62 -9.30 -9.44
C ASN A 93 2.88 -7.97 -9.44
N PRO A 94 3.59 -6.91 -9.95
CA PRO A 94 3.01 -5.58 -10.01
C PRO A 94 1.97 -5.48 -11.13
N PHE A 95 1.03 -4.57 -10.94
CA PHE A 95 -0.02 -4.36 -11.93
C PHE A 95 0.56 -3.77 -13.22
N ALA A 96 -0.30 -3.70 -14.23
CA ALA A 96 0.10 -3.16 -15.52
C ALA A 96 1.09 -4.11 -16.18
N GLU A 97 0.53 -5.15 -16.80
CA GLU A 97 1.35 -6.14 -17.47
C GLU A 97 0.68 -6.59 -18.77
N ASN A 98 1.45 -7.26 -19.61
CA ASN A 98 0.95 -7.75 -20.88
C ASN A 98 -0.28 -8.62 -20.64
N SER A 99 -1.44 -8.06 -20.92
CA SER A 99 -2.69 -8.78 -20.74
C SER A 99 -3.84 -7.99 -21.35
N GLY A 100 -4.99 -8.65 -21.43
CA GLY A 100 -6.17 -8.02 -22.00
C GLY A 100 -6.83 -7.08 -20.98
N PRO A 101 -7.80 -6.27 -21.49
CA PRO A 101 -8.50 -5.33 -20.64
C PRO A 101 -9.54 -6.06 -19.76
N SER A 102 -9.85 -5.43 -18.63
CA SER A 102 -10.81 -5.99 -17.70
C SER A 102 -12.01 -5.06 -17.57
N SER A 103 -13.07 -5.59 -16.97
CA SER A 103 -14.29 -4.83 -16.76
C SER A 103 -15.31 -5.65 -15.98
N GLY A 104 -15.65 -6.80 -16.55
CA GLY A 104 -16.61 -7.69 -15.92
C GLY A 104 -16.51 -9.10 -16.49
N GLY A 1 -22.14 5.27 7.09
CA GLY A 1 -21.21 5.56 8.17
C GLY A 1 -20.17 6.58 7.73
N SER A 2 -19.46 7.14 8.72
CA SER A 2 -18.44 8.13 8.44
C SER A 2 -17.32 8.01 9.49
N SER A 3 -17.70 8.19 10.74
CA SER A 3 -16.75 8.11 11.83
C SER A 3 -15.71 9.23 11.70
N GLY A 4 -15.52 9.96 12.79
CA GLY A 4 -14.56 11.05 12.80
C GLY A 4 -13.18 10.56 13.20
N SER A 5 -12.33 11.51 13.59
CA SER A 5 -10.98 11.18 14.00
C SER A 5 -10.26 12.44 14.48
N SER A 6 -9.20 12.23 15.25
CA SER A 6 -8.43 13.34 15.78
C SER A 6 -7.13 12.81 16.41
N GLY A 7 -6.20 13.74 16.62
CA GLY A 7 -4.93 13.38 17.21
C GLY A 7 -3.97 12.82 16.17
N GLU A 8 -3.70 11.52 16.28
CA GLU A 8 -2.81 10.85 15.36
C GLU A 8 -3.36 10.95 13.93
N GLU A 9 -2.79 11.88 13.18
CA GLU A 9 -3.20 12.08 11.80
C GLU A 9 -2.02 11.85 10.85
N ILE A 10 -2.33 11.20 9.74
CA ILE A 10 -1.31 10.91 8.75
C ILE A 10 -1.96 10.22 7.54
N PHE A 11 -1.18 10.06 6.49
CA PHE A 11 -1.66 9.43 5.27
C PHE A 11 -0.78 8.25 4.88
N CYS A 12 -1.36 7.35 4.10
CA CYS A 12 -0.64 6.16 3.65
C CYS A 12 -0.61 6.19 2.12
N HIS A 13 0.56 6.53 1.59
CA HIS A 13 0.74 6.59 0.16
C HIS A 13 0.92 5.17 -0.40
N VAL A 14 -0.12 4.71 -1.08
CA VAL A 14 -0.09 3.37 -1.67
C VAL A 14 -0.10 3.50 -3.19
N TYR A 15 1.04 3.19 -3.79
CA TYR A 15 1.17 3.26 -5.22
C TYR A 15 0.65 1.98 -5.88
N ILE A 16 -0.22 2.16 -6.87
CA ILE A 16 -0.80 1.03 -7.59
C ILE A 16 0.12 0.66 -8.75
N THR A 17 0.37 1.64 -9.61
CA THR A 17 1.22 1.42 -10.76
C THR A 17 2.50 2.24 -10.65
N GLU A 18 2.91 2.82 -11.76
CA GLU A 18 4.11 3.64 -11.80
C GLU A 18 3.77 5.10 -11.51
N HIS A 19 2.58 5.49 -11.92
CA HIS A 19 2.12 6.85 -11.71
C HIS A 19 0.70 6.84 -11.16
N SER A 20 0.46 5.88 -10.27
CA SER A 20 -0.85 5.74 -9.65
C SER A 20 -0.70 5.41 -8.17
N TYR A 21 -1.55 6.01 -7.36
CA TYR A 21 -1.53 5.78 -5.93
C TYR A 21 -2.87 6.13 -5.29
N VAL A 22 -2.92 5.98 -3.97
CA VAL A 22 -4.13 6.27 -3.24
C VAL A 22 -3.76 6.91 -1.89
N SER A 23 -4.42 8.03 -1.60
CA SER A 23 -4.17 8.74 -0.36
C SER A 23 -5.14 8.25 0.73
N VAL A 24 -4.67 7.27 1.48
CA VAL A 24 -5.48 6.72 2.56
C VAL A 24 -5.07 7.36 3.88
N LYS A 25 -6.08 7.73 4.66
CA LYS A 25 -5.84 8.35 5.96
C LYS A 25 -5.48 7.27 6.97
N ALA A 26 -4.18 7.13 7.21
CA ALA A 26 -3.69 6.15 8.15
C ALA A 26 -3.39 6.84 9.49
N LYS A 27 -2.95 6.04 10.45
CA LYS A 27 -2.62 6.54 11.76
C LYS A 27 -1.13 6.34 12.02
N VAL A 28 -0.68 6.85 13.18
CA VAL A 28 0.71 6.72 13.56
C VAL A 28 1.00 5.28 13.97
N SER A 29 -0.08 4.52 14.14
CA SER A 29 0.05 3.13 14.53
C SER A 29 -1.06 2.29 13.87
N SER A 30 -1.25 2.56 12.58
CA SER A 30 -2.26 1.84 11.82
C SER A 30 -1.61 0.69 11.04
N ILE A 31 -2.39 -0.37 10.88
CA ILE A 31 -1.91 -1.54 10.15
C ILE A 31 -2.14 -1.34 8.65
N ALA A 32 -1.50 -2.19 7.87
CA ALA A 32 -1.63 -2.12 6.43
C ALA A 32 -3.07 -2.42 6.02
N GLN A 33 -3.63 -3.45 6.66
CA GLN A 33 -4.99 -3.85 6.38
C GLN A 33 -5.91 -2.63 6.36
N GLU A 34 -5.71 -1.76 7.34
CA GLU A 34 -6.51 -0.55 7.44
C GLU A 34 -6.41 0.26 6.15
N ILE A 35 -5.31 0.07 5.45
CA ILE A 35 -5.08 0.77 4.19
C ILE A 35 -5.48 -0.13 3.03
N LEU A 36 -4.99 -1.36 3.07
CA LEU A 36 -5.29 -2.32 2.03
C LEU A 36 -6.80 -2.45 1.87
N LYS A 37 -7.49 -2.47 3.00
CA LYS A 37 -8.93 -2.58 3.01
C LYS A 37 -9.53 -1.38 2.27
N VAL A 38 -8.85 -0.25 2.39
CA VAL A 38 -9.30 0.97 1.74
C VAL A 38 -8.90 0.94 0.26
N VAL A 39 -7.59 0.89 0.05
CA VAL A 39 -7.06 0.86 -1.30
C VAL A 39 -7.87 -0.12 -2.15
N ALA A 40 -7.97 -1.34 -1.65
CA ALA A 40 -8.73 -2.37 -2.35
C ALA A 40 -10.00 -1.76 -2.92
N GLU A 41 -10.66 -0.95 -2.11
CA GLU A 41 -11.89 -0.30 -2.52
C GLU A 41 -11.60 0.81 -3.53
N LYS A 42 -10.55 1.58 -3.22
CA LYS A 42 -10.15 2.67 -4.09
C LYS A 42 -9.90 2.14 -5.50
N ILE A 43 -9.61 0.85 -5.57
CA ILE A 43 -9.35 0.20 -6.84
C ILE A 43 -10.50 -0.75 -7.17
N GLN A 44 -11.27 -1.08 -6.15
CA GLN A 44 -12.40 -1.98 -6.31
C GLN A 44 -11.91 -3.42 -6.48
N TYR A 45 -11.18 -3.88 -5.47
CA TYR A 45 -10.64 -5.23 -5.49
C TYR A 45 -10.87 -5.94 -4.15
N ALA A 46 -10.09 -6.97 -3.93
CA ALA A 46 -10.20 -7.74 -2.69
C ALA A 46 -8.91 -7.55 -1.88
N GLU A 47 -9.00 -6.69 -0.87
CA GLU A 47 -7.87 -6.41 -0.01
C GLU A 47 -7.14 -7.71 0.35
N GLU A 48 -7.94 -8.73 0.62
CA GLU A 48 -7.40 -10.03 0.99
C GLU A 48 -6.53 -10.57 -0.16
N ASP A 49 -6.98 -10.35 -1.37
CA ASP A 49 -6.27 -10.80 -2.55
C ASP A 49 -5.13 -9.82 -2.85
N LEU A 50 -5.09 -8.75 -2.07
CA LEU A 50 -4.06 -7.74 -2.25
C LEU A 50 -3.05 -7.85 -1.11
N ALA A 51 -2.06 -6.96 -1.16
CA ALA A 51 -1.03 -6.94 -0.14
C ALA A 51 -0.11 -5.74 -0.37
N LEU A 52 0.27 -5.09 0.72
CA LEU A 52 1.15 -3.94 0.64
C LEU A 52 2.60 -4.41 0.54
N VAL A 53 3.20 -4.13 -0.61
CA VAL A 53 4.59 -4.52 -0.85
C VAL A 53 5.45 -3.26 -0.95
N ALA A 54 6.35 -3.12 0.01
CA ALA A 54 7.24 -1.98 0.04
C ALA A 54 8.51 -2.30 -0.75
N ILE A 55 9.07 -1.27 -1.36
CA ILE A 55 10.29 -1.44 -2.14
C ILE A 55 11.33 -0.42 -1.68
N THR A 56 12.59 -0.76 -1.91
CA THR A 56 13.69 0.10 -1.53
C THR A 56 14.35 0.72 -2.76
N PHE A 57 15.44 1.42 -2.52
CA PHE A 57 16.17 2.06 -3.61
C PHE A 57 16.87 1.03 -4.49
N SER A 58 17.52 0.08 -3.82
CA SER A 58 18.23 -0.97 -4.53
C SER A 58 17.32 -1.59 -5.60
N GLY A 59 16.03 -1.61 -5.29
CA GLY A 59 15.05 -2.17 -6.20
C GLY A 59 14.72 -3.62 -5.83
N GLU A 60 14.08 -3.76 -4.68
CA GLU A 60 13.69 -5.07 -4.19
C GLU A 60 12.29 -5.03 -3.59
N LYS A 61 11.47 -5.98 -4.00
CA LYS A 61 10.10 -6.06 -3.51
C LYS A 61 10.10 -6.67 -2.11
N HIS A 62 9.15 -6.22 -1.30
CA HIS A 62 9.02 -6.72 0.06
C HIS A 62 7.56 -6.65 0.50
N GLU A 63 6.96 -7.82 0.65
CA GLU A 63 5.57 -7.90 1.07
C GLU A 63 5.49 -7.98 2.60
N LEU A 64 4.72 -7.04 3.16
CA LEU A 64 4.53 -6.99 4.59
C LEU A 64 3.39 -7.93 5.00
N GLN A 65 2.43 -7.36 5.70
CA GLN A 65 1.28 -8.13 6.15
C GLN A 65 0.09 -7.20 6.40
N PRO A 66 -1.09 -7.83 6.65
CA PRO A 66 -2.30 -7.08 6.91
C PRO A 66 -2.29 -6.48 8.31
N ASN A 67 -1.12 -6.54 8.94
CA ASN A 67 -0.96 -6.01 10.28
C ASN A 67 0.23 -5.05 10.31
N ASP A 68 1.26 -5.42 9.56
CA ASP A 68 2.46 -4.60 9.49
C ASP A 68 2.07 -3.13 9.33
N LEU A 69 2.55 -2.32 10.25
CA LEU A 69 2.25 -0.90 10.23
C LEU A 69 2.61 -0.33 8.85
N VAL A 70 1.84 0.66 8.44
CA VAL A 70 2.06 1.30 7.16
C VAL A 70 2.61 2.72 7.38
N ILE A 71 3.51 2.82 8.35
CA ILE A 71 4.11 4.10 8.68
C ILE A 71 5.60 3.90 8.96
N SER A 72 5.88 2.93 9.81
CA SER A 72 7.26 2.62 10.16
C SER A 72 8.10 2.46 8.90
N LYS A 73 9.25 3.14 8.90
CA LYS A 73 10.15 3.08 7.76
C LYS A 73 11.48 3.74 8.14
N SER A 74 12.51 2.91 8.24
CA SER A 74 13.83 3.40 8.58
C SER A 74 14.70 3.46 7.34
N LEU A 75 15.12 2.29 6.88
CA LEU A 75 15.96 2.20 5.70
C LEU A 75 15.59 0.94 4.91
N GLU A 76 15.58 -0.18 5.61
CA GLU A 76 15.24 -1.45 4.99
C GLU A 76 13.96 -1.32 4.17
N ALA A 77 12.96 -0.72 4.78
CA ALA A 77 11.68 -0.52 4.12
C ALA A 77 11.30 0.96 4.17
N SER A 78 11.09 1.52 2.99
CA SER A 78 10.73 2.92 2.89
C SER A 78 10.60 3.33 1.41
N GLY A 79 10.09 4.53 1.21
CA GLY A 79 9.91 5.04 -0.15
C GLY A 79 8.43 5.19 -0.48
N ARG A 80 7.89 4.15 -1.09
CA ARG A 80 6.48 4.14 -1.47
C ARG A 80 5.91 2.73 -1.41
N ILE A 81 4.85 2.58 -0.63
CA ILE A 81 4.20 1.29 -0.48
C ILE A 81 3.38 0.99 -1.73
N TYR A 82 3.45 -0.27 -2.15
CA TYR A 82 2.71 -0.70 -3.33
C TYR A 82 1.76 -1.85 -3.00
N VAL A 83 0.80 -2.06 -3.88
CA VAL A 83 -0.18 -3.11 -3.69
C VAL A 83 -0.25 -3.97 -4.95
N TYR A 84 -0.21 -5.28 -4.74
CA TYR A 84 -0.27 -6.22 -5.84
C TYR A 84 -1.48 -7.14 -5.73
N ARG A 85 -1.94 -7.61 -6.88
CA ARG A 85 -3.09 -8.51 -6.91
C ARG A 85 -2.64 -9.96 -6.95
N LYS A 86 -3.08 -10.73 -5.98
CA LYS A 86 -2.74 -12.13 -5.90
C LYS A 86 -3.31 -12.86 -7.11
N ASP A 87 -2.64 -13.94 -7.48
CA ASP A 87 -3.06 -14.73 -8.62
C ASP A 87 -1.96 -15.73 -9.00
N LEU A 88 -0.87 -15.18 -9.51
CA LEU A 88 0.27 -16.00 -9.91
C LEU A 88 0.93 -16.58 -8.66
N ALA A 89 0.18 -17.42 -7.96
CA ALA A 89 0.69 -18.06 -6.75
C ALA A 89 0.96 -16.98 -5.71
N ASP A 90 1.77 -17.35 -4.72
CA ASP A 90 2.11 -16.44 -3.65
C ASP A 90 2.77 -15.19 -4.25
N THR A 91 3.36 -15.37 -5.42
CA THR A 91 4.03 -14.27 -6.11
C THR A 91 3.07 -13.09 -6.27
N LEU A 92 3.62 -11.99 -6.74
CA LEU A 92 2.83 -10.79 -6.94
C LEU A 92 3.27 -10.10 -8.24
N ASN A 93 2.29 -9.64 -9.00
CA ASN A 93 2.57 -8.96 -10.26
C ASN A 93 2.18 -7.49 -10.14
N PRO A 94 3.00 -6.62 -10.79
CA PRO A 94 2.75 -5.19 -10.76
C PRO A 94 1.57 -4.83 -11.67
N PHE A 95 0.66 -4.04 -11.12
CA PHE A 95 -0.50 -3.61 -11.87
C PHE A 95 -0.09 -2.90 -13.16
N ALA A 96 -1.10 -2.60 -13.98
CA ALA A 96 -0.85 -1.92 -15.24
C ALA A 96 0.31 -2.60 -15.96
N GLU A 97 0.03 -3.78 -16.49
CA GLU A 97 1.04 -4.54 -17.21
C GLU A 97 1.77 -3.64 -18.21
N ASN A 98 1.01 -3.15 -19.18
CA ASN A 98 1.56 -2.28 -20.20
C ASN A 98 1.98 -0.95 -19.56
N SER A 99 3.12 -0.45 -20.01
CA SER A 99 3.64 0.81 -19.48
C SER A 99 2.85 1.98 -20.08
N GLY A 100 2.48 2.91 -19.20
CA GLY A 100 1.73 4.07 -19.62
C GLY A 100 2.24 5.33 -18.93
N PRO A 101 2.79 6.26 -19.75
CA PRO A 101 3.32 7.52 -19.23
C PRO A 101 2.19 8.47 -18.85
N SER A 102 2.48 9.32 -17.86
CA SER A 102 1.50 10.28 -17.40
C SER A 102 2.16 11.26 -16.43
N SER A 103 2.58 12.39 -16.98
CA SER A 103 3.23 13.42 -16.18
C SER A 103 2.94 14.80 -16.76
N GLY A 104 1.96 15.47 -16.18
CA GLY A 104 1.57 16.79 -16.63
C GLY A 104 2.58 17.85 -16.15
N GLY A 1 -6.08 23.11 -3.81
CA GLY A 1 -6.37 22.05 -2.85
C GLY A 1 -5.29 21.99 -1.78
N SER A 2 -5.74 21.98 -0.53
CA SER A 2 -4.83 21.93 0.60
C SER A 2 -5.62 22.05 1.91
N SER A 3 -5.62 20.96 2.67
CA SER A 3 -6.32 20.94 3.94
C SER A 3 -5.87 19.72 4.75
N GLY A 4 -5.71 19.95 6.05
CA GLY A 4 -5.29 18.88 6.96
C GLY A 4 -4.33 19.41 8.01
N SER A 5 -4.63 19.12 9.26
CA SER A 5 -3.81 19.56 10.37
C SER A 5 -4.50 19.26 11.70
N SER A 6 -3.69 19.20 12.75
CA SER A 6 -4.21 18.92 14.07
C SER A 6 -4.47 17.41 14.24
N GLY A 7 -3.83 16.86 15.26
CA GLY A 7 -3.97 15.43 15.53
C GLY A 7 -3.13 14.60 14.56
N GLU A 8 -3.40 13.30 14.58
CA GLU A 8 -2.68 12.39 13.70
C GLU A 8 -2.50 13.01 12.31
N GLU A 9 -3.61 13.23 11.64
CA GLU A 9 -3.59 13.81 10.32
C GLU A 9 -2.42 13.26 9.51
N ILE A 10 -2.56 12.00 9.10
CA ILE A 10 -1.53 11.34 8.33
C ILE A 10 -2.18 10.55 7.18
N PHE A 11 -1.46 10.49 6.07
CA PHE A 11 -1.96 9.78 4.91
C PHE A 11 -0.94 8.75 4.42
N CYS A 12 -1.46 7.57 4.07
CA CYS A 12 -0.61 6.49 3.61
C CYS A 12 -0.66 6.48 2.08
N HIS A 13 0.47 6.81 1.48
CA HIS A 13 0.57 6.84 0.03
C HIS A 13 0.74 5.42 -0.50
N VAL A 14 -0.29 4.96 -1.19
CA VAL A 14 -0.27 3.61 -1.75
C VAL A 14 -0.14 3.71 -3.27
N TYR A 15 1.08 3.53 -3.74
CA TYR A 15 1.35 3.60 -5.17
C TYR A 15 0.96 2.28 -5.86
N ILE A 16 -0.05 2.37 -6.70
CA ILE A 16 -0.53 1.20 -7.43
C ILE A 16 0.55 0.76 -8.42
N THR A 17 0.89 1.67 -9.32
CA THR A 17 1.90 1.37 -10.33
C THR A 17 2.99 2.45 -10.32
N GLU A 18 3.32 2.92 -11.52
CA GLU A 18 4.32 3.95 -11.66
C GLU A 18 3.78 5.30 -11.20
N HIS A 19 2.96 5.90 -12.06
CA HIS A 19 2.37 7.19 -11.75
C HIS A 19 0.92 6.99 -11.30
N SER A 20 0.74 6.03 -10.41
CA SER A 20 -0.59 5.74 -9.89
C SER A 20 -0.52 5.45 -8.39
N TYR A 21 -1.48 6.01 -7.67
CA TYR A 21 -1.53 5.82 -6.23
C TYR A 21 -2.93 6.12 -5.69
N VAL A 22 -3.06 6.02 -4.37
CA VAL A 22 -4.33 6.28 -3.72
C VAL A 22 -4.08 6.82 -2.31
N SER A 23 -4.63 7.99 -2.05
CA SER A 23 -4.48 8.62 -0.75
C SER A 23 -5.38 7.93 0.28
N VAL A 24 -4.76 7.47 1.35
CA VAL A 24 -5.47 6.79 2.41
C VAL A 24 -5.20 7.50 3.74
N LYS A 25 -6.28 7.95 4.36
CA LYS A 25 -6.18 8.65 5.63
C LYS A 25 -6.30 7.63 6.78
N ALA A 26 -5.15 7.23 7.30
CA ALA A 26 -5.11 6.27 8.38
C ALA A 26 -4.48 6.93 9.61
N LYS A 27 -4.39 6.14 10.68
CA LYS A 27 -3.80 6.62 11.92
C LYS A 27 -2.28 6.59 11.81
N VAL A 28 -1.63 7.36 12.67
CA VAL A 28 -0.18 7.43 12.67
C VAL A 28 0.39 6.08 13.11
N SER A 29 -0.50 5.24 13.63
CA SER A 29 -0.10 3.91 14.08
C SER A 29 -1.04 2.85 13.49
N SER A 30 -1.50 3.13 12.28
CA SER A 30 -2.40 2.22 11.61
C SER A 30 -1.60 1.13 10.88
N ILE A 31 -2.24 0.00 10.69
CA ILE A 31 -1.60 -1.13 10.02
C ILE A 31 -1.84 -1.01 8.51
N ALA A 32 -1.03 -1.75 7.76
CA ALA A 32 -1.14 -1.75 6.31
C ALA A 32 -2.56 -2.15 5.91
N GLN A 33 -3.08 -3.16 6.59
CA GLN A 33 -4.42 -3.64 6.33
C GLN A 33 -5.41 -2.49 6.33
N GLU A 34 -5.26 -1.61 7.30
CA GLU A 34 -6.13 -0.46 7.42
C GLU A 34 -6.10 0.36 6.13
N ILE A 35 -5.08 0.12 5.33
CA ILE A 35 -4.92 0.83 4.08
C ILE A 35 -5.41 -0.06 2.93
N LEU A 36 -4.94 -1.30 2.95
CA LEU A 36 -5.32 -2.25 1.92
C LEU A 36 -6.84 -2.37 1.88
N LYS A 37 -7.44 -2.39 3.06
CA LYS A 37 -8.89 -2.49 3.16
C LYS A 37 -9.53 -1.27 2.50
N VAL A 38 -8.80 -0.17 2.52
CA VAL A 38 -9.29 1.07 1.93
C VAL A 38 -8.95 1.08 0.43
N VAL A 39 -7.67 0.90 0.15
CA VAL A 39 -7.21 0.89 -1.23
C VAL A 39 -8.05 -0.10 -2.04
N ALA A 40 -8.11 -1.33 -1.52
CA ALA A 40 -8.87 -2.37 -2.19
C ALA A 40 -10.17 -1.79 -2.75
N GLU A 41 -10.83 -0.99 -1.91
CA GLU A 41 -12.07 -0.37 -2.31
C GLU A 41 -11.80 0.74 -3.34
N LYS A 42 -10.73 1.48 -3.09
CA LYS A 42 -10.35 2.57 -3.98
C LYS A 42 -9.99 2.00 -5.35
N ILE A 43 -9.72 0.70 -5.36
CA ILE A 43 -9.35 0.02 -6.58
C ILE A 43 -10.44 -1.00 -6.95
N GLN A 44 -11.41 -1.11 -6.07
CA GLN A 44 -12.52 -2.04 -6.28
C GLN A 44 -12.00 -3.48 -6.35
N TYR A 45 -11.44 -3.93 -5.23
CA TYR A 45 -10.91 -5.28 -5.15
C TYR A 45 -11.09 -5.86 -3.76
N ALA A 46 -10.40 -6.97 -3.52
CA ALA A 46 -10.48 -7.63 -2.22
C ALA A 46 -9.13 -7.51 -1.51
N GLU A 47 -9.10 -6.64 -0.52
CA GLU A 47 -7.88 -6.42 0.24
C GLU A 47 -7.13 -7.74 0.44
N GLU A 48 -7.88 -8.76 0.82
CA GLU A 48 -7.31 -10.08 1.04
C GLU A 48 -6.56 -10.54 -0.20
N ASP A 49 -7.22 -10.39 -1.34
CA ASP A 49 -6.62 -10.79 -2.61
C ASP A 49 -5.46 -9.84 -2.94
N LEU A 50 -5.37 -8.78 -2.17
CA LEU A 50 -4.32 -7.79 -2.38
C LEU A 50 -3.24 -7.98 -1.31
N ALA A 51 -2.22 -7.14 -1.40
CA ALA A 51 -1.12 -7.20 -0.45
C ALA A 51 -0.25 -5.94 -0.60
N LEU A 52 0.25 -5.47 0.54
CA LEU A 52 1.09 -4.29 0.54
C LEU A 52 2.52 -4.68 0.18
N VAL A 53 2.96 -4.18 -0.97
CA VAL A 53 4.30 -4.46 -1.45
C VAL A 53 5.21 -3.27 -1.12
N ALA A 54 6.34 -3.59 -0.50
CA ALA A 54 7.31 -2.57 -0.14
C ALA A 54 8.54 -2.68 -1.05
N ILE A 55 8.94 -1.54 -1.59
CA ILE A 55 10.09 -1.49 -2.47
C ILE A 55 11.24 -0.75 -1.78
N THR A 56 12.29 -1.51 -1.47
CA THR A 56 13.45 -0.93 -0.80
C THR A 56 14.10 0.12 -1.69
N PHE A 57 14.94 0.93 -1.07
CA PHE A 57 15.65 1.98 -1.80
C PHE A 57 16.29 1.43 -3.07
N SER A 58 17.22 0.52 -2.88
CA SER A 58 17.92 -0.08 -4.01
C SER A 58 16.93 -0.35 -5.14
N GLY A 59 16.08 -1.34 -4.93
CA GLY A 59 15.08 -1.70 -5.93
C GLY A 59 14.69 -3.17 -5.79
N GLU A 60 13.94 -3.45 -4.73
CA GLU A 60 13.48 -4.80 -4.48
C GLU A 60 12.15 -4.78 -3.72
N LYS A 61 11.14 -5.34 -4.37
CA LYS A 61 9.81 -5.39 -3.79
C LYS A 61 9.78 -6.48 -2.71
N HIS A 62 8.85 -6.32 -1.78
CA HIS A 62 8.71 -7.28 -0.69
C HIS A 62 7.25 -7.29 -0.22
N GLU A 63 6.82 -8.46 0.22
CA GLU A 63 5.46 -8.62 0.71
C GLU A 63 5.45 -8.77 2.23
N LEU A 64 4.89 -7.76 2.88
CA LEU A 64 4.81 -7.77 4.34
C LEU A 64 3.48 -8.38 4.77
N GLN A 65 3.10 -8.09 6.00
CA GLN A 65 1.85 -8.60 6.55
C GLN A 65 0.81 -7.49 6.65
N PRO A 66 -0.46 -7.91 6.81
CA PRO A 66 -1.56 -6.97 6.92
C PRO A 66 -1.57 -6.28 8.30
N ASN A 67 -0.63 -6.71 9.13
CA ASN A 67 -0.51 -6.16 10.48
C ASN A 67 0.78 -5.36 10.58
N ASP A 68 1.40 -5.13 9.44
CA ASP A 68 2.65 -4.39 9.38
C ASP A 68 2.35 -2.90 9.27
N LEU A 69 2.69 -2.17 10.31
CA LEU A 69 2.47 -0.73 10.34
C LEU A 69 2.84 -0.13 8.97
N VAL A 70 2.12 0.92 8.61
CA VAL A 70 2.37 1.59 7.34
C VAL A 70 3.00 2.96 7.60
N ILE A 71 2.86 3.41 8.84
CA ILE A 71 3.41 4.70 9.23
C ILE A 71 4.40 4.49 10.39
N SER A 72 5.52 3.85 10.06
CA SER A 72 6.54 3.59 11.06
C SER A 72 7.64 2.72 10.47
N LYS A 73 8.67 2.49 11.27
CA LYS A 73 9.79 1.69 10.83
C LYS A 73 10.62 2.46 9.80
N SER A 74 11.90 2.61 10.11
CA SER A 74 12.80 3.33 9.22
C SER A 74 14.04 2.48 8.94
N LEU A 75 13.81 1.19 8.74
CA LEU A 75 14.90 0.27 8.46
C LEU A 75 14.44 -0.74 7.41
N GLU A 76 13.38 -1.46 7.74
CA GLU A 76 12.84 -2.45 6.84
C GLU A 76 12.87 -1.93 5.39
N ALA A 77 12.04 -0.92 5.15
CA ALA A 77 11.97 -0.33 3.82
C ALA A 77 11.67 1.16 3.95
N SER A 78 10.45 1.46 4.37
CA SER A 78 10.03 2.85 4.54
C SER A 78 10.55 3.69 3.38
N GLY A 79 9.74 3.79 2.34
CA GLY A 79 10.10 4.57 1.17
C GLY A 79 8.93 4.69 0.20
N ARG A 80 8.40 3.54 -0.19
CA ARG A 80 7.28 3.49 -1.11
C ARG A 80 6.62 2.12 -1.09
N ILE A 81 5.33 2.12 -0.77
CA ILE A 81 4.58 0.88 -0.70
C ILE A 81 3.65 0.78 -1.91
N TYR A 82 3.26 -0.44 -2.23
CA TYR A 82 2.37 -0.68 -3.36
C TYR A 82 1.39 -1.81 -3.05
N VAL A 83 0.48 -2.02 -3.99
CA VAL A 83 -0.51 -3.08 -3.85
C VAL A 83 -0.54 -3.92 -5.11
N TYR A 84 -0.37 -5.23 -4.92
CA TYR A 84 -0.37 -6.16 -6.03
C TYR A 84 -1.58 -7.09 -5.97
N ARG A 85 -1.73 -7.88 -7.01
CA ARG A 85 -2.85 -8.81 -7.10
C ARG A 85 -2.36 -10.25 -6.87
N LYS A 86 -3.16 -11.00 -6.12
CA LYS A 86 -2.82 -12.38 -5.82
C LYS A 86 -3.57 -13.31 -6.78
N ASP A 87 -2.79 -14.03 -7.58
CA ASP A 87 -3.36 -14.94 -8.55
C ASP A 87 -2.98 -16.38 -8.17
N LEU A 88 -2.92 -17.22 -9.20
CA LEU A 88 -2.58 -18.61 -8.99
C LEU A 88 -1.05 -18.76 -9.00
N ALA A 89 -0.38 -17.64 -9.24
CA ALA A 89 1.07 -17.63 -9.29
C ALA A 89 1.61 -17.00 -8.01
N ASP A 90 2.46 -17.76 -7.33
CA ASP A 90 3.05 -17.29 -6.09
C ASP A 90 3.43 -15.82 -6.23
N THR A 91 3.82 -15.46 -7.44
CA THR A 91 4.22 -14.08 -7.72
C THR A 91 3.04 -13.13 -7.47
N LEU A 92 3.38 -11.86 -7.31
CA LEU A 92 2.38 -10.85 -7.06
C LEU A 92 2.15 -10.04 -8.34
N ASN A 93 3.25 -9.66 -8.97
CA ASN A 93 3.19 -8.90 -10.20
C ASN A 93 2.53 -7.54 -9.91
N PRO A 94 3.18 -6.47 -10.44
CA PRO A 94 2.67 -5.12 -10.24
C PRO A 94 1.44 -4.87 -11.13
N PHE A 95 0.90 -3.66 -11.01
CA PHE A 95 -0.27 -3.29 -11.79
C PHE A 95 0.15 -2.65 -13.12
N ALA A 96 -0.84 -2.10 -13.80
CA ALA A 96 -0.59 -1.45 -15.08
C ALA A 96 0.10 -2.45 -16.03
N GLU A 97 0.46 -1.95 -17.20
CA GLU A 97 1.11 -2.78 -18.19
C GLU A 97 2.24 -1.99 -18.88
N ASN A 98 1.86 -0.89 -19.49
CA ASN A 98 2.83 -0.04 -20.17
C ASN A 98 2.87 1.32 -19.50
N SER A 99 4.04 1.94 -19.56
CA SER A 99 4.23 3.25 -18.97
C SER A 99 3.48 4.32 -19.77
N GLY A 100 3.14 5.40 -19.09
CA GLY A 100 2.42 6.49 -19.72
C GLY A 100 2.23 7.66 -18.76
N PRO A 101 2.01 8.86 -19.35
CA PRO A 101 1.81 10.06 -18.55
C PRO A 101 0.41 10.07 -17.93
N SER A 102 0.26 10.90 -16.90
CA SER A 102 -1.01 11.01 -16.21
C SER A 102 -1.02 12.29 -15.35
N SER A 103 -0.16 12.30 -14.36
CA SER A 103 -0.06 13.44 -13.46
C SER A 103 0.97 14.44 -14.01
N GLY A 104 0.91 15.65 -13.45
CA GLY A 104 1.82 16.70 -13.86
C GLY A 104 2.45 17.40 -12.66
N GLY A 1 -6.48 -3.95 27.55
CA GLY A 1 -5.65 -3.21 26.62
C GLY A 1 -6.44 -2.06 25.97
N SER A 2 -6.26 -0.87 26.53
CA SER A 2 -6.94 0.30 26.03
C SER A 2 -6.88 0.32 24.50
N SER A 3 -5.67 0.31 23.99
CA SER A 3 -5.45 0.33 22.55
C SER A 3 -6.40 1.34 21.90
N GLY A 4 -6.01 2.61 21.98
CA GLY A 4 -6.81 3.68 21.41
C GLY A 4 -6.30 5.04 21.86
N SER A 5 -5.60 5.71 20.96
CA SER A 5 -5.05 7.03 21.25
C SER A 5 -5.66 8.06 20.29
N SER A 6 -5.31 9.31 20.55
CA SER A 6 -5.81 10.41 19.73
C SER A 6 -4.65 11.30 19.27
N GLY A 7 -4.92 12.11 18.26
CA GLY A 7 -3.92 13.02 17.73
C GLY A 7 -2.81 12.23 17.03
N GLU A 8 -3.10 11.84 15.79
CA GLU A 8 -2.15 11.09 14.99
C GLU A 8 -2.67 10.90 13.57
N GLU A 9 -2.82 12.02 12.88
CA GLU A 9 -3.32 11.99 11.51
C GLU A 9 -2.15 11.87 10.53
N ILE A 10 -2.30 10.96 9.59
CA ILE A 10 -1.27 10.72 8.59
C ILE A 10 -1.89 10.05 7.37
N PHE A 11 -1.10 9.97 6.31
CA PHE A 11 -1.56 9.35 5.08
C PHE A 11 -0.67 8.17 4.69
N CYS A 12 -1.29 7.22 4.00
CA CYS A 12 -0.56 6.03 3.56
C CYS A 12 -0.58 5.99 2.04
N HIS A 13 0.53 6.45 1.46
CA HIS A 13 0.65 6.47 0.01
C HIS A 13 0.87 5.04 -0.51
N VAL A 14 -0.14 4.53 -1.19
CA VAL A 14 -0.07 3.18 -1.74
C VAL A 14 0.00 3.27 -3.26
N TYR A 15 1.21 3.15 -3.78
CA TYR A 15 1.42 3.21 -5.21
C TYR A 15 1.06 1.88 -5.88
N ILE A 16 -0.03 1.91 -6.65
CA ILE A 16 -0.50 0.72 -7.33
C ILE A 16 0.51 0.34 -8.41
N THR A 17 0.77 1.28 -9.31
CA THR A 17 1.70 1.06 -10.39
C THR A 17 2.88 2.03 -10.29
N GLU A 18 3.26 2.58 -11.43
CA GLU A 18 4.36 3.51 -11.48
C GLU A 18 3.84 4.95 -11.42
N HIS A 19 2.65 5.15 -11.98
CA HIS A 19 2.03 6.46 -11.99
C HIS A 19 0.63 6.37 -11.39
N SER A 20 0.49 5.48 -10.43
CA SER A 20 -0.78 5.28 -9.77
C SER A 20 -0.58 5.08 -8.26
N TYR A 21 -1.43 5.72 -7.49
CA TYR A 21 -1.35 5.63 -6.04
C TYR A 21 -2.67 6.03 -5.38
N VAL A 22 -2.71 5.91 -4.06
CA VAL A 22 -3.90 6.25 -3.31
C VAL A 22 -3.51 6.82 -1.95
N SER A 23 -4.10 7.95 -1.62
CA SER A 23 -3.82 8.62 -0.36
C SER A 23 -4.82 8.16 0.70
N VAL A 24 -4.45 7.12 1.42
CA VAL A 24 -5.31 6.58 2.46
C VAL A 24 -4.94 7.22 3.80
N LYS A 25 -5.95 7.71 4.50
CA LYS A 25 -5.74 8.34 5.79
C LYS A 25 -5.40 7.27 6.83
N ALA A 26 -4.11 7.13 7.09
CA ALA A 26 -3.64 6.15 8.05
C ALA A 26 -3.31 6.86 9.37
N LYS A 27 -2.89 6.06 10.34
CA LYS A 27 -2.54 6.60 11.65
C LYS A 27 -1.06 6.33 11.93
N VAL A 28 -0.61 6.81 13.08
CA VAL A 28 0.77 6.64 13.47
C VAL A 28 0.95 5.25 14.10
N SER A 29 -0.14 4.48 14.06
CA SER A 29 -0.11 3.14 14.61
C SER A 29 -1.11 2.25 13.87
N SER A 30 -1.39 2.63 12.63
CA SER A 30 -2.32 1.89 11.81
C SER A 30 -1.58 0.79 11.05
N ILE A 31 -2.30 -0.31 10.82
CA ILE A 31 -1.72 -1.45 10.12
C ILE A 31 -1.94 -1.26 8.61
N ALA A 32 -1.29 -2.13 7.85
CA ALA A 32 -1.40 -2.07 6.39
C ALA A 32 -2.83 -2.45 5.99
N GLN A 33 -3.35 -3.48 6.63
CA GLN A 33 -4.71 -3.93 6.35
C GLN A 33 -5.68 -2.75 6.35
N GLU A 34 -5.44 -1.83 7.28
CA GLU A 34 -6.29 -0.66 7.39
C GLU A 34 -6.22 0.17 6.11
N ILE A 35 -5.16 -0.05 5.36
CA ILE A 35 -4.97 0.66 4.10
C ILE A 35 -5.43 -0.22 2.94
N LEU A 36 -4.98 -1.47 2.98
CA LEU A 36 -5.33 -2.42 1.94
C LEU A 36 -6.85 -2.50 1.81
N LYS A 37 -7.50 -2.53 2.97
CA LYS A 37 -8.96 -2.60 3.00
C LYS A 37 -9.55 -1.38 2.30
N VAL A 38 -8.82 -0.28 2.41
CA VAL A 38 -9.25 0.97 1.79
C VAL A 38 -8.84 0.97 0.31
N VAL A 39 -7.54 0.89 0.10
CA VAL A 39 -7.01 0.88 -1.25
C VAL A 39 -7.85 -0.06 -2.12
N ALA A 40 -7.99 -1.28 -1.63
CA ALA A 40 -8.75 -2.29 -2.35
C ALA A 40 -10.03 -1.65 -2.91
N GLU A 41 -10.70 -0.90 -2.05
CA GLU A 41 -11.93 -0.23 -2.44
C GLU A 41 -11.63 0.91 -3.41
N LYS A 42 -10.58 1.66 -3.09
CA LYS A 42 -10.17 2.78 -3.91
C LYS A 42 -9.98 2.31 -5.35
N ILE A 43 -9.61 1.04 -5.48
CA ILE A 43 -9.40 0.45 -6.79
C ILE A 43 -10.57 -0.48 -7.12
N GLN A 44 -11.31 -0.84 -6.09
CA GLN A 44 -12.45 -1.73 -6.25
C GLN A 44 -11.98 -3.17 -6.45
N TYR A 45 -11.21 -3.64 -5.49
CA TYR A 45 -10.69 -4.99 -5.54
C TYR A 45 -10.91 -5.72 -4.21
N ALA A 46 -10.15 -6.79 -4.02
CA ALA A 46 -10.25 -7.57 -2.81
C ALA A 46 -8.95 -7.44 -2.00
N GLU A 47 -9.03 -6.64 -0.94
CA GLU A 47 -7.88 -6.42 -0.09
C GLU A 47 -7.15 -7.73 0.17
N GLU A 48 -7.93 -8.76 0.47
CA GLU A 48 -7.38 -10.08 0.74
C GLU A 48 -6.56 -10.57 -0.47
N ASP A 49 -7.05 -10.22 -1.65
CA ASP A 49 -6.38 -10.62 -2.87
C ASP A 49 -5.20 -9.68 -3.14
N LEU A 50 -5.12 -8.65 -2.32
CA LEU A 50 -4.04 -7.67 -2.44
C LEU A 50 -3.06 -7.84 -1.29
N ALA A 51 -2.04 -7.01 -1.29
CA ALA A 51 -1.02 -7.06 -0.26
C ALA A 51 -0.09 -5.85 -0.39
N LEU A 52 0.29 -5.30 0.75
CA LEU A 52 1.17 -4.15 0.78
C LEU A 52 2.62 -4.61 0.64
N VAL A 53 3.29 -4.07 -0.37
CA VAL A 53 4.68 -4.42 -0.62
C VAL A 53 5.52 -3.14 -0.66
N ALA A 54 6.58 -3.14 0.14
CA ALA A 54 7.47 -1.99 0.19
C ALA A 54 8.58 -2.16 -0.85
N ILE A 55 8.86 -1.07 -1.53
CA ILE A 55 9.90 -1.07 -2.56
C ILE A 55 11.14 -0.37 -2.03
N THR A 56 12.16 -1.17 -1.76
CA THR A 56 13.42 -0.64 -1.24
C THR A 56 14.05 0.30 -2.26
N PHE A 57 15.00 1.09 -1.78
CA PHE A 57 15.70 2.05 -2.64
C PHE A 57 16.14 1.37 -3.95
N SER A 58 17.03 0.42 -3.82
CA SER A 58 17.53 -0.29 -4.99
C SER A 58 16.39 -0.56 -5.96
N GLY A 59 15.56 -1.53 -5.61
CA GLY A 59 14.43 -1.88 -6.44
C GLY A 59 13.98 -3.32 -6.18
N GLU A 60 13.45 -3.53 -4.98
CA GLU A 60 12.98 -4.85 -4.58
C GLU A 60 11.73 -4.73 -3.70
N LYS A 61 10.62 -5.20 -4.24
CA LYS A 61 9.36 -5.14 -3.52
C LYS A 61 9.34 -6.26 -2.48
N HIS A 62 8.66 -5.97 -1.37
CA HIS A 62 8.56 -6.93 -0.29
C HIS A 62 7.17 -6.83 0.36
N GLU A 63 6.37 -7.86 0.13
CA GLU A 63 5.02 -7.90 0.69
C GLU A 63 5.08 -7.99 2.21
N LEU A 64 4.49 -6.98 2.85
CA LEU A 64 4.47 -6.94 4.31
C LEU A 64 3.36 -7.87 4.82
N GLN A 65 2.41 -7.28 5.53
CA GLN A 65 1.31 -8.04 6.08
C GLN A 65 0.13 -7.11 6.37
N PRO A 66 -1.04 -7.74 6.69
CA PRO A 66 -2.24 -7.00 6.99
C PRO A 66 -2.16 -6.37 8.38
N ASN A 67 -1.00 -6.50 8.99
CA ASN A 67 -0.78 -5.95 10.32
C ASN A 67 0.46 -5.04 10.30
N ASP A 68 1.41 -5.42 9.47
CA ASP A 68 2.63 -4.65 9.34
C ASP A 68 2.30 -3.17 9.20
N LEU A 69 2.62 -2.41 10.25
CA LEU A 69 2.34 -0.98 10.25
C LEU A 69 2.68 -0.40 8.88
N VAL A 70 1.97 0.66 8.52
CA VAL A 70 2.19 1.31 7.24
C VAL A 70 2.83 2.68 7.48
N ILE A 71 3.59 2.76 8.57
CA ILE A 71 4.26 4.00 8.92
C ILE A 71 5.28 3.73 10.03
N SER A 72 6.33 3.02 9.66
CA SER A 72 7.38 2.68 10.61
C SER A 72 8.30 1.61 10.03
N LYS A 73 9.59 1.94 9.97
CA LYS A 73 10.57 1.02 9.43
C LYS A 73 11.91 1.75 9.28
N SER A 74 12.98 0.98 9.40
CA SER A 74 14.32 1.54 9.27
C SER A 74 14.56 2.02 7.83
N LEU A 75 14.91 1.06 6.98
CA LEU A 75 15.17 1.37 5.58
C LEU A 75 14.59 0.27 4.71
N GLU A 76 13.30 0.41 4.40
CA GLU A 76 12.61 -0.57 3.57
C GLU A 76 11.20 -0.07 3.23
N ALA A 77 10.41 0.12 4.28
CA ALA A 77 9.04 0.58 4.10
C ALA A 77 9.03 2.11 4.02
N SER A 78 10.01 2.71 4.68
CA SER A 78 10.13 4.16 4.68
C SER A 78 10.44 4.66 3.28
N GLY A 79 9.37 4.89 2.51
CA GLY A 79 9.52 5.37 1.15
C GLY A 79 8.16 5.44 0.45
N ARG A 80 7.80 4.32 -0.18
CA ARG A 80 6.54 4.24 -0.90
C ARG A 80 5.99 2.82 -0.85
N ILE A 81 4.79 2.70 -0.30
CA ILE A 81 4.14 1.40 -0.18
C ILE A 81 3.38 1.10 -1.47
N TYR A 82 3.42 -0.16 -1.87
CA TYR A 82 2.74 -0.60 -3.08
C TYR A 82 1.70 -1.68 -2.77
N VAL A 83 0.99 -2.08 -3.81
CA VAL A 83 -0.03 -3.10 -3.67
C VAL A 83 -0.11 -3.94 -4.95
N TYR A 84 0.08 -5.24 -4.78
CA TYR A 84 0.05 -6.15 -5.91
C TYR A 84 -1.16 -7.08 -5.82
N ARG A 85 -1.32 -7.89 -6.85
CA ARG A 85 -2.43 -8.84 -6.91
C ARG A 85 -1.95 -10.24 -6.50
N LYS A 86 -2.72 -10.85 -5.61
CA LYS A 86 -2.38 -12.19 -5.14
C LYS A 86 -3.17 -13.22 -5.95
N ASP A 87 -2.44 -13.98 -6.76
CA ASP A 87 -3.05 -15.00 -7.58
C ASP A 87 -2.06 -15.41 -8.68
N LEU A 88 -2.56 -16.22 -9.60
CA LEU A 88 -1.73 -16.70 -10.71
C LEU A 88 -0.56 -17.50 -10.15
N ALA A 89 0.58 -16.85 -10.06
CA ALA A 89 1.78 -17.49 -9.55
C ALA A 89 2.10 -16.93 -8.16
N ASP A 90 2.95 -17.65 -7.44
CA ASP A 90 3.35 -17.24 -6.11
C ASP A 90 3.77 -15.77 -6.14
N THR A 91 4.15 -15.32 -7.32
CA THR A 91 4.58 -13.93 -7.50
C THR A 91 3.42 -12.98 -7.19
N LEU A 92 3.72 -11.70 -7.30
CA LEU A 92 2.71 -10.67 -7.04
C LEU A 92 2.47 -9.87 -8.32
N ASN A 93 3.56 -9.62 -9.03
CA ASN A 93 3.48 -8.86 -10.27
C ASN A 93 2.97 -7.45 -9.97
N PRO A 94 3.72 -6.45 -10.50
CA PRO A 94 3.35 -5.06 -10.30
C PRO A 94 2.15 -4.67 -11.16
N PHE A 95 1.08 -5.43 -11.01
CA PHE A 95 -0.14 -5.18 -11.76
C PHE A 95 0.19 -4.76 -13.20
N ALA A 96 -0.78 -4.12 -13.83
CA ALA A 96 -0.61 -3.66 -15.20
C ALA A 96 -0.05 -4.81 -16.05
N GLU A 97 -0.97 -5.61 -16.58
CA GLU A 97 -0.58 -6.74 -17.41
C GLU A 97 -0.58 -6.35 -18.88
N ASN A 98 0.49 -6.72 -19.56
CA ASN A 98 0.63 -6.41 -20.98
C ASN A 98 -0.57 -6.99 -21.74
N SER A 99 -0.81 -6.44 -22.92
CA SER A 99 -1.92 -6.89 -23.75
C SER A 99 -1.37 -7.71 -24.92
N GLY A 100 -2.29 -8.40 -25.58
CA GLY A 100 -1.92 -9.23 -26.72
C GLY A 100 -2.81 -10.48 -26.80
N PRO A 101 -2.89 -11.04 -28.03
CA PRO A 101 -3.70 -12.23 -28.25
C PRO A 101 -3.00 -13.48 -27.70
N SER A 102 -2.68 -13.41 -26.41
CA SER A 102 -2.02 -14.52 -25.76
C SER A 102 -3.01 -15.66 -25.51
N SER A 103 -2.87 -16.70 -26.32
CA SER A 103 -3.75 -17.86 -26.21
C SER A 103 -3.08 -19.08 -26.85
N GLY A 104 -3.61 -20.25 -26.49
CA GLY A 104 -3.08 -21.49 -27.02
C GLY A 104 -3.53 -21.71 -28.46
N GLY A 1 -4.84 -2.84 16.83
CA GLY A 1 -4.97 -2.36 18.20
C GLY A 1 -5.55 -0.94 18.21
N SER A 2 -5.84 -0.48 19.42
CA SER A 2 -6.40 0.85 19.59
C SER A 2 -5.37 1.77 20.27
N SER A 3 -5.41 3.03 19.89
CA SER A 3 -4.50 4.01 20.45
C SER A 3 -4.84 5.41 19.91
N GLY A 4 -5.39 6.24 20.79
CA GLY A 4 -5.76 7.59 20.43
C GLY A 4 -4.78 8.60 21.03
N SER A 5 -4.68 9.74 20.37
CA SER A 5 -3.79 10.80 20.81
C SER A 5 -4.01 12.06 19.98
N SER A 6 -3.48 13.17 20.48
CA SER A 6 -3.61 14.44 19.79
C SER A 6 -2.91 14.36 18.43
N GLY A 7 -3.43 15.14 17.49
CA GLY A 7 -2.87 15.17 16.15
C GLY A 7 -3.37 13.98 15.32
N GLU A 8 -2.66 12.86 15.48
CA GLU A 8 -3.01 11.65 14.76
C GLU A 8 -3.39 11.98 13.31
N GLU A 9 -2.50 12.72 12.65
CA GLU A 9 -2.72 13.10 11.28
C GLU A 9 -1.61 12.55 10.37
N ILE A 10 -1.96 11.52 9.63
CA ILE A 10 -1.01 10.88 8.73
C ILE A 10 -1.77 10.14 7.63
N PHE A 11 -1.06 9.88 6.54
CA PHE A 11 -1.65 9.19 5.42
C PHE A 11 -0.75 8.03 4.95
N CYS A 12 -1.36 7.13 4.20
CA CYS A 12 -0.63 5.98 3.68
C CYS A 12 -0.74 5.99 2.16
N HIS A 13 0.29 6.51 1.52
CA HIS A 13 0.33 6.59 0.07
C HIS A 13 0.85 5.27 -0.49
N VAL A 14 -0.06 4.54 -1.13
CA VAL A 14 0.30 3.26 -1.72
C VAL A 14 0.31 3.38 -3.24
N TYR A 15 1.42 2.96 -3.83
CA TYR A 15 1.58 3.03 -5.28
C TYR A 15 1.24 1.67 -5.92
N ILE A 16 0.24 1.70 -6.78
CA ILE A 16 -0.19 0.50 -7.48
C ILE A 16 0.86 0.12 -8.53
N THR A 17 1.09 1.05 -9.44
CA THR A 17 2.06 0.83 -10.50
C THR A 17 3.25 1.77 -10.35
N GLU A 18 3.69 2.31 -11.47
CA GLU A 18 4.81 3.23 -11.48
C GLU A 18 4.32 4.67 -11.30
N HIS A 19 3.15 4.94 -11.89
CA HIS A 19 2.57 6.26 -11.80
C HIS A 19 1.12 6.15 -11.30
N SER A 20 0.91 5.20 -10.40
CA SER A 20 -0.41 4.98 -9.84
C SER A 20 -0.30 4.68 -8.35
N TYR A 21 -1.16 5.33 -7.58
CA TYR A 21 -1.18 5.15 -6.14
C TYR A 21 -2.50 5.61 -5.55
N VAL A 22 -2.67 5.34 -4.26
CA VAL A 22 -3.88 5.73 -3.55
C VAL A 22 -3.54 6.03 -2.09
N SER A 23 -3.87 7.25 -1.68
CA SER A 23 -3.62 7.67 -0.32
C SER A 23 -4.73 7.18 0.61
N VAL A 24 -4.36 6.93 1.85
CA VAL A 24 -5.32 6.47 2.84
C VAL A 24 -5.03 7.15 4.19
N LYS A 25 -6.09 7.72 4.74
CA LYS A 25 -5.97 8.41 6.02
C LYS A 25 -6.06 7.39 7.16
N ALA A 26 -4.91 7.00 7.67
CA ALA A 26 -4.86 6.04 8.76
C ALA A 26 -4.28 6.71 10.01
N LYS A 27 -4.16 5.93 11.06
CA LYS A 27 -3.64 6.43 12.32
C LYS A 27 -2.10 6.31 12.30
N VAL A 28 -1.49 6.81 13.36
CA VAL A 28 -0.04 6.76 13.48
C VAL A 28 0.38 5.34 13.87
N SER A 29 -0.60 4.56 14.26
CA SER A 29 -0.35 3.18 14.65
C SER A 29 -1.30 2.23 13.91
N SER A 30 -1.73 2.68 12.74
CA SER A 30 -2.65 1.89 11.94
C SER A 30 -1.88 0.81 11.18
N ILE A 31 -2.55 -0.31 10.94
CA ILE A 31 -1.94 -1.42 10.23
C ILE A 31 -2.17 -1.25 8.74
N ALA A 32 -1.42 -2.02 7.95
CA ALA A 32 -1.54 -1.97 6.51
C ALA A 32 -2.96 -2.38 6.10
N GLN A 33 -3.45 -3.42 6.74
CA GLN A 33 -4.79 -3.92 6.46
C GLN A 33 -5.79 -2.76 6.46
N GLU A 34 -5.63 -1.89 7.43
CA GLU A 34 -6.52 -0.73 7.55
C GLU A 34 -6.45 0.13 6.29
N ILE A 35 -5.41 -0.12 5.50
CA ILE A 35 -5.20 0.62 4.27
C ILE A 35 -5.67 -0.23 3.09
N LEU A 36 -5.13 -1.44 3.01
CA LEU A 36 -5.48 -2.36 1.94
C LEU A 36 -7.00 -2.46 1.85
N LYS A 37 -7.64 -2.53 3.01
CA LYS A 37 -9.09 -2.63 3.07
C LYS A 37 -9.70 -1.38 2.44
N VAL A 38 -8.99 -0.28 2.55
CA VAL A 38 -9.45 0.98 1.99
C VAL A 38 -9.06 1.06 0.51
N VAL A 39 -7.79 0.79 0.25
CA VAL A 39 -7.29 0.83 -1.11
C VAL A 39 -8.14 -0.09 -1.98
N ALA A 40 -8.29 -1.33 -1.53
CA ALA A 40 -9.07 -2.31 -2.25
C ALA A 40 -10.31 -1.64 -2.83
N GLU A 41 -10.96 -0.85 -2.00
CA GLU A 41 -12.16 -0.14 -2.42
C GLU A 41 -11.81 0.99 -3.40
N LYS A 42 -10.70 1.65 -3.11
CA LYS A 42 -10.24 2.75 -3.95
C LYS A 42 -9.88 2.19 -5.32
N ILE A 43 -9.68 0.89 -5.38
CA ILE A 43 -9.32 0.24 -6.63
C ILE A 43 -10.42 -0.78 -6.99
N GLN A 44 -11.43 -0.83 -6.14
CA GLN A 44 -12.54 -1.75 -6.35
C GLN A 44 -12.03 -3.18 -6.52
N TYR A 45 -11.44 -3.69 -5.45
CA TYR A 45 -10.90 -5.04 -5.46
C TYR A 45 -11.12 -5.73 -4.10
N ALA A 46 -10.36 -6.79 -3.90
CA ALA A 46 -10.46 -7.55 -2.66
C ALA A 46 -9.14 -7.44 -1.89
N GLU A 47 -9.17 -6.67 -0.81
CA GLU A 47 -8.00 -6.47 0.01
C GLU A 47 -7.31 -7.82 0.28
N GLU A 48 -8.13 -8.82 0.56
CA GLU A 48 -7.62 -10.15 0.83
C GLU A 48 -6.83 -10.68 -0.37
N ASP A 49 -7.17 -10.16 -1.54
CA ASP A 49 -6.51 -10.57 -2.76
C ASP A 49 -5.35 -9.61 -3.05
N LEU A 50 -5.27 -8.56 -2.24
CA LEU A 50 -4.22 -7.58 -2.39
C LEU A 50 -3.21 -7.73 -1.24
N ALA A 51 -2.19 -6.88 -1.28
CA ALA A 51 -1.16 -6.90 -0.26
C ALA A 51 -0.28 -5.67 -0.39
N LEU A 52 0.14 -5.16 0.76
CA LEU A 52 0.99 -3.97 0.78
C LEU A 52 2.46 -4.39 0.57
N VAL A 53 3.00 -3.95 -0.55
CA VAL A 53 4.38 -4.28 -0.88
C VAL A 53 5.19 -2.99 -0.97
N ALA A 54 6.23 -2.92 -0.16
CA ALA A 54 7.10 -1.75 -0.14
C ALA A 54 8.35 -2.03 -0.98
N ILE A 55 8.93 -0.95 -1.49
CA ILE A 55 10.12 -1.06 -2.30
C ILE A 55 11.24 -0.20 -1.68
N THR A 56 12.48 -0.58 -2.01
CA THR A 56 13.62 0.14 -1.50
C THR A 56 14.30 0.93 -2.62
N PHE A 57 15.44 1.52 -2.30
CA PHE A 57 16.19 2.30 -3.26
C PHE A 57 16.77 1.41 -4.36
N SER A 58 17.51 0.41 -3.93
CA SER A 58 18.13 -0.53 -4.86
C SER A 58 17.09 -0.99 -5.89
N GLY A 59 15.85 -1.13 -5.42
CA GLY A 59 14.77 -1.56 -6.29
C GLY A 59 14.43 -3.02 -6.04
N GLU A 60 13.56 -3.23 -5.06
CA GLU A 60 13.14 -4.57 -4.70
C GLU A 60 11.79 -4.53 -3.98
N LYS A 61 10.87 -5.33 -4.48
CA LYS A 61 9.53 -5.39 -3.89
C LYS A 61 9.58 -6.24 -2.62
N HIS A 62 8.72 -5.89 -1.68
CA HIS A 62 8.65 -6.60 -0.42
C HIS A 62 7.22 -6.52 0.15
N GLU A 63 6.56 -7.67 0.13
CA GLU A 63 5.19 -7.74 0.62
C GLU A 63 5.19 -7.80 2.16
N LEU A 64 4.62 -6.76 2.75
CA LEU A 64 4.54 -6.69 4.21
C LEU A 64 3.48 -7.66 4.71
N GLN A 65 2.51 -7.11 5.44
CA GLN A 65 1.44 -7.91 5.98
C GLN A 65 0.23 -7.02 6.31
N PRO A 66 -0.90 -7.69 6.63
CA PRO A 66 -2.12 -6.97 6.97
C PRO A 66 -2.04 -6.37 8.38
N ASN A 67 -0.84 -6.45 8.95
CA ASN A 67 -0.62 -5.92 10.28
C ASN A 67 0.55 -4.94 10.24
N ASP A 68 1.52 -5.26 9.40
CA ASP A 68 2.71 -4.42 9.25
C ASP A 68 2.28 -2.95 9.21
N LEU A 69 2.48 -2.27 10.32
CA LEU A 69 2.12 -0.87 10.41
C LEU A 69 2.52 -0.15 9.12
N VAL A 70 1.74 0.87 8.78
CA VAL A 70 2.00 1.63 7.57
C VAL A 70 2.31 3.08 7.95
N ILE A 71 3.44 3.26 8.62
CA ILE A 71 3.86 4.58 9.04
C ILE A 71 5.32 4.53 9.51
N SER A 72 5.62 3.50 10.30
CA SER A 72 6.96 3.33 10.81
C SER A 72 7.79 2.48 9.85
N LYS A 73 7.11 1.53 9.22
CA LYS A 73 7.77 0.65 8.26
C LYS A 73 8.14 1.45 7.01
N SER A 74 9.21 1.01 6.37
CA SER A 74 9.68 1.68 5.16
C SER A 74 10.09 3.12 5.48
N LEU A 75 11.22 3.25 6.16
CA LEU A 75 11.72 4.56 6.53
C LEU A 75 13.25 4.54 6.49
N GLU A 76 13.78 4.88 5.32
CA GLU A 76 15.22 4.91 5.14
C GLU A 76 15.60 5.90 4.03
N ALA A 77 14.99 5.69 2.87
CA ALA A 77 15.25 6.56 1.73
C ALA A 77 13.95 6.73 0.92
N SER A 78 13.21 7.76 1.28
CA SER A 78 11.95 8.05 0.60
C SER A 78 11.21 6.74 0.30
N GLY A 79 10.91 6.00 1.37
CA GLY A 79 10.21 4.74 1.23
C GLY A 79 8.94 4.91 0.38
N ARG A 80 8.47 3.78 -0.13
CA ARG A 80 7.29 3.79 -0.96
C ARG A 80 6.56 2.45 -0.87
N ILE A 81 5.28 2.51 -0.55
CA ILE A 81 4.47 1.31 -0.42
C ILE A 81 3.64 1.13 -1.69
N TYR A 82 3.34 -0.13 -1.99
CA TYR A 82 2.55 -0.45 -3.16
C TYR A 82 1.57 -1.58 -2.87
N VAL A 83 0.61 -1.75 -3.78
CA VAL A 83 -0.38 -2.80 -3.64
C VAL A 83 -0.47 -3.60 -4.94
N TYR A 84 -0.28 -4.90 -4.80
CA TYR A 84 -0.34 -5.79 -5.95
C TYR A 84 -1.52 -6.77 -5.84
N ARG A 85 -1.71 -7.54 -6.90
CA ARG A 85 -2.79 -8.51 -6.93
C ARG A 85 -2.24 -9.91 -6.62
N LYS A 86 -3.00 -10.64 -5.82
CA LYS A 86 -2.62 -11.99 -5.44
C LYS A 86 -3.11 -12.97 -6.51
N ASP A 87 -2.16 -13.60 -7.18
CA ASP A 87 -2.48 -14.57 -8.22
C ASP A 87 -1.28 -14.74 -9.14
N LEU A 88 -1.50 -15.47 -10.22
CA LEU A 88 -0.44 -15.72 -11.20
C LEU A 88 0.62 -16.61 -10.56
N ALA A 89 0.18 -17.77 -10.11
CA ALA A 89 1.09 -18.72 -9.49
C ALA A 89 1.28 -18.35 -8.01
N ASP A 90 2.05 -17.29 -7.80
CA ASP A 90 2.32 -16.81 -6.45
C ASP A 90 2.76 -15.35 -6.50
N THR A 91 3.65 -15.07 -7.44
CA THR A 91 4.16 -13.72 -7.60
C THR A 91 3.03 -12.70 -7.50
N LEU A 92 3.41 -11.45 -7.32
CA LEU A 92 2.44 -10.37 -7.21
C LEU A 92 2.29 -9.68 -8.57
N ASN A 93 3.42 -9.23 -9.09
CA ASN A 93 3.43 -8.55 -10.38
C ASN A 93 2.61 -7.27 -10.28
N PRO A 94 3.16 -6.17 -10.86
CA PRO A 94 2.48 -4.89 -10.84
C PRO A 94 1.32 -4.87 -11.84
N PHE A 95 0.30 -4.09 -11.49
CA PHE A 95 -0.88 -3.98 -12.33
C PHE A 95 -0.52 -3.38 -13.69
N ALA A 96 -1.56 -3.06 -14.45
CA ALA A 96 -1.36 -2.48 -15.77
C ALA A 96 -0.54 -3.44 -16.63
N GLU A 97 -1.25 -4.21 -17.44
CA GLU A 97 -0.61 -5.18 -18.31
C GLU A 97 -1.07 -4.97 -19.76
N ASN A 98 -0.09 -4.77 -20.64
CA ASN A 98 -0.38 -4.55 -22.04
C ASN A 98 -1.42 -3.44 -22.18
N SER A 99 -0.92 -2.23 -22.34
CA SER A 99 -1.79 -1.07 -22.49
C SER A 99 -1.98 -0.73 -23.97
N GLY A 100 -3.09 -0.08 -24.26
CA GLY A 100 -3.38 0.30 -25.63
C GLY A 100 -3.82 1.77 -25.71
N PRO A 101 -5.09 1.97 -26.18
CA PRO A 101 -5.63 3.31 -26.31
C PRO A 101 -6.02 3.87 -24.93
N SER A 102 -5.77 5.16 -24.76
CA SER A 102 -6.09 5.83 -23.52
C SER A 102 -6.54 7.27 -23.79
N SER A 103 -7.19 7.85 -22.80
CA SER A 103 -7.69 9.20 -22.92
C SER A 103 -8.39 9.63 -21.62
N GLY A 104 -8.36 10.93 -21.38
CA GLY A 104 -8.97 11.48 -20.17
C GLY A 104 -8.28 12.77 -19.74
N GLY A 1 -13.32 21.73 -0.30
CA GLY A 1 -13.71 21.55 1.09
C GLY A 1 -13.61 20.07 1.50
N SER A 2 -12.85 19.84 2.56
CA SER A 2 -12.66 18.49 3.06
C SER A 2 -12.86 18.47 4.58
N SER A 3 -12.06 19.28 5.26
CA SER A 3 -12.13 19.36 6.71
C SER A 3 -11.86 17.98 7.32
N GLY A 4 -10.57 17.70 7.50
CA GLY A 4 -10.16 16.43 8.07
C GLY A 4 -8.84 16.57 8.83
N SER A 5 -8.94 16.58 10.15
CA SER A 5 -7.75 16.70 10.99
C SER A 5 -8.14 16.48 12.45
N SER A 6 -7.50 15.48 13.04
CA SER A 6 -7.76 15.14 14.44
C SER A 6 -6.61 14.32 15.01
N GLY A 7 -5.74 14.99 15.73
CA GLY A 7 -4.58 14.33 16.34
C GLY A 7 -3.66 13.76 15.26
N GLU A 8 -3.39 12.47 15.39
CA GLU A 8 -2.52 11.80 14.44
C GLU A 8 -2.94 12.13 13.01
N GLU A 9 -2.02 12.77 12.30
CA GLU A 9 -2.28 13.16 10.92
C GLU A 9 -1.21 12.58 9.99
N ILE A 10 -1.59 11.55 9.26
CA ILE A 10 -0.68 10.89 8.33
C ILE A 10 -1.48 10.19 7.24
N PHE A 11 -0.80 9.93 6.13
CA PHE A 11 -1.43 9.27 5.01
C PHE A 11 -0.56 8.14 4.46
N CYS A 12 -1.20 7.03 4.14
CA CYS A 12 -0.50 5.88 3.62
C CYS A 12 -0.57 5.92 2.08
N HIS A 13 0.58 6.16 1.47
CA HIS A 13 0.66 6.23 0.04
C HIS A 13 0.73 4.81 -0.55
N VAL A 14 -0.31 4.45 -1.27
CA VAL A 14 -0.38 3.13 -1.88
C VAL A 14 -0.39 3.28 -3.41
N TYR A 15 0.78 3.11 -3.99
CA TYR A 15 0.91 3.21 -5.43
C TYR A 15 0.27 2.03 -6.14
N ILE A 16 -0.38 2.32 -7.27
CA ILE A 16 -1.05 1.29 -8.03
C ILE A 16 -0.17 0.92 -9.24
N THR A 17 0.15 1.93 -10.03
CA THR A 17 0.98 1.72 -11.21
C THR A 17 2.32 2.42 -11.05
N GLU A 18 2.77 3.04 -12.13
CA GLU A 18 4.03 3.76 -12.13
C GLU A 18 3.81 5.21 -11.71
N HIS A 19 2.68 5.75 -12.12
CA HIS A 19 2.34 7.13 -11.80
C HIS A 19 0.91 7.20 -11.26
N SER A 20 0.57 6.19 -10.46
CA SER A 20 -0.77 6.12 -9.88
C SER A 20 -0.66 5.67 -8.42
N TYR A 21 -1.51 6.27 -7.59
CA TYR A 21 -1.54 5.93 -6.18
C TYR A 21 -2.87 6.32 -5.54
N VAL A 22 -2.98 6.03 -4.26
CA VAL A 22 -4.19 6.35 -3.51
C VAL A 22 -3.82 6.93 -2.16
N SER A 23 -4.50 8.01 -1.80
CA SER A 23 -4.25 8.66 -0.52
C SER A 23 -5.14 8.07 0.56
N VAL A 24 -4.52 7.28 1.42
CA VAL A 24 -5.25 6.63 2.51
C VAL A 24 -4.90 7.33 3.83
N LYS A 25 -5.94 7.83 4.48
CA LYS A 25 -5.77 8.53 5.75
C LYS A 25 -5.94 7.53 6.89
N ALA A 26 -4.81 7.07 7.41
CA ALA A 26 -4.82 6.13 8.52
C ALA A 26 -4.11 6.74 9.72
N LYS A 27 -4.05 5.96 10.79
CA LYS A 27 -3.42 6.42 12.02
C LYS A 27 -1.90 6.45 11.81
N VAL A 28 -1.21 6.93 12.83
CA VAL A 28 0.25 7.01 12.77
C VAL A 28 0.85 5.65 13.09
N SER A 29 0.02 4.78 13.64
CA SER A 29 0.45 3.44 14.00
C SER A 29 -0.55 2.40 13.48
N SER A 30 -1.17 2.73 12.35
CA SER A 30 -2.15 1.85 11.75
C SER A 30 -1.45 0.74 10.96
N ILE A 31 -2.15 -0.37 10.81
CA ILE A 31 -1.60 -1.51 10.08
C ILE A 31 -1.88 -1.32 8.59
N ALA A 32 -1.22 -2.16 7.79
CA ALA A 32 -1.38 -2.11 6.35
C ALA A 32 -2.80 -2.56 5.99
N GLN A 33 -3.21 -3.65 6.61
CA GLN A 33 -4.54 -4.20 6.36
C GLN A 33 -5.58 -3.08 6.31
N GLU A 34 -5.49 -2.20 7.29
CA GLU A 34 -6.42 -1.08 7.37
C GLU A 34 -6.44 -0.31 6.05
N ILE A 35 -5.25 -0.09 5.51
CA ILE A 35 -5.12 0.62 4.26
C ILE A 35 -5.73 -0.22 3.13
N LEU A 36 -5.48 -1.52 3.19
CA LEU A 36 -6.00 -2.43 2.20
C LEU A 36 -7.50 -2.22 2.05
N LYS A 37 -8.22 -2.54 3.12
CA LYS A 37 -9.67 -2.40 3.12
C LYS A 37 -10.04 -1.07 2.45
N VAL A 38 -9.16 -0.09 2.61
CA VAL A 38 -9.38 1.22 2.03
C VAL A 38 -9.00 1.19 0.55
N VAL A 39 -7.73 0.94 0.30
CA VAL A 39 -7.22 0.89 -1.06
C VAL A 39 -8.08 -0.08 -1.87
N ALA A 40 -8.20 -1.30 -1.36
CA ALA A 40 -8.99 -2.32 -2.02
C ALA A 40 -10.20 -1.67 -2.69
N GLU A 41 -10.89 -0.84 -1.92
CA GLU A 41 -12.06 -0.16 -2.42
C GLU A 41 -11.65 0.98 -3.38
N LYS A 42 -10.72 1.79 -2.91
CA LYS A 42 -10.25 2.90 -3.71
C LYS A 42 -9.92 2.41 -5.11
N ILE A 43 -9.62 1.12 -5.20
CA ILE A 43 -9.29 0.52 -6.48
C ILE A 43 -10.44 -0.38 -6.92
N GLN A 44 -11.21 -0.83 -5.95
CA GLN A 44 -12.35 -1.69 -6.23
C GLN A 44 -11.88 -3.13 -6.40
N TYR A 45 -11.21 -3.64 -5.39
CA TYR A 45 -10.70 -5.00 -5.41
C TYR A 45 -10.93 -5.70 -4.08
N ALA A 46 -10.18 -6.77 -3.87
CA ALA A 46 -10.29 -7.53 -2.64
C ALA A 46 -8.96 -7.50 -1.90
N GLU A 47 -8.95 -6.77 -0.79
CA GLU A 47 -7.75 -6.64 0.02
C GLU A 47 -7.12 -8.02 0.24
N GLU A 48 -7.97 -9.00 0.48
CA GLU A 48 -7.51 -10.35 0.71
C GLU A 48 -6.73 -10.86 -0.50
N ASP A 49 -7.02 -10.27 -1.65
CA ASP A 49 -6.36 -10.65 -2.88
C ASP A 49 -5.23 -9.65 -3.19
N LEU A 50 -5.20 -8.60 -2.38
CA LEU A 50 -4.18 -7.57 -2.56
C LEU A 50 -3.15 -7.68 -1.43
N ALA A 51 -2.17 -6.79 -1.47
CA ALA A 51 -1.12 -6.79 -0.47
C ALA A 51 -0.23 -5.57 -0.68
N LEU A 52 0.22 -5.01 0.43
CA LEU A 52 1.08 -3.83 0.38
C LEU A 52 2.52 -4.27 0.11
N VAL A 53 3.03 -3.83 -1.03
CA VAL A 53 4.38 -4.17 -1.42
C VAL A 53 5.26 -2.92 -1.36
N ALA A 54 6.15 -2.90 -0.38
CA ALA A 54 7.04 -1.76 -0.21
C ALA A 54 8.44 -2.14 -0.72
N ILE A 55 9.00 -1.24 -1.52
CA ILE A 55 10.32 -1.48 -2.07
C ILE A 55 11.23 -0.29 -1.71
N THR A 56 12.53 -0.57 -1.71
CA THR A 56 13.50 0.46 -1.38
C THR A 56 14.27 0.88 -2.63
N PHE A 57 15.11 1.90 -2.46
CA PHE A 57 15.90 2.41 -3.56
C PHE A 57 16.55 1.27 -4.35
N SER A 58 17.45 0.57 -3.69
CA SER A 58 18.14 -0.55 -4.32
C SER A 58 17.16 -1.37 -5.17
N GLY A 59 16.14 -1.88 -4.50
CA GLY A 59 15.13 -2.67 -5.17
C GLY A 59 14.90 -4.00 -4.45
N GLU A 60 14.03 -3.95 -3.47
CA GLU A 60 13.72 -5.14 -2.68
C GLU A 60 12.21 -5.23 -2.43
N LYS A 61 11.62 -6.29 -2.96
CA LYS A 61 10.19 -6.51 -2.80
C LYS A 61 9.90 -6.95 -1.37
N HIS A 62 8.83 -6.41 -0.82
CA HIS A 62 8.43 -6.75 0.54
C HIS A 62 6.91 -6.60 0.68
N GLU A 63 6.26 -7.75 0.83
CA GLU A 63 4.81 -7.76 0.97
C GLU A 63 4.42 -7.61 2.44
N LEU A 64 5.44 -7.58 3.29
CA LEU A 64 5.22 -7.45 4.72
C LEU A 64 3.98 -8.25 5.12
N GLN A 65 3.37 -7.82 6.21
CA GLN A 65 2.18 -8.48 6.72
C GLN A 65 1.01 -7.50 6.78
N PRO A 66 -0.22 -8.07 6.89
CA PRO A 66 -1.42 -7.26 6.96
C PRO A 66 -1.57 -6.62 8.34
N ASN A 67 -0.61 -6.92 9.20
CA ASN A 67 -0.62 -6.38 10.54
C ASN A 67 0.59 -5.45 10.73
N ASP A 68 1.40 -5.36 9.67
CA ASP A 68 2.58 -4.53 9.70
C ASP A 68 2.16 -3.06 9.61
N LEU A 69 3.00 -2.19 10.17
CA LEU A 69 2.73 -0.77 10.14
C LEU A 69 3.01 -0.22 8.74
N VAL A 70 2.20 0.75 8.35
CA VAL A 70 2.34 1.37 7.05
C VAL A 70 2.90 2.78 7.21
N ILE A 71 3.50 3.03 8.37
CA ILE A 71 4.07 4.32 8.67
C ILE A 71 5.53 4.15 9.06
N SER A 72 5.74 3.57 10.23
CA SER A 72 7.09 3.34 10.73
C SER A 72 7.99 4.53 10.38
N LYS A 73 7.58 5.69 10.87
CA LYS A 73 8.32 6.91 10.63
C LYS A 73 9.79 6.70 11.04
N SER A 74 10.63 6.49 10.05
CA SER A 74 12.04 6.28 10.29
C SER A 74 12.81 7.58 10.11
N LEU A 75 14.12 7.44 9.94
CA LEU A 75 14.98 8.61 9.76
C LEU A 75 16.00 8.31 8.66
N GLU A 76 15.49 7.88 7.51
CA GLU A 76 16.33 7.56 6.38
C GLU A 76 15.52 7.54 5.09
N ALA A 77 15.14 8.72 4.64
CA ALA A 77 14.36 8.84 3.43
C ALA A 77 13.07 8.03 3.57
N SER A 78 12.25 8.10 2.52
CA SER A 78 10.99 7.38 2.53
C SER A 78 10.89 6.51 1.27
N GLY A 79 10.27 5.35 1.45
CA GLY A 79 10.11 4.42 0.34
C GLY A 79 8.76 4.63 -0.36
N ARG A 80 8.46 3.70 -1.26
CA ARG A 80 7.21 3.77 -2.00
C ARG A 80 6.45 2.45 -1.89
N ILE A 81 5.34 2.50 -1.18
CA ILE A 81 4.51 1.31 -1.01
C ILE A 81 3.69 1.07 -2.27
N TYR A 82 3.44 -0.20 -2.54
CA TYR A 82 2.67 -0.58 -3.72
C TYR A 82 1.63 -1.65 -3.36
N VAL A 83 0.81 -1.99 -4.35
CA VAL A 83 -0.22 -2.99 -4.17
C VAL A 83 -0.23 -3.93 -5.37
N TYR A 84 -0.22 -5.22 -5.06
CA TYR A 84 -0.22 -6.23 -6.11
C TYR A 84 -1.38 -7.21 -5.91
N ARG A 85 -1.67 -7.96 -6.98
CA ARG A 85 -2.75 -8.93 -6.94
C ARG A 85 -2.21 -10.31 -6.55
N LYS A 86 -3.01 -11.02 -5.76
CA LYS A 86 -2.63 -12.35 -5.31
C LYS A 86 -3.40 -13.40 -6.12
N ASP A 87 -2.65 -14.36 -6.63
CA ASP A 87 -3.25 -15.42 -7.42
C ASP A 87 -2.71 -16.78 -6.94
N LEU A 88 -2.51 -17.67 -7.89
CA LEU A 88 -2.00 -19.00 -7.58
C LEU A 88 -0.47 -18.99 -7.70
N ALA A 89 0.12 -17.87 -7.33
CA ALA A 89 1.55 -17.71 -7.38
C ALA A 89 2.01 -16.75 -6.29
N ASP A 90 2.76 -17.29 -5.34
CA ASP A 90 3.26 -16.49 -4.23
C ASP A 90 3.71 -15.13 -4.76
N THR A 91 4.54 -15.16 -5.79
CA THR A 91 5.04 -13.94 -6.39
C THR A 91 3.89 -12.96 -6.64
N LEU A 92 4.26 -11.69 -6.77
CA LEU A 92 3.27 -10.65 -7.01
C LEU A 92 3.57 -9.98 -8.36
N ASN A 93 2.49 -9.71 -9.09
CA ASN A 93 2.62 -9.07 -10.39
C ASN A 93 2.14 -7.62 -10.29
N PRO A 94 2.77 -6.74 -11.12
CA PRO A 94 2.42 -5.34 -11.13
C PRO A 94 1.09 -5.12 -11.87
N PHE A 95 0.56 -3.93 -11.70
CA PHE A 95 -0.70 -3.57 -12.34
C PHE A 95 -0.46 -3.01 -13.74
N ALA A 96 -1.55 -2.58 -14.36
CA ALA A 96 -1.47 -2.02 -15.70
C ALA A 96 -1.97 -0.58 -15.68
N GLU A 97 -2.10 0.00 -16.88
CA GLU A 97 -2.56 1.36 -17.01
C GLU A 97 -1.64 2.31 -16.23
N ASN A 98 -1.85 3.60 -16.46
CA ASN A 98 -1.05 4.61 -15.81
C ASN A 98 -1.85 5.92 -15.72
N SER A 99 -1.42 6.78 -14.82
CA SER A 99 -2.07 8.07 -14.64
C SER A 99 -3.50 7.86 -14.13
N GLY A 100 -3.69 8.18 -12.86
CA GLY A 100 -4.99 8.03 -12.23
C GLY A 100 -5.59 9.39 -11.87
N PRO A 101 -6.91 9.37 -11.53
CA PRO A 101 -7.61 10.59 -11.16
C PRO A 101 -7.21 11.04 -9.75
N SER A 102 -6.28 11.98 -9.71
CA SER A 102 -5.81 12.50 -8.44
C SER A 102 -5.25 13.92 -8.64
N SER A 103 -5.50 14.76 -7.64
CA SER A 103 -5.02 16.14 -7.69
C SER A 103 -5.53 16.82 -8.96
N GLY A 104 -6.55 17.65 -8.78
CA GLY A 104 -7.14 18.37 -9.90
C GLY A 104 -8.66 18.33 -9.83
N GLY A 1 -16.98 6.56 4.89
CA GLY A 1 -16.66 7.62 5.84
C GLY A 1 -17.70 7.68 6.95
N SER A 2 -17.27 7.31 8.14
CA SER A 2 -18.16 7.32 9.29
C SER A 2 -17.37 7.68 10.56
N SER A 3 -16.35 6.88 10.82
CA SER A 3 -15.51 7.09 11.99
C SER A 3 -14.09 7.46 11.54
N GLY A 4 -13.32 7.97 12.51
CA GLY A 4 -11.96 8.36 12.24
C GLY A 4 -11.90 9.51 11.22
N SER A 5 -10.97 10.42 11.45
CA SER A 5 -10.81 11.56 10.56
C SER A 5 -9.72 12.49 11.09
N SER A 6 -9.95 13.01 12.28
CA SER A 6 -9.00 13.91 12.91
C SER A 6 -7.97 13.11 13.71
N GLY A 7 -6.98 13.82 14.22
CA GLY A 7 -5.93 13.19 15.01
C GLY A 7 -5.16 12.17 14.17
N GLU A 8 -3.89 12.01 14.51
CA GLU A 8 -3.03 11.08 13.80
C GLU A 8 -2.84 11.53 12.35
N GLU A 9 -2.41 12.77 12.20
CA GLU A 9 -2.18 13.33 10.88
C GLU A 9 -1.11 12.52 10.13
N ILE A 10 -1.58 11.69 9.22
CA ILE A 10 -0.67 10.86 8.43
C ILE A 10 -1.47 10.17 7.32
N PHE A 11 -0.76 9.83 6.25
CA PHE A 11 -1.37 9.17 5.11
C PHE A 11 -0.53 7.99 4.65
N CYS A 12 -1.22 6.96 4.15
CA CYS A 12 -0.54 5.77 3.67
C CYS A 12 -0.69 5.73 2.14
N HIS A 13 0.31 6.28 1.47
CA HIS A 13 0.31 6.31 0.02
C HIS A 13 0.55 4.89 -0.52
N VAL A 14 -0.43 4.42 -1.28
CA VAL A 14 -0.35 3.09 -1.86
C VAL A 14 -0.26 3.20 -3.38
N TYR A 15 0.98 3.12 -3.88
CA TYR A 15 1.20 3.21 -5.31
C TYR A 15 0.74 1.94 -6.03
N ILE A 16 -0.36 2.08 -6.75
CA ILE A 16 -0.93 0.97 -7.48
C ILE A 16 0.03 0.56 -8.60
N THR A 17 0.35 1.53 -9.44
CA THR A 17 1.26 1.30 -10.55
C THR A 17 2.51 2.18 -10.43
N GLU A 18 2.95 2.69 -11.57
CA GLU A 18 4.12 3.54 -11.61
C GLU A 18 3.71 5.01 -11.48
N HIS A 19 2.53 5.31 -12.00
CA HIS A 19 2.00 6.67 -11.95
C HIS A 19 0.60 6.65 -11.34
N SER A 20 0.41 5.74 -10.40
CA SER A 20 -0.87 5.61 -9.74
C SER A 20 -0.67 5.35 -8.24
N TYR A 21 -1.48 6.03 -7.44
CA TYR A 21 -1.40 5.87 -6.00
C TYR A 21 -2.70 6.31 -5.32
N VAL A 22 -2.76 6.09 -4.01
CA VAL A 22 -3.93 6.46 -3.25
C VAL A 22 -3.49 6.98 -1.87
N SER A 23 -4.09 8.10 -1.48
CA SER A 23 -3.78 8.70 -0.20
C SER A 23 -4.76 8.21 0.86
N VAL A 24 -4.33 7.20 1.60
CA VAL A 24 -5.17 6.64 2.65
C VAL A 24 -4.82 7.30 3.98
N LYS A 25 -5.82 7.94 4.57
CA LYS A 25 -5.64 8.62 5.84
C LYS A 25 -5.89 7.65 6.98
N ALA A 26 -4.81 7.10 7.51
CA ALA A 26 -4.90 6.14 8.61
C ALA A 26 -4.31 6.76 9.87
N LYS A 27 -4.34 5.98 10.94
CA LYS A 27 -3.81 6.44 12.21
C LYS A 27 -2.28 6.30 12.21
N VAL A 28 -1.68 6.82 13.26
CA VAL A 28 -0.23 6.75 13.39
C VAL A 28 0.19 5.34 13.82
N SER A 29 -0.83 4.54 14.14
CA SER A 29 -0.58 3.17 14.56
C SER A 29 -1.47 2.21 13.76
N SER A 30 -1.96 2.71 12.64
CA SER A 30 -2.82 1.92 11.78
C SER A 30 -2.00 0.85 11.05
N ILE A 31 -2.62 -0.29 10.83
CA ILE A 31 -1.97 -1.39 10.15
C ILE A 31 -2.20 -1.27 8.64
N ALA A 32 -1.44 -2.05 7.90
CA ALA A 32 -1.56 -2.03 6.44
C ALA A 32 -2.98 -2.43 6.05
N GLN A 33 -3.47 -3.47 6.71
CA GLN A 33 -4.82 -3.96 6.43
C GLN A 33 -5.81 -2.79 6.42
N GLU A 34 -5.67 -1.93 7.40
CA GLU A 34 -6.54 -0.77 7.51
C GLU A 34 -6.45 0.10 6.26
N ILE A 35 -5.39 -0.16 5.48
CA ILE A 35 -5.17 0.59 4.26
C ILE A 35 -5.61 -0.26 3.07
N LEU A 36 -5.08 -1.48 3.01
CA LEU A 36 -5.40 -2.39 1.94
C LEU A 36 -6.93 -2.51 1.82
N LYS A 37 -7.58 -2.56 2.97
CA LYS A 37 -9.02 -2.68 3.01
C LYS A 37 -9.65 -1.43 2.37
N VAL A 38 -8.93 -0.32 2.49
CA VAL A 38 -9.40 0.94 1.95
C VAL A 38 -8.99 1.03 0.47
N VAL A 39 -7.69 0.85 0.24
CA VAL A 39 -7.16 0.92 -1.11
C VAL A 39 -7.95 -0.04 -2.00
N ALA A 40 -8.01 -1.29 -1.57
CA ALA A 40 -8.73 -2.31 -2.31
C ALA A 40 -9.97 -1.69 -2.96
N GLU A 41 -10.68 -0.90 -2.17
CA GLU A 41 -11.87 -0.24 -2.64
C GLU A 41 -11.52 0.88 -3.61
N LYS A 42 -10.54 1.69 -3.21
CA LYS A 42 -10.10 2.81 -4.02
C LYS A 42 -9.74 2.29 -5.42
N ILE A 43 -9.47 1.00 -5.49
CA ILE A 43 -9.13 0.37 -6.75
C ILE A 43 -10.26 -0.54 -7.20
N GLN A 44 -11.08 -0.93 -6.24
CA GLN A 44 -12.21 -1.80 -6.52
C GLN A 44 -11.74 -3.25 -6.66
N TYR A 45 -11.10 -3.73 -5.61
CA TYR A 45 -10.60 -5.11 -5.60
C TYR A 45 -10.86 -5.78 -4.25
N ALA A 46 -10.13 -6.86 -4.02
CA ALA A 46 -10.28 -7.61 -2.79
C ALA A 46 -8.98 -7.49 -1.97
N GLU A 47 -9.06 -6.72 -0.90
CA GLU A 47 -7.91 -6.52 -0.04
C GLU A 47 -7.26 -7.87 0.30
N GLU A 48 -8.10 -8.84 0.57
CA GLU A 48 -7.62 -10.18 0.91
C GLU A 48 -6.84 -10.76 -0.27
N ASP A 49 -7.08 -10.21 -1.44
CA ASP A 49 -6.42 -10.68 -2.64
C ASP A 49 -5.23 -9.74 -2.95
N LEU A 50 -5.15 -8.68 -2.17
CA LEU A 50 -4.07 -7.71 -2.35
C LEU A 50 -3.08 -7.84 -1.19
N ALA A 51 -2.06 -7.00 -1.23
CA ALA A 51 -1.04 -7.01 -0.20
C ALA A 51 -0.14 -5.79 -0.36
N LEU A 52 0.27 -5.23 0.77
CA LEU A 52 1.14 -4.06 0.75
C LEU A 52 2.59 -4.51 0.60
N VAL A 53 3.20 -4.07 -0.49
CA VAL A 53 4.58 -4.41 -0.77
C VAL A 53 5.42 -3.13 -0.84
N ALA A 54 6.45 -3.09 -0.01
CA ALA A 54 7.32 -1.93 0.03
C ALA A 54 8.60 -2.23 -0.75
N ILE A 55 9.25 -1.18 -1.19
CA ILE A 55 10.48 -1.31 -1.96
C ILE A 55 11.59 -0.49 -1.29
N THR A 56 12.82 -0.89 -1.55
CA THR A 56 13.96 -0.19 -1.00
C THR A 56 14.77 0.50 -2.11
N PHE A 57 15.71 1.32 -1.69
CA PHE A 57 16.56 2.04 -2.63
C PHE A 57 17.48 1.07 -3.38
N SER A 58 16.93 0.50 -4.44
CA SER A 58 17.68 -0.44 -5.25
C SER A 58 16.75 -1.16 -6.22
N GLY A 59 15.52 -1.35 -5.79
CA GLY A 59 14.53 -2.02 -6.61
C GLY A 59 14.28 -3.45 -6.13
N GLU A 60 13.70 -3.54 -4.93
CA GLU A 60 13.39 -4.83 -4.35
C GLU A 60 12.03 -4.81 -3.66
N LYS A 61 11.09 -5.54 -4.23
CA LYS A 61 9.75 -5.62 -3.69
C LYS A 61 9.76 -6.45 -2.41
N HIS A 62 8.89 -6.08 -1.48
CA HIS A 62 8.80 -6.78 -0.22
C HIS A 62 7.37 -6.69 0.32
N GLU A 63 6.68 -7.82 0.29
CA GLU A 63 5.31 -7.88 0.77
C GLU A 63 5.28 -7.94 2.30
N LEU A 64 4.68 -6.91 2.88
CA LEU A 64 4.57 -6.83 4.33
C LEU A 64 3.47 -7.79 4.82
N GLN A 65 2.51 -7.22 5.52
CA GLN A 65 1.40 -8.00 6.05
C GLN A 65 0.20 -7.10 6.32
N PRO A 66 -0.96 -7.75 6.61
CA PRO A 66 -2.18 -7.03 6.90
C PRO A 66 -2.14 -6.40 8.29
N ASN A 67 -0.96 -6.44 8.89
CA ASN A 67 -0.77 -5.89 10.21
C ASN A 67 0.42 -4.93 10.20
N ASP A 68 1.43 -5.31 9.43
CA ASP A 68 2.63 -4.49 9.31
C ASP A 68 2.24 -3.02 9.25
N LEU A 69 2.65 -2.27 10.26
CA LEU A 69 2.36 -0.86 10.33
C LEU A 69 2.75 -0.19 9.00
N VAL A 70 1.94 0.78 8.61
CA VAL A 70 2.19 1.51 7.37
C VAL A 70 2.57 2.96 7.69
N ILE A 71 3.52 3.09 8.61
CA ILE A 71 3.98 4.42 9.01
C ILE A 71 5.21 4.27 9.91
N SER A 72 5.12 3.33 10.84
CA SER A 72 6.21 3.08 11.76
C SER A 72 6.77 1.67 11.55
N LYS A 73 8.08 1.56 11.64
CA LYS A 73 8.74 0.27 11.47
C LYS A 73 10.15 0.34 12.06
N SER A 74 10.21 0.22 13.37
CA SER A 74 11.47 0.27 14.08
C SER A 74 12.05 1.69 14.05
N LEU A 75 12.44 2.11 12.85
CA LEU A 75 13.01 3.43 12.67
C LEU A 75 12.86 3.85 11.21
N GLU A 76 11.83 3.31 10.58
CA GLU A 76 11.56 3.62 9.17
C GLU A 76 10.17 4.22 9.01
N ALA A 77 10.01 4.98 7.94
CA ALA A 77 8.73 5.62 7.66
C ALA A 77 8.64 5.95 6.17
N SER A 78 9.51 6.85 5.74
CA SER A 78 9.54 7.27 4.35
C SER A 78 9.65 6.03 3.45
N GLY A 79 9.37 6.24 2.17
CA GLY A 79 9.43 5.17 1.20
C GLY A 79 8.22 5.19 0.27
N ARG A 80 8.08 4.13 -0.51
CA ARG A 80 6.98 4.02 -1.45
C ARG A 80 6.31 2.65 -1.32
N ILE A 81 5.10 2.66 -0.79
CA ILE A 81 4.35 1.43 -0.61
C ILE A 81 3.55 1.14 -1.88
N TYR A 82 3.37 -0.16 -2.14
CA TYR A 82 2.64 -0.58 -3.32
C TYR A 82 1.63 -1.68 -2.96
N VAL A 83 0.87 -2.08 -3.97
CA VAL A 83 -0.13 -3.13 -3.79
C VAL A 83 -0.21 -3.99 -5.04
N TYR A 84 -0.13 -5.29 -4.83
CA TYR A 84 -0.19 -6.24 -5.93
C TYR A 84 -1.36 -7.21 -5.76
N ARG A 85 -1.62 -7.97 -6.82
CA ARG A 85 -2.69 -8.94 -6.79
C ARG A 85 -2.16 -10.31 -6.40
N LYS A 86 -2.93 -11.00 -5.57
CA LYS A 86 -2.55 -12.33 -5.11
C LYS A 86 -3.40 -13.38 -5.82
N ASP A 87 -2.72 -14.36 -6.40
CA ASP A 87 -3.40 -15.43 -7.11
C ASP A 87 -2.80 -16.78 -6.69
N LEU A 88 -2.82 -17.71 -7.63
CA LEU A 88 -2.29 -19.04 -7.38
C LEU A 88 -0.76 -18.96 -7.30
N ALA A 89 -0.23 -17.80 -7.68
CA ALA A 89 1.20 -17.59 -7.65
C ALA A 89 1.56 -16.70 -6.46
N ASP A 90 2.29 -17.29 -5.52
CA ASP A 90 2.69 -16.56 -4.33
C ASP A 90 3.24 -15.20 -4.73
N THR A 91 4.00 -15.19 -5.83
CA THR A 91 4.58 -13.96 -6.32
C THR A 91 3.51 -12.86 -6.44
N LEU A 92 3.95 -11.70 -6.87
CA LEU A 92 3.04 -10.57 -7.03
C LEU A 92 3.27 -9.92 -8.39
N ASN A 93 2.17 -9.58 -9.04
CA ASN A 93 2.24 -8.96 -10.36
C ASN A 93 1.57 -7.58 -10.29
N PRO A 94 2.22 -6.59 -10.96
CA PRO A 94 1.70 -5.23 -10.99
C PRO A 94 0.51 -5.13 -11.94
N PHE A 95 -0.56 -4.53 -11.42
CA PHE A 95 -1.77 -4.37 -12.21
C PHE A 95 -1.45 -3.84 -13.61
N ALA A 96 -0.85 -2.66 -13.64
CA ALA A 96 -0.47 -2.04 -14.90
C ALA A 96 1.01 -2.30 -15.18
N GLU A 97 1.26 -3.39 -15.88
CA GLU A 97 2.62 -3.77 -16.22
C GLU A 97 3.39 -2.56 -16.77
N ASN A 98 4.69 -2.73 -16.87
CA ASN A 98 5.55 -1.66 -17.37
C ASN A 98 5.46 -1.62 -18.90
N SER A 99 5.85 -0.48 -19.45
CA SER A 99 5.81 -0.30 -20.90
C SER A 99 4.37 -0.30 -21.40
N GLY A 100 4.10 0.59 -22.34
CA GLY A 100 2.77 0.70 -22.91
C GLY A 100 2.35 2.16 -23.02
N PRO A 101 1.25 2.50 -22.27
CA PRO A 101 0.73 3.86 -22.28
C PRO A 101 1.63 4.79 -21.46
N SER A 102 1.52 6.07 -21.75
CA SER A 102 2.31 7.08 -21.06
C SER A 102 3.79 6.86 -21.34
N SER A 103 4.51 7.97 -21.46
CA SER A 103 5.94 7.92 -21.73
C SER A 103 6.62 9.16 -21.16
N GLY A 104 7.43 8.93 -20.14
CA GLY A 104 8.15 10.02 -19.49
C GLY A 104 9.33 10.48 -20.36
N GLY A 1 4.90 26.73 6.45
CA GLY A 1 4.86 25.53 5.64
C GLY A 1 6.01 24.58 6.01
N SER A 2 5.87 23.97 7.18
CA SER A 2 6.87 23.05 7.67
C SER A 2 6.44 22.45 9.00
N SER A 3 6.23 23.33 9.97
CA SER A 3 5.81 22.90 11.29
C SER A 3 4.39 22.33 11.24
N GLY A 4 4.30 21.10 10.73
CA GLY A 4 3.02 20.44 10.61
C GLY A 4 2.78 19.50 11.79
N SER A 5 1.93 19.97 12.71
CA SER A 5 1.60 19.20 13.89
C SER A 5 0.79 17.95 13.50
N SER A 6 1.51 16.95 13.01
CA SER A 6 0.87 15.72 12.59
C SER A 6 0.18 15.06 13.80
N GLY A 7 1.00 14.48 14.66
CA GLY A 7 0.49 13.81 15.84
C GLY A 7 0.19 12.34 15.56
N GLU A 8 -1.09 12.04 15.44
CA GLU A 8 -1.52 10.67 15.17
C GLU A 8 -2.19 10.58 13.79
N GLU A 9 -2.39 11.76 13.20
CA GLU A 9 -3.02 11.82 11.89
C GLU A 9 -1.95 11.80 10.79
N ILE A 10 -1.96 10.72 10.02
CA ILE A 10 -1.00 10.57 8.93
C ILE A 10 -1.73 10.07 7.69
N PHE A 11 -0.96 9.90 6.63
CA PHE A 11 -1.52 9.43 5.37
C PHE A 11 -0.62 8.34 4.75
N CYS A 12 -1.28 7.28 4.28
CA CYS A 12 -0.57 6.18 3.67
C CYS A 12 -0.82 6.21 2.16
N HIS A 13 0.26 6.31 1.42
CA HIS A 13 0.17 6.36 -0.03
C HIS A 13 0.67 5.04 -0.63
N VAL A 14 -0.21 4.37 -1.36
CA VAL A 14 0.13 3.11 -1.97
C VAL A 14 0.17 3.27 -3.50
N TYR A 15 1.32 2.95 -4.07
CA TYR A 15 1.50 3.07 -5.51
C TYR A 15 1.12 1.76 -6.21
N ILE A 16 0.09 1.86 -7.04
CA ILE A 16 -0.39 0.70 -7.79
C ILE A 16 0.62 0.36 -8.88
N THR A 17 0.92 1.34 -9.71
CA THR A 17 1.87 1.15 -10.79
C THR A 17 3.07 2.08 -10.61
N GLU A 18 3.49 2.67 -11.72
CA GLU A 18 4.62 3.57 -11.70
C GLU A 18 4.16 5.00 -11.41
N HIS A 19 3.03 5.36 -12.02
CA HIS A 19 2.47 6.69 -11.84
C HIS A 19 1.03 6.58 -11.32
N SER A 20 0.81 5.54 -10.53
CA SER A 20 -0.50 5.30 -9.96
C SER A 20 -0.37 4.91 -8.48
N TYR A 21 -1.24 5.50 -7.67
CA TYR A 21 -1.23 5.22 -6.24
C TYR A 21 -2.56 5.63 -5.60
N VAL A 22 -2.66 5.34 -4.31
CA VAL A 22 -3.87 5.66 -3.56
C VAL A 22 -3.49 6.35 -2.25
N SER A 23 -4.20 7.44 -1.98
CA SER A 23 -3.93 8.20 -0.76
C SER A 23 -4.90 7.77 0.34
N VAL A 24 -4.35 7.08 1.33
CA VAL A 24 -5.15 6.59 2.44
C VAL A 24 -4.82 7.42 3.69
N LYS A 25 -5.85 7.65 4.50
CA LYS A 25 -5.68 8.41 5.72
C LYS A 25 -5.84 7.49 6.93
N ALA A 26 -4.71 7.06 7.47
CA ALA A 26 -4.72 6.17 8.62
C ALA A 26 -3.90 6.81 9.75
N LYS A 27 -3.82 6.09 10.85
CA LYS A 27 -3.08 6.57 12.01
C LYS A 27 -1.62 6.12 11.90
N VAL A 28 -0.82 6.57 12.85
CA VAL A 28 0.59 6.23 12.87
C VAL A 28 0.76 4.80 13.38
N SER A 29 -0.31 4.29 13.98
CA SER A 29 -0.29 2.94 14.52
C SER A 29 -1.25 2.05 13.73
N SER A 30 -1.77 2.61 12.64
CA SER A 30 -2.69 1.88 11.79
C SER A 30 -1.93 0.81 10.99
N ILE A 31 -2.44 -0.41 11.07
CA ILE A 31 -1.83 -1.53 10.37
C ILE A 31 -1.99 -1.32 8.87
N ALA A 32 -1.21 -2.08 8.10
CA ALA A 32 -1.26 -1.99 6.65
C ALA A 32 -2.67 -2.36 6.17
N GLN A 33 -3.22 -3.41 6.77
CA GLN A 33 -4.55 -3.86 6.41
C GLN A 33 -5.53 -2.69 6.40
N GLU A 34 -5.36 -1.82 7.39
CA GLU A 34 -6.21 -0.64 7.51
C GLU A 34 -6.11 0.22 6.24
N ILE A 35 -5.07 -0.05 5.47
CA ILE A 35 -4.84 0.69 4.24
C ILE A 35 -5.30 -0.15 3.05
N LEU A 36 -4.80 -1.37 3.01
CA LEU A 36 -5.15 -2.28 1.93
C LEU A 36 -6.67 -2.39 1.82
N LYS A 37 -7.32 -2.43 2.98
CA LYS A 37 -8.76 -2.52 3.04
C LYS A 37 -9.37 -1.28 2.39
N VAL A 38 -8.65 -0.17 2.49
CA VAL A 38 -9.11 1.08 1.93
C VAL A 38 -8.74 1.13 0.44
N VAL A 39 -7.45 1.00 0.18
CA VAL A 39 -6.96 1.03 -1.19
C VAL A 39 -7.80 0.10 -2.05
N ALA A 40 -7.88 -1.15 -1.61
CA ALA A 40 -8.65 -2.16 -2.32
C ALA A 40 -9.94 -1.53 -2.85
N GLU A 41 -10.58 -0.76 -1.97
CA GLU A 41 -11.81 -0.09 -2.34
C GLU A 41 -11.55 1.01 -3.35
N LYS A 42 -10.51 1.78 -3.08
CA LYS A 42 -10.14 2.88 -3.97
C LYS A 42 -10.00 2.35 -5.39
N ILE A 43 -9.64 1.09 -5.49
CA ILE A 43 -9.48 0.46 -6.79
C ILE A 43 -10.68 -0.46 -7.06
N GLN A 44 -11.37 -0.81 -5.99
CA GLN A 44 -12.54 -1.66 -6.10
C GLN A 44 -12.10 -3.12 -6.29
N TYR A 45 -11.29 -3.59 -5.35
CA TYR A 45 -10.80 -4.95 -5.40
C TYR A 45 -10.99 -5.66 -4.06
N ALA A 46 -10.26 -6.75 -3.89
CA ALA A 46 -10.33 -7.52 -2.66
C ALA A 46 -9.02 -7.39 -1.90
N GLU A 47 -9.03 -6.54 -0.88
CA GLU A 47 -7.85 -6.31 -0.08
C GLU A 47 -7.15 -7.64 0.23
N GLU A 48 -7.96 -8.62 0.58
CA GLU A 48 -7.44 -9.94 0.90
C GLU A 48 -6.67 -10.51 -0.29
N ASP A 49 -7.15 -10.19 -1.47
CA ASP A 49 -6.52 -10.65 -2.70
C ASP A 49 -5.30 -9.78 -3.01
N LEU A 50 -5.25 -8.65 -2.32
CA LEU A 50 -4.15 -7.71 -2.51
C LEU A 50 -3.17 -7.84 -1.34
N ALA A 51 -2.12 -7.03 -1.39
CA ALA A 51 -1.11 -7.04 -0.36
C ALA A 51 -0.28 -5.76 -0.45
N LEU A 52 0.22 -5.33 0.70
CA LEU A 52 1.03 -4.13 0.77
C LEU A 52 2.47 -4.46 0.38
N VAL A 53 2.87 -3.96 -0.78
CA VAL A 53 4.21 -4.21 -1.27
C VAL A 53 5.06 -2.95 -1.06
N ALA A 54 6.00 -3.06 -0.13
CA ALA A 54 6.88 -1.95 0.19
C ALA A 54 8.21 -2.14 -0.55
N ILE A 55 8.51 -1.19 -1.43
CA ILE A 55 9.74 -1.24 -2.20
C ILE A 55 10.81 -0.42 -1.49
N THR A 56 12.06 -0.73 -1.81
CA THR A 56 13.18 -0.02 -1.21
C THR A 56 13.94 0.77 -2.27
N PHE A 57 14.96 1.48 -1.82
CA PHE A 57 15.77 2.29 -2.72
C PHE A 57 16.40 1.43 -3.80
N SER A 58 17.13 0.41 -3.36
CA SER A 58 17.79 -0.50 -4.28
C SER A 58 16.86 -0.83 -5.45
N GLY A 59 15.57 -0.86 -5.14
CA GLY A 59 14.57 -1.16 -6.15
C GLY A 59 14.17 -2.64 -6.09
N GLU A 60 13.51 -3.00 -5.00
CA GLU A 60 13.07 -4.37 -4.80
C GLU A 60 11.74 -4.40 -4.04
N LYS A 61 10.81 -5.18 -4.56
CA LYS A 61 9.51 -5.30 -3.94
C LYS A 61 9.65 -6.10 -2.64
N HIS A 62 8.77 -5.78 -1.68
CA HIS A 62 8.79 -6.44 -0.40
C HIS A 62 7.36 -6.53 0.16
N GLU A 63 6.99 -7.73 0.57
CA GLU A 63 5.67 -7.95 1.11
C GLU A 63 5.74 -8.13 2.63
N LEU A 64 4.74 -7.57 3.31
CA LEU A 64 4.68 -7.66 4.75
C LEU A 64 3.36 -8.30 5.17
N GLN A 65 2.98 -8.07 6.42
CA GLN A 65 1.75 -8.61 6.94
C GLN A 65 0.66 -7.54 6.95
N PRO A 66 -0.62 -8.02 7.08
CA PRO A 66 -1.75 -7.12 7.09
C PRO A 66 -1.86 -6.38 8.43
N ASN A 67 -0.99 -6.77 9.35
CA ASN A 67 -0.98 -6.17 10.66
C ASN A 67 0.30 -5.33 10.82
N ASP A 68 1.12 -5.37 9.79
CA ASP A 68 2.37 -4.62 9.79
C ASP A 68 2.06 -3.12 9.68
N LEU A 69 2.66 -2.35 10.57
CA LEU A 69 2.45 -0.91 10.58
C LEU A 69 2.82 -0.35 9.21
N VAL A 70 2.11 0.71 8.83
CA VAL A 70 2.34 1.36 7.56
C VAL A 70 2.99 2.72 7.79
N ILE A 71 3.99 2.72 8.66
CA ILE A 71 4.70 3.94 8.99
C ILE A 71 5.90 3.61 9.88
N SER A 72 6.53 4.67 10.39
CA SER A 72 7.69 4.51 11.26
C SER A 72 8.85 3.89 10.46
N LYS A 73 9.98 4.58 10.51
CA LYS A 73 11.17 4.11 9.81
C LYS A 73 12.37 4.18 10.76
N SER A 74 13.26 3.21 10.59
CA SER A 74 14.45 3.14 11.43
C SER A 74 15.25 4.43 11.29
N LEU A 75 15.85 4.60 10.12
CA LEU A 75 16.65 5.79 9.86
C LEU A 75 16.35 6.29 8.44
N GLU A 76 16.45 5.37 7.49
CA GLU A 76 16.20 5.70 6.09
C GLU A 76 14.87 6.46 5.97
N ALA A 77 14.94 7.61 5.31
CA ALA A 77 13.77 8.43 5.11
C ALA A 77 13.37 8.41 3.64
N SER A 78 12.82 7.27 3.23
CA SER A 78 12.40 7.11 1.85
C SER A 78 11.77 5.74 1.66
N GLY A 79 10.88 5.65 0.67
CA GLY A 79 10.20 4.40 0.38
C GLY A 79 8.80 4.66 -0.18
N ARG A 80 8.11 3.57 -0.48
CA ARG A 80 6.76 3.67 -1.03
C ARG A 80 6.08 2.31 -1.01
N ILE A 81 4.84 2.30 -0.54
CA ILE A 81 4.07 1.07 -0.46
C ILE A 81 3.26 0.90 -1.74
N TYR A 82 2.98 -0.36 -2.06
CA TYR A 82 2.21 -0.68 -3.25
C TYR A 82 1.14 -1.73 -2.96
N VAL A 83 0.35 -2.02 -3.97
CA VAL A 83 -0.72 -3.01 -3.84
C VAL A 83 -0.78 -3.85 -5.11
N TYR A 84 -0.45 -5.13 -4.95
CA TYR A 84 -0.47 -6.05 -6.07
C TYR A 84 -1.65 -7.02 -5.96
N ARG A 85 -1.82 -7.83 -7.00
CA ARG A 85 -2.89 -8.80 -7.03
C ARG A 85 -2.34 -10.21 -6.79
N LYS A 86 -3.08 -10.97 -5.99
CA LYS A 86 -2.68 -12.33 -5.67
C LYS A 86 -3.26 -13.28 -6.72
N ASP A 87 -2.36 -13.97 -7.39
CA ASP A 87 -2.77 -14.93 -8.42
C ASP A 87 -1.58 -15.80 -8.80
N LEU A 88 -1.82 -17.11 -8.82
CA LEU A 88 -0.78 -18.06 -9.16
C LEU A 88 0.37 -17.94 -8.15
N ALA A 89 0.51 -18.97 -7.33
CA ALA A 89 1.55 -19.00 -6.33
C ALA A 89 1.43 -17.76 -5.44
N ASP A 90 2.49 -17.49 -4.70
CA ASP A 90 2.51 -16.35 -3.81
C ASP A 90 3.32 -15.22 -4.46
N THR A 91 3.06 -15.01 -5.74
CA THR A 91 3.75 -13.96 -6.47
C THR A 91 2.89 -12.71 -6.57
N LEU A 92 3.47 -11.67 -7.14
CA LEU A 92 2.77 -10.40 -7.30
C LEU A 92 3.27 -9.70 -8.55
N ASN A 93 2.33 -9.26 -9.37
CA ASN A 93 2.67 -8.56 -10.60
C ASN A 93 2.20 -7.11 -10.50
N PRO A 94 2.97 -6.21 -11.19
CA PRO A 94 2.65 -4.79 -11.19
C PRO A 94 1.44 -4.51 -12.08
N PHE A 95 0.41 -3.94 -11.48
CA PHE A 95 -0.80 -3.60 -12.21
C PHE A 95 -0.47 -3.01 -13.58
N ALA A 96 -1.45 -3.06 -14.46
CA ALA A 96 -1.27 -2.55 -15.81
C ALA A 96 -1.19 -1.02 -15.76
N GLU A 97 -2.34 -0.39 -15.57
CA GLU A 97 -2.41 1.05 -15.50
C GLU A 97 -3.76 1.50 -14.95
N ASN A 98 -3.73 2.55 -14.13
CA ASN A 98 -4.93 3.08 -13.54
C ASN A 98 -4.56 4.16 -12.53
N SER A 99 -4.55 5.39 -13.02
CA SER A 99 -4.21 6.53 -12.17
C SER A 99 -5.44 6.95 -11.35
N GLY A 100 -6.50 7.28 -12.06
CA GLY A 100 -7.73 7.70 -11.42
C GLY A 100 -7.62 9.13 -10.89
N PRO A 101 -8.67 9.55 -10.14
CA PRO A 101 -8.70 10.90 -9.58
C PRO A 101 -7.75 11.00 -8.37
N SER A 102 -7.41 12.23 -8.03
CA SER A 102 -6.52 12.48 -6.91
C SER A 102 -6.67 13.92 -6.44
N SER A 103 -6.42 14.13 -5.16
CA SER A 103 -6.52 15.46 -4.57
C SER A 103 -5.13 16.00 -4.27
N GLY A 104 -4.40 15.28 -3.43
CA GLY A 104 -3.06 15.68 -3.06
C GLY A 104 -2.95 15.90 -1.55
N GLY A 1 -4.87 6.86 25.12
CA GLY A 1 -3.62 7.01 24.40
C GLY A 1 -2.98 8.37 24.68
N SER A 2 -1.69 8.45 24.42
CA SER A 2 -0.95 9.68 24.63
C SER A 2 -1.27 10.68 23.52
N SER A 3 -1.07 11.96 23.84
CA SER A 3 -1.32 13.02 22.88
C SER A 3 -0.06 13.85 22.67
N GLY A 4 0.51 13.72 21.49
CA GLY A 4 1.72 14.46 21.15
C GLY A 4 1.98 14.43 19.64
N SER A 5 1.17 15.20 18.92
CA SER A 5 1.30 15.26 17.47
C SER A 5 0.25 16.21 16.90
N SER A 6 0.65 16.91 15.85
CA SER A 6 -0.25 17.85 15.18
C SER A 6 -1.32 17.09 14.40
N GLY A 7 -2.31 16.61 15.13
CA GLY A 7 -3.40 15.87 14.51
C GLY A 7 -2.93 14.47 14.08
N GLU A 8 -3.59 13.47 14.64
CA GLU A 8 -3.26 12.09 14.32
C GLU A 8 -3.92 11.67 13.01
N GLU A 9 -3.67 12.44 11.98
CA GLU A 9 -4.24 12.17 10.66
C GLU A 9 -3.27 11.32 9.84
N ILE A 10 -2.30 12.00 9.24
CA ILE A 10 -1.30 11.33 8.42
C ILE A 10 -2.01 10.55 7.32
N PHE A 11 -1.24 10.17 6.31
CA PHE A 11 -1.77 9.41 5.18
C PHE A 11 -0.86 8.25 4.82
N CYS A 12 -1.46 7.24 4.20
CA CYS A 12 -0.71 6.06 3.79
C CYS A 12 -0.66 6.03 2.26
N HIS A 13 0.47 6.44 1.72
CA HIS A 13 0.65 6.46 0.28
C HIS A 13 0.77 5.03 -0.24
N VAL A 14 -0.26 4.61 -0.95
CA VAL A 14 -0.29 3.26 -1.51
C VAL A 14 -0.07 3.34 -3.02
N TYR A 15 1.13 2.96 -3.43
CA TYR A 15 1.48 2.98 -4.84
C TYR A 15 1.03 1.70 -5.54
N ILE A 16 0.13 1.86 -6.50
CA ILE A 16 -0.38 0.73 -7.24
C ILE A 16 0.69 0.23 -8.22
N THR A 17 1.08 1.12 -9.12
CA THR A 17 2.09 0.78 -10.11
C THR A 17 3.37 1.59 -9.85
N GLU A 18 3.92 2.12 -10.94
CA GLU A 18 5.13 2.91 -10.85
C GLU A 18 4.79 4.41 -10.78
N HIS A 19 3.73 4.76 -11.47
CA HIS A 19 3.28 6.15 -11.50
C HIS A 19 1.82 6.23 -11.09
N SER A 20 1.44 5.34 -10.17
CA SER A 20 0.09 5.30 -9.68
C SER A 20 0.08 5.04 -8.17
N TYR A 21 -0.84 5.73 -7.49
CA TYR A 21 -0.96 5.58 -6.06
C TYR A 21 -2.34 6.02 -5.57
N VAL A 22 -2.54 5.95 -4.26
CA VAL A 22 -3.80 6.33 -3.67
C VAL A 22 -3.57 6.78 -2.23
N SER A 23 -4.23 7.87 -1.86
CA SER A 23 -4.10 8.40 -0.52
C SER A 23 -5.14 7.75 0.41
N VAL A 24 -4.66 7.31 1.56
CA VAL A 24 -5.53 6.66 2.53
C VAL A 24 -5.32 7.33 3.90
N LYS A 25 -6.38 7.95 4.39
CA LYS A 25 -6.33 8.61 5.68
C LYS A 25 -6.55 7.59 6.79
N ALA A 26 -5.44 7.16 7.37
CA ALA A 26 -5.48 6.19 8.45
C ALA A 26 -4.95 6.82 9.74
N LYS A 27 -4.94 6.02 10.79
CA LYS A 27 -4.46 6.50 12.08
C LYS A 27 -2.94 6.67 12.02
N VAL A 28 -2.40 7.16 13.12
CA VAL A 28 -0.96 7.39 13.21
C VAL A 28 -0.26 6.06 13.51
N SER A 29 -1.08 5.03 13.73
CA SER A 29 -0.56 3.72 14.02
C SER A 29 -1.45 2.64 13.40
N SER A 30 -2.00 2.98 12.24
CA SER A 30 -2.87 2.06 11.53
C SER A 30 -2.05 0.98 10.83
N ILE A 31 -2.71 -0.14 10.57
CA ILE A 31 -2.04 -1.26 9.92
C ILE A 31 -2.33 -1.21 8.41
N ALA A 32 -1.53 -1.93 7.66
CA ALA A 32 -1.68 -1.99 6.22
C ALA A 32 -3.08 -2.50 5.88
N GLN A 33 -3.47 -3.56 6.57
CA GLN A 33 -4.78 -4.15 6.36
C GLN A 33 -5.85 -3.07 6.29
N GLU A 34 -5.81 -2.17 7.27
CA GLU A 34 -6.77 -1.08 7.33
C GLU A 34 -6.72 -0.25 6.04
N ILE A 35 -5.52 -0.22 5.45
CA ILE A 35 -5.32 0.52 4.23
C ILE A 35 -5.75 -0.33 3.03
N LEU A 36 -5.42 -1.61 3.10
CA LEU A 36 -5.76 -2.54 2.04
C LEU A 36 -7.28 -2.52 1.83
N LYS A 37 -8.00 -2.68 2.92
CA LYS A 37 -9.46 -2.68 2.87
C LYS A 37 -9.94 -1.39 2.22
N VAL A 38 -9.17 -0.33 2.44
CA VAL A 38 -9.51 0.97 1.88
C VAL A 38 -9.08 1.02 0.41
N VAL A 39 -7.77 0.94 0.20
CA VAL A 39 -7.24 0.97 -1.14
C VAL A 39 -8.04 0.03 -2.04
N ALA A 40 -8.16 -1.20 -1.59
CA ALA A 40 -8.91 -2.20 -2.34
C ALA A 40 -10.14 -1.55 -2.98
N GLU A 41 -10.81 -0.74 -2.18
CA GLU A 41 -12.00 -0.03 -2.64
C GLU A 41 -11.62 1.08 -3.61
N LYS A 42 -10.59 1.83 -3.23
CA LYS A 42 -10.12 2.94 -4.04
C LYS A 42 -9.79 2.42 -5.44
N ILE A 43 -9.54 1.11 -5.51
CA ILE A 43 -9.20 0.48 -6.77
C ILE A 43 -10.35 -0.44 -7.20
N GLN A 44 -11.20 -0.75 -6.23
CA GLN A 44 -12.34 -1.62 -6.49
C GLN A 44 -11.87 -3.07 -6.64
N TYR A 45 -11.22 -3.56 -5.60
CA TYR A 45 -10.72 -4.93 -5.60
C TYR A 45 -10.99 -5.62 -4.26
N ALA A 46 -10.27 -6.70 -4.04
CA ALA A 46 -10.41 -7.46 -2.81
C ALA A 46 -9.11 -7.37 -2.00
N GLU A 47 -9.18 -6.61 -0.92
CA GLU A 47 -8.02 -6.42 -0.06
C GLU A 47 -7.34 -7.77 0.21
N GLU A 48 -8.17 -8.76 0.49
CA GLU A 48 -7.66 -10.09 0.77
C GLU A 48 -6.89 -10.63 -0.43
N ASP A 49 -7.24 -10.12 -1.60
CA ASP A 49 -6.59 -10.53 -2.83
C ASP A 49 -5.39 -9.63 -3.10
N LEU A 50 -5.27 -8.60 -2.27
CA LEU A 50 -4.18 -7.66 -2.41
C LEU A 50 -3.17 -7.89 -1.28
N ALA A 51 -2.02 -7.24 -1.41
CA ALA A 51 -0.97 -7.36 -0.41
C ALA A 51 -0.11 -6.09 -0.44
N LEU A 52 0.15 -5.57 0.75
CA LEU A 52 0.96 -4.37 0.89
C LEU A 52 2.45 -4.76 0.87
N VAL A 53 3.14 -4.25 -0.12
CA VAL A 53 4.57 -4.53 -0.26
C VAL A 53 5.32 -3.22 -0.53
N ALA A 54 6.40 -3.05 0.20
CA ALA A 54 7.22 -1.85 0.05
C ALA A 54 8.37 -2.14 -0.92
N ILE A 55 8.89 -1.06 -1.50
CA ILE A 55 9.98 -1.19 -2.45
C ILE A 55 11.12 -0.26 -2.03
N THR A 56 12.32 -0.58 -2.49
CA THR A 56 13.49 0.21 -2.17
C THR A 56 13.98 0.95 -3.42
N PHE A 57 14.86 1.91 -3.18
CA PHE A 57 15.41 2.71 -4.27
C PHE A 57 15.90 1.81 -5.41
N SER A 58 16.78 0.88 -5.07
CA SER A 58 17.32 -0.04 -6.05
C SER A 58 16.21 -0.51 -6.99
N GLY A 59 15.27 -1.25 -6.42
CA GLY A 59 14.15 -1.77 -7.19
C GLY A 59 13.85 -3.22 -6.80
N GLU A 60 13.28 -3.37 -5.62
CA GLU A 60 12.92 -4.70 -5.13
C GLU A 60 11.64 -4.63 -4.29
N LYS A 61 10.72 -5.53 -4.60
CA LYS A 61 9.46 -5.59 -3.90
C LYS A 61 9.65 -6.33 -2.57
N HIS A 62 8.93 -5.86 -1.57
CA HIS A 62 9.02 -6.47 -0.25
C HIS A 62 7.62 -6.52 0.38
N GLU A 63 7.11 -7.72 0.53
CA GLU A 63 5.80 -7.92 1.12
C GLU A 63 5.90 -7.99 2.64
N LEU A 64 4.84 -7.54 3.29
CA LEU A 64 4.79 -7.54 4.75
C LEU A 64 3.53 -8.26 5.22
N GLN A 65 3.09 -7.90 6.42
CA GLN A 65 1.90 -8.50 6.99
C GLN A 65 0.74 -7.49 6.98
N PRO A 66 -0.49 -8.04 7.15
CA PRO A 66 -1.68 -7.20 7.17
C PRO A 66 -1.81 -6.44 8.48
N ASN A 67 -0.86 -6.71 9.38
CA ASN A 67 -0.85 -6.05 10.67
C ASN A 67 0.38 -5.15 10.76
N ASP A 68 1.20 -5.20 9.72
CA ASP A 68 2.40 -4.38 9.67
C ASP A 68 2.01 -2.91 9.53
N LEU A 69 2.52 -2.10 10.45
CA LEU A 69 2.22 -0.68 10.44
C LEU A 69 2.58 -0.11 9.07
N VAL A 70 1.75 0.82 8.61
CA VAL A 70 1.97 1.46 7.32
C VAL A 70 2.44 2.90 7.54
N ILE A 71 2.92 3.15 8.74
CA ILE A 71 3.41 4.48 9.09
C ILE A 71 4.51 4.36 10.14
N SER A 72 5.73 4.65 9.70
CA SER A 72 6.87 4.58 10.59
C SER A 72 8.15 4.97 9.83
N LYS A 73 9.20 5.22 10.60
CA LYS A 73 10.47 5.61 10.03
C LYS A 73 10.28 6.86 9.17
N SER A 74 10.45 8.00 9.82
CA SER A 74 10.30 9.27 9.13
C SER A 74 11.31 9.38 8.00
N LEU A 75 12.59 9.44 8.38
CA LEU A 75 13.66 9.54 7.40
C LEU A 75 14.73 8.50 7.73
N GLU A 76 14.35 7.23 7.60
CA GLU A 76 15.26 6.15 7.88
C GLU A 76 14.79 4.86 7.18
N ALA A 77 14.44 5.02 5.91
CA ALA A 77 13.97 3.89 5.13
C ALA A 77 14.25 4.15 3.64
N SER A 78 13.64 5.22 3.15
CA SER A 78 13.81 5.60 1.76
C SER A 78 13.17 4.54 0.84
N GLY A 79 11.86 4.62 0.72
CA GLY A 79 11.12 3.68 -0.11
C GLY A 79 9.66 4.13 -0.28
N ARG A 80 8.77 3.16 -0.08
CA ARG A 80 7.34 3.42 -0.21
C ARG A 80 6.57 2.12 -0.27
N ILE A 81 5.32 2.18 0.17
CA ILE A 81 4.46 1.01 0.17
C ILE A 81 3.78 0.88 -1.19
N TYR A 82 3.58 -0.36 -1.60
CA TYR A 82 2.95 -0.64 -2.88
C TYR A 82 1.99 -1.83 -2.77
N VAL A 83 0.84 -1.69 -3.42
CA VAL A 83 -0.16 -2.73 -3.41
C VAL A 83 -0.16 -3.46 -4.76
N TYR A 84 -0.58 -4.71 -4.71
CA TYR A 84 -0.63 -5.52 -5.92
C TYR A 84 -1.67 -6.63 -5.79
N ARG A 85 -1.84 -7.37 -6.88
CA ARG A 85 -2.80 -8.47 -6.90
C ARG A 85 -2.12 -9.77 -6.49
N LYS A 86 -2.68 -10.40 -5.47
CA LYS A 86 -2.14 -11.65 -4.96
C LYS A 86 -2.31 -12.74 -6.03
N ASP A 87 -1.24 -13.49 -6.23
CA ASP A 87 -1.26 -14.56 -7.22
C ASP A 87 0.17 -15.02 -7.50
N LEU A 88 0.92 -14.14 -8.16
CA LEU A 88 2.30 -14.44 -8.49
C LEU A 88 3.04 -14.89 -7.23
N ALA A 89 3.03 -16.20 -7.01
CA ALA A 89 3.69 -16.77 -5.86
C ALA A 89 3.51 -15.84 -4.66
N ASP A 90 4.46 -15.92 -3.74
CA ASP A 90 4.43 -15.09 -2.55
C ASP A 90 4.55 -13.62 -2.95
N THR A 91 5.71 -13.30 -3.51
CA THR A 91 5.97 -11.93 -3.95
C THR A 91 4.78 -11.39 -4.74
N LEU A 92 4.78 -10.07 -4.91
CA LEU A 92 3.71 -9.42 -5.64
C LEU A 92 4.27 -8.86 -6.95
N ASN A 93 3.44 -8.06 -7.62
CA ASN A 93 3.83 -7.47 -8.89
C ASN A 93 2.86 -6.32 -9.22
N PRO A 94 3.37 -5.37 -10.04
CA PRO A 94 2.56 -4.22 -10.44
C PRO A 94 1.53 -4.63 -11.50
N PHE A 95 0.28 -4.34 -11.20
CA PHE A 95 -0.80 -4.67 -12.11
C PHE A 95 -0.45 -4.29 -13.54
N ALA A 96 -0.66 -3.02 -13.86
CA ALA A 96 -0.36 -2.53 -15.19
C ALA A 96 1.11 -2.12 -15.26
N GLU A 97 1.47 -1.52 -16.39
CA GLU A 97 2.84 -1.08 -16.59
C GLU A 97 2.87 0.22 -17.40
N ASN A 98 3.64 1.18 -16.91
CA ASN A 98 3.76 2.47 -17.57
C ASN A 98 2.38 3.13 -17.64
N SER A 99 2.39 4.45 -17.56
CA SER A 99 1.16 5.22 -17.61
C SER A 99 1.48 6.72 -17.58
N GLY A 100 0.54 7.50 -18.11
CA GLY A 100 0.71 8.93 -18.15
C GLY A 100 0.90 9.51 -16.74
N PRO A 101 2.09 10.13 -16.54
CA PRO A 101 2.41 10.72 -15.25
C PRO A 101 1.67 12.04 -15.05
N SER A 102 1.41 12.35 -13.78
CA SER A 102 0.71 13.58 -13.44
C SER A 102 -0.70 13.54 -14.02
N SER A 103 -1.68 13.64 -13.13
CA SER A 103 -3.07 13.62 -13.56
C SER A 103 -3.69 15.01 -13.36
N GLY A 104 -4.03 15.63 -14.49
CA GLY A 104 -4.63 16.96 -14.46
C GLY A 104 -6.11 16.88 -14.83
N GLY A 1 -1.48 -2.08 23.75
CA GLY A 1 -2.89 -2.30 23.43
C GLY A 1 -3.60 -0.96 23.17
N SER A 2 -4.07 -0.36 24.25
CA SER A 2 -4.77 0.91 24.16
C SER A 2 -3.93 2.01 24.78
N SER A 3 -3.20 2.72 23.92
CA SER A 3 -2.35 3.80 24.36
C SER A 3 -2.72 5.10 23.62
N GLY A 4 -2.61 5.04 22.31
CA GLY A 4 -2.92 6.19 21.48
C GLY A 4 -4.18 5.94 20.65
N SER A 5 -5.32 6.05 21.32
CA SER A 5 -6.60 5.84 20.65
C SER A 5 -6.61 6.56 19.31
N SER A 6 -6.46 7.87 19.36
CA SER A 6 -6.46 8.67 18.16
C SER A 6 -5.05 8.73 17.57
N GLY A 7 -4.99 8.66 16.25
CA GLY A 7 -3.71 8.70 15.56
C GLY A 7 -3.06 10.08 15.69
N GLU A 8 -2.23 10.40 14.71
CA GLU A 8 -1.53 11.68 14.71
C GLU A 8 -1.82 12.43 13.41
N GLU A 9 -2.93 12.08 12.79
CA GLU A 9 -3.33 12.70 11.53
C GLU A 9 -2.23 12.55 10.49
N ILE A 10 -2.39 11.52 9.66
CA ILE A 10 -1.41 11.26 8.62
C ILE A 10 -2.11 10.58 7.44
N PHE A 11 -1.32 10.29 6.41
CA PHE A 11 -1.85 9.64 5.22
C PHE A 11 -0.95 8.50 4.77
N CYS A 12 -1.57 7.48 4.19
CA CYS A 12 -0.84 6.33 3.70
C CYS A 12 -0.94 6.29 2.18
N HIS A 13 0.21 6.45 1.54
CA HIS A 13 0.27 6.45 0.09
C HIS A 13 0.51 5.02 -0.41
N VAL A 14 -0.42 4.55 -1.23
CA VAL A 14 -0.32 3.21 -1.78
C VAL A 14 -0.27 3.29 -3.31
N TYR A 15 0.95 3.21 -3.83
CA TYR A 15 1.14 3.27 -5.27
C TYR A 15 0.61 2.02 -5.95
N ILE A 16 -0.44 2.19 -6.74
CA ILE A 16 -1.05 1.08 -7.45
C ILE A 16 -0.13 0.65 -8.60
N THR A 17 0.11 1.59 -9.50
CA THR A 17 0.97 1.32 -10.65
C THR A 17 2.31 2.04 -10.48
N GLU A 18 2.75 2.66 -11.57
CA GLU A 18 4.01 3.38 -11.57
C GLU A 18 3.77 4.87 -11.32
N HIS A 19 2.63 5.34 -11.81
CA HIS A 19 2.28 6.74 -11.66
C HIS A 19 0.86 6.85 -11.09
N SER A 20 0.54 5.91 -10.20
CA SER A 20 -0.77 5.88 -9.58
C SER A 20 -0.64 5.52 -8.10
N TYR A 21 -1.47 6.16 -7.29
CA TYR A 21 -1.46 5.92 -5.86
C TYR A 21 -2.79 6.32 -5.22
N VAL A 22 -2.85 6.17 -3.91
CA VAL A 22 -4.05 6.51 -3.17
C VAL A 22 -3.65 7.12 -1.82
N SER A 23 -4.41 8.13 -1.42
CA SER A 23 -4.15 8.81 -0.15
C SER A 23 -5.13 8.32 0.91
N VAL A 24 -4.70 7.28 1.63
CA VAL A 24 -5.52 6.69 2.67
C VAL A 24 -5.20 7.39 4.01
N LYS A 25 -6.24 7.93 4.62
CA LYS A 25 -6.08 8.62 5.88
C LYS A 25 -6.21 7.61 7.03
N ALA A 26 -5.05 7.19 7.52
CA ALA A 26 -5.01 6.23 8.61
C ALA A 26 -4.35 6.87 9.83
N LYS A 27 -4.26 6.09 10.89
CA LYS A 27 -3.64 6.56 12.13
C LYS A 27 -2.12 6.63 11.94
N VAL A 28 -1.46 7.12 12.97
CA VAL A 28 -0.01 7.24 12.94
C VAL A 28 0.62 5.87 13.25
N SER A 29 -0.23 4.94 13.64
CA SER A 29 0.22 3.60 13.97
C SER A 29 -0.77 2.57 13.43
N SER A 30 -1.39 2.92 12.32
CA SER A 30 -2.35 2.03 11.68
C SER A 30 -1.63 0.90 10.95
N ILE A 31 -2.36 -0.17 10.70
CA ILE A 31 -1.80 -1.32 10.00
C ILE A 31 -2.06 -1.18 8.50
N ALA A 32 -1.36 -2.00 7.74
CA ALA A 32 -1.50 -1.98 6.29
C ALA A 32 -2.95 -2.31 5.92
N GLN A 33 -3.48 -3.31 6.60
CA GLN A 33 -4.85 -3.74 6.35
C GLN A 33 -5.79 -2.52 6.34
N GLU A 34 -5.58 -1.65 7.31
CA GLU A 34 -6.39 -0.45 7.42
C GLU A 34 -6.32 0.37 6.13
N ILE A 35 -5.26 0.12 5.37
CA ILE A 35 -5.06 0.83 4.12
C ILE A 35 -5.48 -0.07 2.96
N LEU A 36 -4.99 -1.31 3.00
CA LEU A 36 -5.32 -2.26 1.96
C LEU A 36 -6.84 -2.41 1.85
N LYS A 37 -7.48 -2.41 3.01
CA LYS A 37 -8.93 -2.52 3.06
C LYS A 37 -9.57 -1.33 2.35
N VAL A 38 -8.87 -0.20 2.40
CA VAL A 38 -9.35 1.00 1.77
C VAL A 38 -8.97 0.99 0.29
N VAL A 39 -7.66 0.87 0.06
CA VAL A 39 -7.14 0.83 -1.30
C VAL A 39 -7.96 -0.17 -2.13
N ALA A 40 -8.04 -1.37 -1.62
CA ALA A 40 -8.79 -2.42 -2.31
C ALA A 40 -10.08 -1.84 -2.88
N GLU A 41 -10.79 -1.11 -2.03
CA GLU A 41 -12.04 -0.49 -2.45
C GLU A 41 -11.76 0.64 -3.43
N LYS A 42 -10.77 1.45 -3.11
CA LYS A 42 -10.40 2.56 -3.96
C LYS A 42 -10.20 2.06 -5.39
N ILE A 43 -9.78 0.81 -5.49
CA ILE A 43 -9.54 0.20 -6.79
C ILE A 43 -10.69 -0.75 -7.12
N GLN A 44 -11.42 -1.13 -6.08
CA GLN A 44 -12.54 -2.03 -6.24
C GLN A 44 -12.06 -3.47 -6.39
N TYR A 45 -11.29 -3.90 -5.40
CA TYR A 45 -10.75 -5.26 -5.41
C TYR A 45 -10.96 -5.94 -4.06
N ALA A 46 -10.18 -6.98 -3.82
CA ALA A 46 -10.27 -7.72 -2.57
C ALA A 46 -8.97 -7.54 -1.78
N GLU A 47 -9.05 -6.71 -0.76
CA GLU A 47 -7.90 -6.45 0.08
C GLU A 47 -7.19 -7.75 0.44
N GLU A 48 -8.00 -8.76 0.76
CA GLU A 48 -7.46 -10.06 1.12
C GLU A 48 -6.65 -10.65 -0.03
N ASP A 49 -7.07 -10.29 -1.24
CA ASP A 49 -6.40 -10.77 -2.44
C ASP A 49 -5.26 -9.81 -2.79
N LEU A 50 -5.17 -8.73 -2.02
CA LEU A 50 -4.14 -7.74 -2.25
C LEU A 50 -3.10 -7.83 -1.12
N ALA A 51 -2.06 -7.02 -1.24
CA ALA A 51 -1.00 -7.00 -0.27
C ALA A 51 -0.10 -5.78 -0.50
N LEU A 52 0.39 -5.22 0.60
CA LEU A 52 1.25 -4.05 0.52
C LEU A 52 2.69 -4.50 0.24
N VAL A 53 3.21 -4.05 -0.89
CA VAL A 53 4.56 -4.40 -1.28
C VAL A 53 5.46 -3.17 -1.11
N ALA A 54 6.34 -3.26 -0.13
CA ALA A 54 7.26 -2.17 0.15
C ALA A 54 8.53 -2.36 -0.67
N ILE A 55 9.09 -1.25 -1.13
CA ILE A 55 10.30 -1.28 -1.92
C ILE A 55 11.43 -0.58 -1.16
N THR A 56 12.64 -1.10 -1.35
CA THR A 56 13.80 -0.54 -0.69
C THR A 56 14.83 -0.07 -1.72
N PHE A 57 15.95 0.44 -1.22
CA PHE A 57 17.01 0.93 -2.07
C PHE A 57 17.27 -0.05 -3.21
N SER A 58 18.02 0.43 -4.20
CA SER A 58 18.35 -0.39 -5.35
C SER A 58 17.09 -0.65 -6.19
N GLY A 59 16.23 -1.49 -5.66
CA GLY A 59 15.00 -1.84 -6.35
C GLY A 59 14.54 -3.25 -5.99
N GLU A 60 14.13 -3.41 -4.74
CA GLU A 60 13.67 -4.70 -4.27
C GLU A 60 12.28 -4.58 -3.63
N LYS A 61 11.35 -5.37 -4.15
CA LYS A 61 9.99 -5.35 -3.66
C LYS A 61 9.85 -6.37 -2.53
N HIS A 62 8.97 -6.06 -1.58
CA HIS A 62 8.73 -6.94 -0.46
C HIS A 62 7.30 -6.79 0.03
N GLU A 63 6.61 -7.92 0.10
CA GLU A 63 5.22 -7.93 0.54
C GLU A 63 5.15 -8.07 2.06
N LEU A 64 4.64 -7.04 2.70
CA LEU A 64 4.50 -7.04 4.15
C LEU A 64 3.33 -7.94 4.55
N GLN A 65 2.40 -7.35 5.29
CA GLN A 65 1.23 -8.07 5.74
C GLN A 65 0.09 -7.10 6.06
N PRO A 66 -1.11 -7.69 6.31
CA PRO A 66 -2.28 -6.88 6.63
C PRO A 66 -2.20 -6.36 8.07
N ASN A 67 -1.05 -6.58 8.68
CA ASN A 67 -0.84 -6.14 10.05
C ASN A 67 0.38 -5.22 10.10
N ASP A 68 1.36 -5.53 9.26
CA ASP A 68 2.59 -4.76 9.19
C ASP A 68 2.23 -3.28 9.07
N LEU A 69 2.77 -2.49 9.98
CA LEU A 69 2.53 -1.06 9.99
C LEU A 69 2.79 -0.50 8.59
N VAL A 70 2.09 0.59 8.28
CA VAL A 70 2.24 1.23 6.98
C VAL A 70 2.97 2.57 7.17
N ILE A 71 3.02 3.01 8.42
CA ILE A 71 3.67 4.27 8.73
C ILE A 71 4.24 4.20 10.15
N SER A 72 5.56 4.09 10.22
CA SER A 72 6.24 4.01 11.50
C SER A 72 7.75 3.88 11.28
N LYS A 73 8.47 3.90 12.39
CA LYS A 73 9.92 3.78 12.34
C LYS A 73 10.50 4.94 11.53
N SER A 74 11.80 4.87 11.29
CA SER A 74 12.47 5.91 10.53
C SER A 74 13.92 5.49 10.25
N LEU A 75 14.07 4.25 9.82
CA LEU A 75 15.39 3.71 9.50
C LEU A 75 15.45 3.34 8.03
N GLU A 76 14.61 4.00 7.24
CA GLU A 76 14.56 3.75 5.81
C GLU A 76 14.77 5.05 5.04
N ALA A 77 13.80 5.95 5.17
CA ALA A 77 13.87 7.23 4.50
C ALA A 77 13.78 7.01 2.99
N SER A 78 13.11 7.95 2.33
CA SER A 78 12.94 7.86 0.88
C SER A 78 12.55 6.44 0.48
N GLY A 79 11.25 6.21 0.42
CA GLY A 79 10.73 4.90 0.06
C GLY A 79 9.35 5.02 -0.60
N ARG A 80 8.69 3.88 -0.71
CA ARG A 80 7.37 3.84 -1.32
C ARG A 80 6.79 2.43 -1.26
N ILE A 81 5.49 2.36 -1.00
CA ILE A 81 4.82 1.08 -0.91
C ILE A 81 3.88 0.92 -2.11
N TYR A 82 3.55 -0.33 -2.40
CA TYR A 82 2.67 -0.63 -3.51
C TYR A 82 1.70 -1.76 -3.15
N VAL A 83 0.81 -2.06 -4.09
CA VAL A 83 -0.17 -3.11 -3.88
C VAL A 83 -0.23 -4.00 -5.13
N TYR A 84 -0.10 -5.30 -4.89
CA TYR A 84 -0.14 -6.26 -5.98
C TYR A 84 -1.34 -7.20 -5.84
N ARG A 85 -1.57 -7.98 -6.88
CA ARG A 85 -2.68 -8.92 -6.89
C ARG A 85 -2.19 -10.31 -6.51
N LYS A 86 -2.77 -10.83 -5.42
CA LYS A 86 -2.40 -12.15 -4.95
C LYS A 86 -2.68 -13.19 -6.03
N ASP A 87 -2.10 -14.36 -5.86
CA ASP A 87 -2.27 -15.44 -6.81
C ASP A 87 -2.12 -16.78 -6.10
N LEU A 88 -1.99 -17.83 -6.90
CA LEU A 88 -1.84 -19.17 -6.35
C LEU A 88 -0.37 -19.59 -6.43
N ALA A 89 0.47 -18.83 -5.76
CA ALA A 89 1.89 -19.10 -5.76
C ALA A 89 2.59 -18.14 -4.79
N ASP A 90 3.88 -17.95 -5.03
CA ASP A 90 4.67 -17.06 -4.20
C ASP A 90 5.03 -15.80 -4.99
N THR A 91 4.18 -15.49 -5.96
CA THR A 91 4.39 -14.32 -6.79
C THR A 91 3.26 -13.31 -6.60
N LEU A 92 3.53 -12.08 -7.00
CA LEU A 92 2.55 -11.02 -6.87
C LEU A 92 2.33 -10.36 -8.25
N ASN A 93 3.44 -10.00 -8.87
CA ASN A 93 3.39 -9.36 -10.18
C ASN A 93 2.67 -8.02 -10.06
N PRO A 94 3.30 -6.98 -10.70
CA PRO A 94 2.75 -5.64 -10.67
C PRO A 94 1.53 -5.53 -11.59
N PHE A 95 0.98 -4.33 -11.65
CA PHE A 95 -0.18 -4.07 -12.49
C PHE A 95 0.22 -3.35 -13.78
N ALA A 96 -0.78 -3.11 -14.62
CA ALA A 96 -0.54 -2.42 -15.88
C ALA A 96 0.56 -3.14 -16.64
N GLU A 97 0.79 -2.69 -17.87
CA GLU A 97 1.81 -3.28 -18.72
C GLU A 97 1.37 -4.67 -19.19
N ASN A 98 1.15 -5.54 -18.21
CA ASN A 98 0.73 -6.90 -18.52
C ASN A 98 -0.69 -6.88 -19.06
N SER A 99 -1.02 -7.91 -19.82
CA SER A 99 -2.35 -8.03 -20.40
C SER A 99 -3.41 -7.78 -19.33
N GLY A 100 -4.45 -7.07 -19.73
CA GLY A 100 -5.54 -6.76 -18.82
C GLY A 100 -5.73 -5.24 -18.68
N PRO A 101 -6.12 -4.82 -17.45
CA PRO A 101 -6.33 -3.41 -17.18
C PRO A 101 -4.99 -2.66 -17.05
N SER A 102 -5.06 -1.36 -17.26
CA SER A 102 -3.87 -0.53 -17.17
C SER A 102 -4.18 0.75 -16.39
N SER A 103 -5.15 1.49 -16.89
CA SER A 103 -5.55 2.73 -16.25
C SER A 103 -5.73 2.52 -14.75
N GLY A 104 -5.11 3.39 -13.98
CA GLY A 104 -5.18 3.30 -12.53
C GLY A 104 -5.89 4.52 -11.94
N GLY A 1 -10.17 -4.80 19.92
CA GLY A 1 -10.38 -3.70 18.99
C GLY A 1 -9.29 -3.69 17.91
N SER A 2 -8.68 -2.52 17.76
CA SER A 2 -7.63 -2.35 16.77
C SER A 2 -6.70 -1.20 17.17
N SER A 3 -7.30 -0.03 17.33
CA SER A 3 -6.55 1.15 17.71
C SER A 3 -7.48 2.35 17.83
N GLY A 4 -6.97 3.40 18.46
CA GLY A 4 -7.75 4.61 18.64
C GLY A 4 -6.93 5.69 19.36
N SER A 5 -6.46 6.65 18.57
CA SER A 5 -5.66 7.74 19.12
C SER A 5 -6.22 9.08 18.64
N SER A 6 -5.71 10.14 19.25
CA SER A 6 -6.14 11.48 18.91
C SER A 6 -4.96 12.32 18.42
N GLY A 7 -5.27 13.33 17.62
CA GLY A 7 -4.24 14.20 17.08
C GLY A 7 -3.09 13.39 16.50
N GLU A 8 -3.25 13.01 15.24
CA GLU A 8 -2.23 12.22 14.55
C GLU A 8 -1.98 12.80 13.15
N GLU A 9 -2.99 12.65 12.31
CA GLU A 9 -2.89 13.15 10.94
C GLU A 9 -1.76 12.44 10.20
N ILE A 10 -2.14 11.60 9.25
CA ILE A 10 -1.18 10.86 8.47
C ILE A 10 -1.90 10.13 7.33
N PHE A 11 -1.13 9.84 6.28
CA PHE A 11 -1.68 9.15 5.12
C PHE A 11 -0.74 8.04 4.65
N CYS A 12 -1.35 6.99 4.12
CA CYS A 12 -0.58 5.85 3.63
C CYS A 12 -0.67 5.84 2.10
N HIS A 13 0.34 6.43 1.48
CA HIS A 13 0.38 6.50 0.03
C HIS A 13 0.91 5.17 -0.53
N VAL A 14 0.02 4.45 -1.19
CA VAL A 14 0.37 3.17 -1.78
C VAL A 14 0.43 3.31 -3.30
N TYR A 15 1.55 2.86 -3.86
CA TYR A 15 1.75 2.93 -5.29
C TYR A 15 1.36 1.61 -5.97
N ILE A 16 0.33 1.68 -6.79
CA ILE A 16 -0.16 0.51 -7.49
C ILE A 16 0.93 0.02 -8.46
N THR A 17 1.33 0.92 -9.33
CA THR A 17 2.36 0.60 -10.32
C THR A 17 3.58 1.50 -10.13
N GLU A 18 4.08 2.02 -11.24
CA GLU A 18 5.24 2.89 -11.21
C GLU A 18 4.80 4.35 -11.08
N HIS A 19 3.70 4.67 -11.76
CA HIS A 19 3.17 6.02 -11.73
C HIS A 19 1.70 5.99 -11.30
N SER A 20 1.40 5.05 -10.40
CA SER A 20 0.05 4.90 -9.90
C SER A 20 0.07 4.62 -8.40
N TYR A 21 -0.83 5.29 -7.70
CA TYR A 21 -0.93 5.12 -6.25
C TYR A 21 -2.29 5.58 -5.74
N VAL A 22 -2.53 5.30 -4.46
CA VAL A 22 -3.78 5.67 -3.84
C VAL A 22 -3.53 6.07 -2.38
N SER A 23 -3.92 7.28 -2.04
CA SER A 23 -3.74 7.79 -0.69
C SER A 23 -4.77 7.17 0.24
N VAL A 24 -4.37 6.98 1.48
CA VAL A 24 -5.26 6.40 2.48
C VAL A 24 -5.06 7.14 3.81
N LYS A 25 -6.18 7.59 4.36
CA LYS A 25 -6.16 8.31 5.62
C LYS A 25 -6.35 7.32 6.77
N ALA A 26 -5.23 6.94 7.37
CA ALA A 26 -5.25 6.00 8.47
C ALA A 26 -4.63 6.65 9.71
N LYS A 27 -4.62 5.90 10.81
CA LYS A 27 -4.05 6.40 12.04
C LYS A 27 -2.53 6.26 12.00
N VAL A 28 -1.88 6.85 13.00
CA VAL A 28 -0.43 6.79 13.08
C VAL A 28 0.00 5.39 13.46
N SER A 29 -0.97 4.60 13.90
CA SER A 29 -0.69 3.22 14.30
C SER A 29 -1.63 2.27 13.55
N SER A 30 -2.04 2.70 12.37
CA SER A 30 -2.93 1.90 11.54
C SER A 30 -2.11 0.87 10.76
N ILE A 31 -2.55 -0.38 10.85
CA ILE A 31 -1.88 -1.46 10.16
C ILE A 31 -2.12 -1.33 8.66
N ALA A 32 -1.30 -2.04 7.89
CA ALA A 32 -1.42 -2.01 6.44
C ALA A 32 -2.82 -2.45 6.04
N GLN A 33 -3.32 -3.47 6.73
CA GLN A 33 -4.64 -4.00 6.46
C GLN A 33 -5.66 -2.86 6.45
N GLU A 34 -5.55 -1.99 7.44
CA GLU A 34 -6.46 -0.86 7.55
C GLU A 34 -6.35 0.03 6.32
N ILE A 35 -5.29 -0.18 5.55
CA ILE A 35 -5.07 0.59 4.34
C ILE A 35 -5.58 -0.21 3.13
N LEU A 36 -5.14 -1.45 3.06
CA LEU A 36 -5.54 -2.33 1.97
C LEU A 36 -7.06 -2.32 1.86
N LYS A 37 -7.71 -2.45 3.00
CA LYS A 37 -9.17 -2.46 3.04
C LYS A 37 -9.70 -1.17 2.44
N VAL A 38 -8.90 -0.12 2.54
CA VAL A 38 -9.27 1.18 2.01
C VAL A 38 -8.89 1.25 0.53
N VAL A 39 -7.66 0.86 0.25
CA VAL A 39 -7.16 0.88 -1.12
C VAL A 39 -8.06 0.01 -1.99
N ALA A 40 -8.27 -1.22 -1.53
CA ALA A 40 -9.11 -2.16 -2.26
C ALA A 40 -10.31 -1.42 -2.83
N GLU A 41 -10.93 -0.61 -1.99
CA GLU A 41 -12.09 0.16 -2.39
C GLU A 41 -11.69 1.25 -3.37
N LYS A 42 -10.55 1.87 -3.09
CA LYS A 42 -10.04 2.93 -3.93
C LYS A 42 -9.76 2.38 -5.33
N ILE A 43 -9.62 1.07 -5.39
CA ILE A 43 -9.34 0.40 -6.66
C ILE A 43 -10.46 -0.60 -6.96
N GLN A 44 -11.47 -0.58 -6.10
CA GLN A 44 -12.60 -1.46 -6.26
C GLN A 44 -12.11 -2.91 -6.45
N TYR A 45 -11.45 -3.41 -5.42
CA TYR A 45 -10.93 -4.77 -5.45
C TYR A 45 -11.20 -5.50 -4.13
N ALA A 46 -10.44 -6.57 -3.92
CA ALA A 46 -10.60 -7.36 -2.71
C ALA A 46 -9.31 -7.30 -1.91
N GLU A 47 -9.35 -6.53 -0.83
CA GLU A 47 -8.18 -6.38 0.03
C GLU A 47 -7.53 -7.74 0.28
N GLU A 48 -8.36 -8.71 0.61
CA GLU A 48 -7.87 -10.05 0.87
C GLU A 48 -7.10 -10.59 -0.33
N ASP A 49 -7.46 -10.06 -1.50
CA ASP A 49 -6.82 -10.49 -2.73
C ASP A 49 -5.64 -9.56 -3.03
N LEU A 50 -5.51 -8.54 -2.18
CA LEU A 50 -4.43 -7.57 -2.34
C LEU A 50 -3.38 -7.80 -1.25
N ALA A 51 -2.25 -7.16 -1.41
CA ALA A 51 -1.16 -7.28 -0.45
C ALA A 51 -0.31 -6.01 -0.49
N LEU A 52 0.05 -5.54 0.70
CA LEU A 52 0.86 -4.34 0.81
C LEU A 52 2.34 -4.70 0.62
N VAL A 53 2.89 -4.24 -0.49
CA VAL A 53 4.29 -4.51 -0.80
C VAL A 53 5.06 -3.19 -0.81
N ALA A 54 6.19 -3.21 -0.12
CA ALA A 54 7.03 -2.03 -0.04
C ALA A 54 8.27 -2.23 -0.93
N ILE A 55 8.84 -1.11 -1.34
CA ILE A 55 10.02 -1.13 -2.19
C ILE A 55 11.13 -0.29 -1.56
N THR A 56 12.36 -0.60 -1.96
CA THR A 56 13.51 0.12 -1.44
C THR A 56 14.08 1.06 -2.51
N PHE A 57 14.98 1.92 -2.08
CA PHE A 57 15.62 2.87 -2.98
C PHE A 57 16.07 2.17 -4.27
N SER A 58 16.92 1.18 -4.09
CA SER A 58 17.44 0.43 -5.24
C SER A 58 16.30 0.11 -6.21
N GLY A 59 15.38 -0.72 -5.73
CA GLY A 59 14.24 -1.12 -6.54
C GLY A 59 13.94 -2.61 -6.38
N GLU A 60 13.36 -2.95 -5.23
CA GLU A 60 13.02 -4.32 -4.93
C GLU A 60 11.74 -4.40 -4.11
N LYS A 61 10.77 -5.13 -4.65
CA LYS A 61 9.49 -5.27 -3.97
C LYS A 61 9.68 -6.16 -2.73
N HIS A 62 8.97 -5.79 -1.67
CA HIS A 62 9.04 -6.53 -0.43
C HIS A 62 7.64 -6.65 0.18
N GLU A 63 7.14 -7.88 0.20
CA GLU A 63 5.82 -8.15 0.74
C GLU A 63 5.90 -8.27 2.27
N LEU A 64 4.98 -7.58 2.92
CA LEU A 64 4.93 -7.60 4.38
C LEU A 64 3.63 -8.27 4.83
N GLN A 65 3.24 -7.98 6.07
CA GLN A 65 2.04 -8.54 6.63
C GLN A 65 0.93 -7.48 6.68
N PRO A 66 -0.33 -7.97 6.86
CA PRO A 66 -1.47 -7.08 6.94
C PRO A 66 -1.52 -6.37 8.28
N ASN A 67 -0.58 -6.72 9.14
CA ASN A 67 -0.51 -6.13 10.47
C ASN A 67 0.75 -5.28 10.57
N ASP A 68 1.47 -5.21 9.46
CA ASP A 68 2.70 -4.43 9.41
C ASP A 68 2.35 -2.94 9.31
N LEU A 69 2.66 -2.22 10.37
CA LEU A 69 2.39 -0.79 10.42
C LEU A 69 2.89 -0.14 9.13
N VAL A 70 2.03 0.66 8.53
CA VAL A 70 2.36 1.34 7.30
C VAL A 70 2.90 2.73 7.62
N ILE A 71 3.43 2.86 8.83
CA ILE A 71 4.00 4.13 9.27
C ILE A 71 5.39 3.89 9.86
N SER A 72 5.39 3.32 11.06
CA SER A 72 6.64 3.04 11.75
C SER A 72 7.57 2.24 10.83
N LYS A 73 8.83 2.20 11.22
CA LYS A 73 9.83 1.47 10.44
C LYS A 73 10.96 1.01 11.37
N SER A 74 10.70 -0.09 12.06
CA SER A 74 11.68 -0.65 12.98
C SER A 74 13.06 -0.69 12.32
N LEU A 75 13.14 -1.45 11.24
CA LEU A 75 14.39 -1.57 10.51
C LEU A 75 14.13 -2.24 9.17
N GLU A 76 13.19 -1.68 8.43
CA GLU A 76 12.83 -2.22 7.13
C GLU A 76 12.94 -1.14 6.05
N ALA A 77 12.43 0.04 6.38
CA ALA A 77 12.47 1.17 5.47
C ALA A 77 11.72 0.79 4.18
N SER A 78 11.81 1.68 3.21
CA SER A 78 11.16 1.46 1.93
C SER A 78 11.05 2.78 1.16
N GLY A 79 10.17 3.65 1.65
CA GLY A 79 9.97 4.95 1.03
C GLY A 79 8.52 5.11 0.59
N ARG A 80 7.98 4.05 0.02
CA ARG A 80 6.60 4.07 -0.45
C ARG A 80 6.05 2.65 -0.54
N ILE A 81 4.80 2.49 -0.12
CA ILE A 81 4.15 1.20 -0.15
C ILE A 81 3.50 1.00 -1.51
N TYR A 82 3.25 -0.27 -1.84
CA TYR A 82 2.63 -0.61 -3.11
C TYR A 82 1.62 -1.76 -2.94
N VAL A 83 0.54 -1.66 -3.68
CA VAL A 83 -0.51 -2.68 -3.61
C VAL A 83 -0.53 -3.45 -4.94
N TYR A 84 -0.97 -4.69 -4.84
CA TYR A 84 -1.05 -5.55 -6.02
C TYR A 84 -2.11 -6.63 -5.84
N ARG A 85 -2.28 -7.43 -6.87
CA ARG A 85 -3.27 -8.50 -6.85
C ARG A 85 -2.59 -9.84 -6.54
N LYS A 86 -2.99 -10.42 -5.42
CA LYS A 86 -2.43 -11.69 -4.99
C LYS A 86 -2.68 -12.74 -6.07
N ASP A 87 -1.61 -13.41 -6.47
CA ASP A 87 -1.70 -14.45 -7.49
C ASP A 87 -0.30 -14.96 -7.82
N LEU A 88 0.57 -14.02 -8.16
CA LEU A 88 1.94 -14.36 -8.51
C LEU A 88 2.66 -14.85 -7.25
N ALA A 89 2.50 -16.13 -6.95
CA ALA A 89 3.13 -16.72 -5.79
C ALA A 89 3.08 -15.72 -4.62
N ASP A 90 4.01 -15.89 -3.70
CA ASP A 90 4.08 -15.02 -2.54
C ASP A 90 4.21 -13.56 -3.00
N THR A 91 5.39 -13.24 -3.49
CA THR A 91 5.66 -11.89 -3.97
C THR A 91 4.46 -11.36 -4.78
N LEU A 92 4.44 -10.05 -4.96
CA LEU A 92 3.36 -9.42 -5.70
C LEU A 92 3.91 -8.88 -7.02
N ASN A 93 3.06 -8.12 -7.71
CA ASN A 93 3.46 -7.55 -8.98
C ASN A 93 2.50 -6.39 -9.32
N PRO A 94 3.03 -5.42 -10.11
CA PRO A 94 2.26 -4.27 -10.51
C PRO A 94 1.25 -4.64 -11.60
N PHE A 95 0.01 -4.19 -11.40
CA PHE A 95 -1.05 -4.48 -12.35
C PHE A 95 -0.64 -4.05 -13.77
N ALA A 96 -1.54 -4.32 -14.70
CA ALA A 96 -1.29 -3.97 -16.10
C ALA A 96 -2.09 -2.72 -16.45
N GLU A 97 -1.40 -1.76 -17.05
CA GLU A 97 -2.03 -0.52 -17.45
C GLU A 97 -3.24 -0.80 -18.35
N ASN A 98 -4.04 0.24 -18.54
CA ASN A 98 -5.23 0.11 -19.38
C ASN A 98 -6.13 -0.97 -18.81
N SER A 99 -7.39 -0.92 -19.20
CA SER A 99 -8.38 -1.89 -18.73
C SER A 99 -8.50 -1.82 -17.22
N GLY A 100 -9.72 -1.62 -16.76
CA GLY A 100 -9.99 -1.53 -15.33
C GLY A 100 -11.39 -0.97 -15.06
N PRO A 101 -11.88 -1.24 -13.83
CA PRO A 101 -13.20 -0.77 -13.43
C PRO A 101 -13.18 0.74 -13.15
N SER A 102 -13.64 1.50 -14.14
CA SER A 102 -13.68 2.95 -14.01
C SER A 102 -12.27 3.53 -14.21
N SER A 103 -11.36 3.10 -13.35
CA SER A 103 -9.99 3.57 -13.42
C SER A 103 -9.34 3.07 -14.70
N GLY A 104 -9.36 3.93 -15.71
CA GLY A 104 -8.77 3.59 -16.99
C GLY A 104 -9.79 3.73 -18.13
#